data_2NAA
#
_entry.id   2NAA
#
loop_
_entity.id
_entity.type
_entity.pdbx_description
1 polymer 'Histone-lysine N-methyltransferase, H3 lysine-36 and H4 lysine-20 specific'
2 non-polymer 'ZINC ION'
#
_entity_poly.entity_id   1
_entity_poly.type   'polypeptide(L)'
_entity_poly.pdbx_seq_one_letter_code
;GAMEREDECFSCGDAGQLVSCKKPGCPKVYHADCLNLTKRPAGKWECPWHQCDVCGKEAASFCEMCPSSFCKQHREGMLF
ISKLDGRLSCTEHD
;
_entity_poly.pdbx_strand_id   A
#
# COMPACT_ATOMS: atom_id res chain seq x y z
N GLY A 1 -3.49 3.19 -12.32
CA GLY A 1 -3.55 4.56 -11.79
C GLY A 1 -4.67 5.35 -12.41
N ALA A 2 -4.85 6.59 -11.96
CA ALA A 2 -5.87 7.47 -12.52
C ALA A 2 -5.27 8.84 -12.83
N MET A 3 -3.95 8.87 -12.89
CA MET A 3 -3.20 10.10 -13.14
C MET A 3 -1.82 9.73 -13.64
N GLU A 4 -1.19 8.81 -12.93
CA GLU A 4 0.10 8.28 -13.31
C GLU A 4 0.23 6.85 -12.79
N ARG A 5 1.29 6.18 -13.19
CA ARG A 5 1.50 4.80 -12.78
C ARG A 5 2.99 4.49 -12.71
N GLU A 6 3.54 4.57 -11.50
CA GLU A 6 4.95 4.26 -11.29
C GLU A 6 5.25 2.82 -11.69
N ASP A 7 6.46 2.56 -12.16
CA ASP A 7 6.81 1.26 -12.68
C ASP A 7 7.65 0.46 -11.71
N GLU A 8 7.18 0.38 -10.48
CA GLU A 8 7.85 -0.40 -9.45
C GLU A 8 6.83 -0.87 -8.42
N CYS A 9 7.05 -2.04 -7.86
CA CYS A 9 6.14 -2.60 -6.88
C CYS A 9 6.44 -2.03 -5.50
N PHE A 10 5.48 -1.32 -4.94
CA PHE A 10 5.67 -0.68 -3.65
C PHE A 10 5.82 -1.72 -2.53
N SER A 11 5.38 -2.94 -2.80
CA SER A 11 5.51 -4.02 -1.82
C SER A 11 6.95 -4.56 -1.79
N CYS A 12 7.51 -4.78 -2.97
CA CYS A 12 8.79 -5.47 -3.07
C CYS A 12 9.96 -4.52 -3.30
N GLY A 13 9.67 -3.38 -3.92
CA GLY A 13 10.72 -2.47 -4.32
C GLY A 13 11.33 -2.89 -5.65
N ASP A 14 10.66 -3.82 -6.32
CA ASP A 14 11.13 -4.36 -7.58
C ASP A 14 10.10 -4.14 -8.67
N ALA A 15 10.55 -4.13 -9.91
CA ALA A 15 9.67 -3.99 -11.05
C ALA A 15 9.48 -5.34 -11.74
N GLY A 16 8.39 -5.49 -12.46
CA GLY A 16 8.08 -6.76 -13.09
C GLY A 16 6.65 -6.83 -13.58
N GLN A 17 6.02 -7.99 -13.41
CA GLN A 17 4.62 -8.15 -13.81
C GLN A 17 3.71 -7.44 -12.83
N LEU A 18 3.40 -6.19 -13.14
CA LEU A 18 2.71 -5.32 -12.19
C LEU A 18 1.25 -5.11 -12.56
N VAL A 19 0.42 -5.02 -11.54
CA VAL A 19 -0.99 -4.68 -11.69
C VAL A 19 -1.25 -3.37 -10.94
N SER A 20 -1.87 -2.41 -11.61
CA SER A 20 -2.01 -1.08 -11.05
C SER A 20 -3.38 -0.88 -10.41
N CYS A 21 -3.40 0.03 -9.43
CA CYS A 21 -4.60 0.36 -8.69
C CYS A 21 -5.50 1.25 -9.55
N LYS A 22 -6.79 0.98 -9.56
CA LYS A 22 -7.71 1.72 -10.42
C LYS A 22 -8.55 2.70 -9.60
N LYS A 23 -7.93 3.24 -8.56
CA LYS A 23 -8.58 4.20 -7.69
C LYS A 23 -7.85 5.54 -7.76
N PRO A 24 -8.61 6.65 -7.89
CA PRO A 24 -8.02 8.00 -8.01
C PRO A 24 -7.19 8.37 -6.79
N GLY A 25 -6.01 8.94 -7.05
CA GLY A 25 -5.12 9.31 -5.97
C GLY A 25 -4.05 8.25 -5.72
N CYS A 26 -4.12 7.15 -6.45
CA CYS A 26 -3.17 6.06 -6.27
C CYS A 26 -2.33 5.87 -7.52
N PRO A 27 -1.05 6.29 -7.48
CA PRO A 27 -0.12 6.13 -8.59
C PRO A 27 0.73 4.87 -8.45
N LYS A 28 0.37 4.03 -7.48
CA LYS A 28 1.20 2.88 -7.12
C LYS A 28 0.81 1.64 -7.91
N VAL A 29 1.76 0.72 -8.00
CA VAL A 29 1.56 -0.53 -8.72
C VAL A 29 2.23 -1.68 -7.93
N TYR A 30 1.74 -2.89 -8.12
CA TYR A 30 2.18 -4.04 -7.31
C TYR A 30 2.20 -5.30 -8.14
N HIS A 31 2.80 -6.36 -7.63
CA HIS A 31 2.73 -7.67 -8.28
C HIS A 31 1.52 -8.40 -7.72
N ALA A 32 0.82 -9.12 -8.58
CA ALA A 32 -0.31 -9.90 -8.16
C ALA A 32 0.12 -11.02 -7.22
N ASP A 33 1.34 -11.50 -7.43
CA ASP A 33 1.89 -12.60 -6.63
C ASP A 33 2.11 -12.19 -5.18
N CYS A 34 2.74 -11.04 -4.96
CA CYS A 34 3.07 -10.60 -3.60
C CYS A 34 1.80 -10.17 -2.86
N LEU A 35 0.77 -9.85 -3.62
CA LEU A 35 -0.51 -9.44 -3.05
C LEU A 35 -1.39 -10.65 -2.75
N ASN A 36 -0.91 -11.83 -3.14
CA ASN A 36 -1.64 -13.09 -2.96
C ASN A 36 -2.93 -13.08 -3.77
N LEU A 37 -2.86 -12.48 -4.96
CA LEU A 37 -4.01 -12.39 -5.84
C LEU A 37 -4.14 -13.67 -6.67
N THR A 38 -4.58 -14.74 -6.03
CA THR A 38 -4.88 -15.97 -6.74
C THR A 38 -6.07 -15.77 -7.67
N LYS A 39 -7.06 -15.03 -7.17
CA LYS A 39 -8.19 -14.62 -7.98
C LYS A 39 -7.85 -13.34 -8.73
N ARG A 40 -8.09 -13.32 -10.03
CA ARG A 40 -7.80 -12.14 -10.82
C ARG A 40 -8.91 -11.10 -10.64
N PRO A 41 -8.59 -9.95 -10.03
CA PRO A 41 -9.56 -8.86 -9.84
C PRO A 41 -10.17 -8.38 -11.15
N ALA A 42 -11.48 -8.26 -11.17
CA ALA A 42 -12.18 -7.81 -12.35
C ALA A 42 -12.78 -6.43 -12.13
N GLY A 43 -12.51 -5.50 -13.05
CA GLY A 43 -13.03 -4.15 -12.92
C GLY A 43 -12.20 -3.32 -11.98
N LYS A 44 -12.86 -2.46 -11.21
CA LYS A 44 -12.18 -1.59 -10.27
C LYS A 44 -11.55 -2.39 -9.15
N TRP A 45 -10.23 -2.37 -9.09
CA TRP A 45 -9.49 -3.01 -8.02
C TRP A 45 -8.80 -1.98 -7.15
N GLU A 46 -8.99 -2.10 -5.85
CA GLU A 46 -8.35 -1.23 -4.89
C GLU A 46 -7.21 -1.97 -4.19
N CYS A 47 -6.02 -1.39 -4.19
CA CYS A 47 -4.86 -2.01 -3.58
C CYS A 47 -5.04 -2.11 -2.06
N PRO A 48 -4.46 -3.15 -1.43
CA PRO A 48 -4.55 -3.37 0.02
C PRO A 48 -3.81 -2.30 0.82
N TRP A 49 -3.19 -1.37 0.11
CA TRP A 49 -2.56 -0.21 0.73
C TRP A 49 -3.64 0.82 1.10
N HIS A 50 -4.89 0.45 0.85
CA HIS A 50 -6.04 1.23 1.30
C HIS A 50 -6.76 0.48 2.41
N GLN A 51 -6.19 -0.64 2.83
CA GLN A 51 -6.82 -1.51 3.82
C GLN A 51 -5.93 -1.63 5.05
N CYS A 52 -6.56 -1.61 6.21
CA CYS A 52 -5.85 -1.71 7.46
C CYS A 52 -5.22 -3.09 7.62
N ASP A 53 -3.89 -3.10 7.77
CA ASP A 53 -3.13 -4.34 7.89
C ASP A 53 -3.60 -5.15 9.10
N VAL A 54 -4.21 -4.47 10.07
CA VAL A 54 -4.63 -5.12 11.30
C VAL A 54 -6.03 -5.73 11.19
N CYS A 55 -7.02 -4.92 10.76
CA CYS A 55 -8.39 -5.39 10.79
C CYS A 55 -9.00 -5.58 9.39
N GLY A 56 -8.29 -5.15 8.35
CA GLY A 56 -8.77 -5.34 6.99
C GLY A 56 -9.80 -4.31 6.57
N LYS A 57 -10.14 -3.39 7.47
CA LYS A 57 -11.10 -2.33 7.14
C LYS A 57 -10.39 -1.20 6.39
N GLU A 58 -11.15 -0.18 6.00
CA GLU A 58 -10.59 0.92 5.23
C GLU A 58 -9.54 1.67 6.06
N ALA A 59 -8.39 1.88 5.45
CA ALA A 59 -7.29 2.56 6.10
C ALA A 59 -7.44 4.07 6.01
N ALA A 60 -6.96 4.78 7.01
CA ALA A 60 -6.99 6.22 7.03
C ALA A 60 -5.58 6.79 6.91
N SER A 61 -4.61 6.04 7.42
CA SER A 61 -3.21 6.42 7.30
C SER A 61 -2.46 5.37 6.49
N PHE A 62 -1.44 5.81 5.76
CA PHE A 62 -0.74 4.93 4.84
C PHE A 62 0.75 4.93 5.15
N CYS A 63 1.29 3.77 5.53
CA CYS A 63 2.72 3.65 5.74
C CYS A 63 3.43 3.80 4.42
N GLU A 64 4.42 4.68 4.37
CA GLU A 64 5.08 5.03 3.12
C GLU A 64 6.25 4.09 2.84
N MET A 65 6.35 2.99 3.56
CA MET A 65 7.42 2.03 3.32
C MET A 65 6.90 0.61 3.17
N CYS A 66 5.59 0.42 3.23
CA CYS A 66 5.00 -0.91 3.08
C CYS A 66 3.51 -0.81 2.81
N PRO A 67 2.90 -1.85 2.21
CA PRO A 67 1.46 -1.90 1.93
C PRO A 67 0.62 -2.08 3.20
N SER A 68 1.25 -1.94 4.35
CA SER A 68 0.54 -2.05 5.62
C SER A 68 0.03 -0.68 6.06
N SER A 69 -1.17 -0.36 5.60
CA SER A 69 -1.84 0.86 6.01
C SER A 69 -2.73 0.57 7.22
N PHE A 70 -3.18 1.60 7.93
CA PHE A 70 -3.93 1.37 9.15
C PHE A 70 -5.19 2.23 9.20
N CYS A 71 -6.22 1.71 9.87
CA CYS A 71 -7.46 2.44 10.07
C CYS A 71 -7.28 3.47 11.17
N LYS A 72 -8.30 4.27 11.43
CA LYS A 72 -8.21 5.32 12.45
C LYS A 72 -7.90 4.72 13.82
N GLN A 73 -8.35 3.50 14.06
CA GLN A 73 -8.14 2.84 15.34
C GLN A 73 -6.75 2.23 15.45
N HIS A 74 -6.29 1.60 14.39
CA HIS A 74 -5.04 0.85 14.44
C HIS A 74 -3.85 1.64 13.90
N ARG A 75 -4.03 2.95 13.77
CA ARG A 75 -2.93 3.80 13.33
C ARG A 75 -2.22 4.42 14.52
N GLU A 76 -2.95 4.61 15.61
CA GLU A 76 -2.40 5.26 16.79
C GLU A 76 -1.32 4.40 17.42
N GLY A 77 -0.13 4.97 17.56
CA GLY A 77 0.98 4.25 18.16
C GLY A 77 1.63 3.25 17.22
N MET A 78 0.96 2.96 16.11
CA MET A 78 1.46 1.96 15.15
C MET A 78 2.19 2.64 14.00
N LEU A 79 1.74 3.82 13.62
CA LEU A 79 2.37 4.57 12.55
C LEU A 79 2.97 5.87 13.11
N PHE A 80 4.13 6.26 12.60
CA PHE A 80 4.79 7.48 13.03
C PHE A 80 5.60 8.06 11.86
N ILE A 81 6.02 9.31 12.00
CA ILE A 81 6.83 9.94 10.97
C ILE A 81 8.30 9.59 11.16
N SER A 82 8.91 9.06 10.10
CA SER A 82 10.31 8.73 10.11
C SER A 82 11.14 10.00 10.06
N LYS A 83 12.00 10.18 11.05
CA LYS A 83 12.80 11.40 11.14
C LYS A 83 13.90 11.41 10.09
N LEU A 84 14.05 10.28 9.41
CA LEU A 84 15.06 10.14 8.38
C LEU A 84 14.68 10.93 7.13
N ASP A 85 13.44 10.79 6.70
CA ASP A 85 13.01 11.37 5.43
C ASP A 85 11.65 12.08 5.53
N GLY A 86 11.00 11.96 6.68
CA GLY A 86 9.68 12.54 6.85
C GLY A 86 8.57 11.66 6.31
N ARG A 87 8.89 10.40 6.08
CA ARG A 87 7.92 9.44 5.55
C ARG A 87 7.24 8.69 6.70
N LEU A 88 5.96 8.39 6.54
CA LEU A 88 5.25 7.61 7.53
C LEU A 88 5.81 6.20 7.59
N SER A 89 6.24 5.81 8.78
CA SER A 89 6.83 4.50 8.99
C SER A 89 6.12 3.78 10.12
N CYS A 90 5.82 2.51 9.93
CA CYS A 90 5.17 1.72 10.95
C CYS A 90 6.22 1.11 11.88
N THR A 91 5.77 0.56 13.00
CA THR A 91 6.66 0.01 14.02
C THR A 91 7.40 -1.24 13.52
N GLU A 92 6.99 -1.75 12.36
CA GLU A 92 7.52 -3.00 11.85
C GLU A 92 8.66 -2.75 10.87
N HIS A 93 9.31 -1.60 11.00
CA HIS A 93 10.41 -1.25 10.10
C HIS A 93 11.68 -0.99 10.88
N ASP A 94 12.04 -1.92 11.75
CA ASP A 94 13.27 -1.80 12.52
C ASP A 94 14.46 -2.17 11.66
N GLY A 1 -3.25 11.22 -18.20
CA GLY A 1 -3.14 9.77 -17.94
C GLY A 1 -1.81 9.21 -18.42
N ALA A 2 -1.69 7.88 -18.37
CA ALA A 2 -0.49 7.17 -18.83
C ALA A 2 0.70 7.40 -17.89
N MET A 3 0.44 8.05 -16.76
CA MET A 3 1.47 8.27 -15.75
C MET A 3 0.86 8.08 -14.37
N GLU A 4 -0.22 7.30 -14.33
CA GLU A 4 -0.95 7.05 -13.10
C GLU A 4 -0.48 5.74 -12.48
N ARG A 5 0.48 5.12 -13.13
CA ARG A 5 1.03 3.85 -12.69
C ARG A 5 2.52 3.99 -12.45
N GLU A 6 2.96 3.79 -11.22
CA GLU A 6 4.38 3.74 -10.91
C GLU A 6 4.96 2.47 -11.54
N ASP A 7 6.27 2.42 -11.69
CA ASP A 7 6.90 1.29 -12.38
C ASP A 7 7.75 0.45 -11.45
N GLU A 8 7.28 0.27 -10.23
CA GLU A 8 7.96 -0.56 -9.26
C GLU A 8 6.96 -1.03 -8.21
N CYS A 9 7.16 -2.24 -7.71
CA CYS A 9 6.24 -2.81 -6.74
C CYS A 9 6.58 -2.30 -5.35
N PHE A 10 5.62 -1.64 -4.74
CA PHE A 10 5.83 -1.03 -3.43
C PHE A 10 5.94 -2.10 -2.34
N SER A 11 5.44 -3.29 -2.63
CA SER A 11 5.51 -4.40 -1.70
C SER A 11 6.90 -5.04 -1.71
N CYS A 12 7.50 -5.15 -2.88
CA CYS A 12 8.75 -5.91 -3.03
C CYS A 12 9.96 -5.00 -3.23
N GLY A 13 9.73 -3.82 -3.79
CA GLY A 13 10.85 -2.96 -4.15
C GLY A 13 11.44 -3.37 -5.49
N ASP A 14 10.74 -4.26 -6.17
CA ASP A 14 11.19 -4.79 -7.44
C ASP A 14 10.20 -4.46 -8.54
N ALA A 15 10.66 -4.50 -9.79
CA ALA A 15 9.81 -4.20 -10.92
C ALA A 15 9.62 -5.44 -11.80
N GLY A 16 8.54 -5.46 -12.56
CA GLY A 16 8.24 -6.61 -13.38
C GLY A 16 6.78 -6.62 -13.80
N GLN A 17 6.11 -7.74 -13.58
CA GLN A 17 4.70 -7.88 -13.93
C GLN A 17 3.84 -7.16 -12.88
N LEU A 18 3.49 -5.92 -13.17
CA LEU A 18 2.79 -5.09 -12.19
C LEU A 18 1.33 -4.87 -12.54
N VAL A 19 0.50 -4.82 -11.52
CA VAL A 19 -0.91 -4.48 -11.65
C VAL A 19 -1.19 -3.25 -10.80
N SER A 20 -1.83 -2.25 -11.39
CA SER A 20 -2.00 -0.96 -10.73
C SER A 20 -3.37 -0.83 -10.09
N CYS A 21 -3.45 0.06 -9.12
CA CYS A 21 -4.68 0.33 -8.40
C CYS A 21 -5.69 0.99 -9.33
N LYS A 22 -6.96 0.62 -9.18
CA LYS A 22 -8.00 1.16 -10.04
C LYS A 22 -8.67 2.35 -9.38
N LYS A 23 -7.89 3.12 -8.64
CA LYS A 23 -8.37 4.35 -8.02
C LYS A 23 -7.58 5.54 -8.55
N PRO A 24 -8.25 6.50 -9.21
CA PRO A 24 -7.62 7.73 -9.67
C PRO A 24 -6.94 8.46 -8.51
N GLY A 25 -5.69 8.86 -8.72
CA GLY A 25 -4.95 9.53 -7.66
C GLY A 25 -3.97 8.60 -6.98
N CYS A 26 -4.27 7.30 -7.00
CA CYS A 26 -3.40 6.30 -6.39
C CYS A 26 -2.47 5.74 -7.46
N PRO A 27 -1.20 6.16 -7.46
CA PRO A 27 -0.24 5.78 -8.49
C PRO A 27 0.55 4.52 -8.17
N LYS A 28 0.21 3.87 -7.06
CA LYS A 28 0.99 2.75 -6.58
C LYS A 28 0.66 1.46 -7.33
N VAL A 29 1.68 0.63 -7.51
CA VAL A 29 1.55 -0.57 -8.32
C VAL A 29 2.23 -1.75 -7.61
N TYR A 30 1.77 -2.97 -7.89
CA TYR A 30 2.22 -4.16 -7.18
C TYR A 30 2.21 -5.36 -8.12
N HIS A 31 2.81 -6.45 -7.71
CA HIS A 31 2.73 -7.70 -8.47
C HIS A 31 1.50 -8.45 -8.02
N ALA A 32 0.76 -9.01 -8.96
CA ALA A 32 -0.38 -9.84 -8.65
C ALA A 32 0.04 -11.05 -7.83
N ASP A 33 1.27 -11.50 -8.08
CA ASP A 33 1.82 -12.67 -7.39
C ASP A 33 2.03 -12.42 -5.90
N CYS A 34 2.67 -11.31 -5.55
CA CYS A 34 2.95 -11.01 -4.14
C CYS A 34 1.67 -10.63 -3.42
N LEU A 35 0.67 -10.24 -4.19
CA LEU A 35 -0.64 -9.93 -3.63
C LEU A 35 -1.50 -11.19 -3.50
N ASN A 36 -0.96 -12.29 -4.03
CA ASN A 36 -1.66 -13.58 -4.02
C ASN A 36 -2.99 -13.49 -4.76
N LEU A 37 -3.01 -12.73 -5.84
CA LEU A 37 -4.21 -12.55 -6.63
C LEU A 37 -4.41 -13.72 -7.58
N THR A 38 -4.89 -14.83 -7.03
CA THR A 38 -5.28 -15.97 -7.85
C THR A 38 -6.54 -15.62 -8.64
N LYS A 39 -7.29 -14.66 -8.12
CA LYS A 39 -8.45 -14.13 -8.81
C LYS A 39 -8.14 -12.73 -9.32
N ARG A 40 -8.05 -12.57 -10.63
CA ARG A 40 -7.74 -11.27 -11.20
C ARG A 40 -9.01 -10.42 -11.31
N PRO A 41 -9.07 -9.32 -10.55
CA PRO A 41 -10.26 -8.47 -10.48
C PRO A 41 -10.41 -7.55 -11.68
N ALA A 42 -11.65 -7.35 -12.11
CA ALA A 42 -11.94 -6.48 -13.23
C ALA A 42 -12.87 -5.36 -12.79
N GLY A 43 -12.57 -4.14 -13.22
CA GLY A 43 -13.38 -3.00 -12.84
C GLY A 43 -12.72 -2.20 -11.74
N LYS A 44 -13.38 -2.12 -10.60
CA LYS A 44 -12.82 -1.41 -9.46
C LYS A 44 -12.07 -2.36 -8.54
N TRP A 45 -10.75 -2.24 -8.57
CA TRP A 45 -9.90 -2.96 -7.64
C TRP A 45 -9.21 -1.99 -6.70
N GLU A 46 -9.33 -2.24 -5.41
CA GLU A 46 -8.71 -1.41 -4.40
C GLU A 46 -7.40 -2.04 -3.93
N CYS A 47 -6.31 -1.30 -3.98
CA CYS A 47 -5.04 -1.80 -3.49
C CYS A 47 -5.10 -1.94 -1.98
N PRO A 48 -4.45 -2.97 -1.42
CA PRO A 48 -4.44 -3.25 0.04
C PRO A 48 -3.81 -2.12 0.85
N TRP A 49 -3.27 -1.14 0.13
CA TRP A 49 -2.66 0.03 0.75
C TRP A 49 -3.75 0.97 1.27
N HIS A 50 -4.99 0.73 0.85
CA HIS A 50 -6.13 1.47 1.39
C HIS A 50 -6.81 0.66 2.49
N GLN A 51 -6.26 -0.50 2.79
CA GLN A 51 -6.88 -1.41 3.75
C GLN A 51 -6.01 -1.59 4.97
N CYS A 52 -6.64 -1.57 6.13
CA CYS A 52 -5.94 -1.74 7.38
C CYS A 52 -5.44 -3.18 7.50
N ASP A 53 -4.14 -3.33 7.70
CA ASP A 53 -3.53 -4.64 7.80
C ASP A 53 -4.03 -5.41 9.02
N VAL A 54 -4.64 -4.68 9.95
CA VAL A 54 -5.16 -5.30 11.16
C VAL A 54 -6.60 -5.76 10.99
N CYS A 55 -7.50 -4.83 10.68
CA CYS A 55 -8.93 -5.15 10.68
C CYS A 55 -9.50 -5.28 9.27
N GLY A 56 -8.72 -4.89 8.26
CA GLY A 56 -9.20 -5.00 6.89
C GLY A 56 -10.09 -3.83 6.48
N LYS A 57 -10.42 -2.97 7.43
CA LYS A 57 -11.28 -1.82 7.13
C LYS A 57 -10.48 -0.72 6.44
N GLU A 58 -11.13 0.40 6.16
CA GLU A 58 -10.50 1.52 5.47
C GLU A 58 -9.29 2.03 6.25
N ALA A 59 -8.17 2.14 5.57
CA ALA A 59 -6.97 2.70 6.16
C ALA A 59 -6.99 4.21 6.04
N ALA A 60 -6.66 4.90 7.12
CA ALA A 60 -6.64 6.36 7.12
C ALA A 60 -5.22 6.86 6.90
N SER A 61 -4.26 6.08 7.35
CA SER A 61 -2.87 6.43 7.17
C SER A 61 -2.12 5.23 6.62
N PHE A 62 -1.23 5.49 5.66
CA PHE A 62 -0.57 4.43 4.92
C PHE A 62 0.93 4.50 5.15
N CYS A 63 1.58 3.37 5.43
CA CYS A 63 3.03 3.38 5.57
C CYS A 63 3.65 3.66 4.21
N GLU A 64 4.50 4.67 4.16
CA GLU A 64 5.11 5.09 2.91
C GLU A 64 6.40 4.31 2.65
N MET A 65 6.63 3.27 3.44
CA MET A 65 7.80 2.42 3.27
C MET A 65 7.41 0.97 3.01
N CYS A 66 6.12 0.65 3.20
CA CYS A 66 5.64 -0.71 3.00
C CYS A 66 4.11 -0.70 3.00
N PRO A 67 3.47 -1.76 2.45
CA PRO A 67 2.01 -1.84 2.34
C PRO A 67 1.27 -2.02 3.67
N SER A 68 1.95 -1.78 4.79
CA SER A 68 1.30 -1.83 6.09
C SER A 68 0.50 -0.56 6.35
N SER A 69 -0.73 -0.56 5.87
CA SER A 69 -1.65 0.55 6.08
C SER A 69 -2.57 0.26 7.27
N PHE A 70 -2.99 1.31 7.98
CA PHE A 70 -3.81 1.12 9.17
C PHE A 70 -4.95 2.13 9.22
N CYS A 71 -6.04 1.73 9.86
CA CYS A 71 -7.20 2.60 10.03
C CYS A 71 -6.94 3.62 11.14
N LYS A 72 -7.89 4.52 11.37
CA LYS A 72 -7.75 5.53 12.41
C LYS A 72 -7.41 4.91 13.76
N GLN A 73 -8.08 3.80 14.06
CA GLN A 73 -7.94 3.14 15.34
C GLN A 73 -6.59 2.43 15.47
N HIS A 74 -6.24 1.66 14.44
CA HIS A 74 -5.07 0.80 14.52
C HIS A 74 -3.79 1.47 14.04
N ARG A 75 -3.87 2.76 13.70
CA ARG A 75 -2.69 3.49 13.29
C ARG A 75 -1.95 4.05 14.49
N GLU A 76 -2.68 4.26 15.57
CA GLU A 76 -2.07 4.77 16.80
C GLU A 76 -1.13 3.72 17.38
N GLY A 77 0.12 4.11 17.58
CA GLY A 77 1.11 3.19 18.10
C GLY A 77 1.74 2.32 17.03
N MET A 78 1.14 2.31 15.84
CA MET A 78 1.64 1.48 14.74
C MET A 78 2.30 2.30 13.64
N LEU A 79 1.74 3.45 13.34
CA LEU A 79 2.27 4.30 12.29
C LEU A 79 2.58 5.68 12.84
N PHE A 80 3.69 6.27 12.38
CA PHE A 80 4.09 7.60 12.79
C PHE A 80 4.87 8.29 11.68
N ILE A 81 5.06 9.59 11.80
CA ILE A 81 5.85 10.34 10.83
C ILE A 81 7.33 10.19 11.11
N SER A 82 8.09 9.82 10.08
CA SER A 82 9.52 9.72 10.17
C SER A 82 10.14 11.09 10.42
N LYS A 83 10.87 11.23 11.50
CA LYS A 83 11.51 12.49 11.83
C LYS A 83 12.66 12.75 10.87
N LEU A 84 13.12 11.70 10.20
CA LEU A 84 14.19 11.80 9.23
C LEU A 84 13.66 12.18 7.85
N ASP A 85 12.74 11.36 7.33
CA ASP A 85 12.28 11.53 5.95
C ASP A 85 10.97 12.29 5.86
N GLY A 86 10.23 12.32 6.96
CA GLY A 86 8.91 12.94 6.97
C GLY A 86 7.85 12.01 6.44
N ARG A 87 8.27 10.81 6.07
CA ARG A 87 7.37 9.80 5.53
C ARG A 87 6.69 9.05 6.66
N LEU A 88 5.45 8.62 6.43
CA LEU A 88 4.76 7.77 7.38
C LEU A 88 5.45 6.41 7.45
N SER A 89 5.99 6.09 8.61
CA SER A 89 6.74 4.86 8.79
C SER A 89 6.14 4.03 9.93
N CYS A 90 6.00 2.74 9.69
CA CYS A 90 5.37 1.86 10.66
C CYS A 90 6.40 1.27 11.62
N THR A 91 5.91 0.62 12.67
CA THR A 91 6.75 0.05 13.71
C THR A 91 7.38 -1.27 13.28
N GLU A 92 7.09 -1.71 12.06
CA GLU A 92 7.70 -2.92 11.51
C GLU A 92 9.04 -2.59 10.87
N HIS A 93 9.49 -1.35 11.07
CA HIS A 93 10.76 -0.91 10.53
C HIS A 93 11.67 -0.46 11.67
N ASP A 94 11.82 -1.33 12.66
CA ASP A 94 12.67 -1.04 13.81
C ASP A 94 13.38 -2.31 14.26
N GLY A 1 -2.70 14.10 -12.89
CA GLY A 1 -3.31 13.91 -11.56
C GLY A 1 -2.89 12.61 -10.94
N ALA A 2 -3.29 12.38 -9.69
CA ALA A 2 -2.91 11.19 -8.96
C ALA A 2 -3.72 9.97 -9.43
N MET A 3 -3.44 9.51 -10.64
CA MET A 3 -4.08 8.32 -11.17
C MET A 3 -3.16 7.67 -12.20
N GLU A 4 -1.89 8.00 -12.11
CA GLU A 4 -0.90 7.50 -13.06
C GLU A 4 -0.33 6.17 -12.58
N ARG A 5 -0.44 5.16 -13.42
CA ARG A 5 0.10 3.85 -13.09
C ARG A 5 1.63 3.88 -12.99
N GLU A 6 2.15 3.41 -11.88
CA GLU A 6 3.58 3.24 -11.73
C GLU A 6 3.99 1.92 -12.39
N ASP A 7 5.24 1.82 -12.79
CA ASP A 7 5.72 0.58 -13.40
C ASP A 7 6.91 0.02 -12.63
N GLU A 8 6.81 0.08 -11.32
CA GLU A 8 7.79 -0.50 -10.42
C GLU A 8 7.12 -0.79 -9.08
N CYS A 9 7.46 -1.92 -8.47
CA CYS A 9 6.76 -2.36 -7.27
C CYS A 9 7.33 -1.68 -6.04
N PHE A 10 6.47 -0.99 -5.32
CA PHE A 10 6.88 -0.28 -4.11
C PHE A 10 7.27 -1.27 -3.00
N SER A 11 6.74 -2.48 -3.08
CA SER A 11 7.02 -3.50 -2.08
C SER A 11 8.41 -4.12 -2.28
N CYS A 12 8.83 -4.25 -3.53
CA CYS A 12 10.04 -5.00 -3.84
C CYS A 12 11.13 -4.12 -4.45
N GLY A 13 10.73 -3.04 -5.11
CA GLY A 13 11.67 -2.19 -5.81
C GLY A 13 11.94 -2.69 -7.22
N ASP A 14 11.33 -3.81 -7.56
CA ASP A 14 11.52 -4.42 -8.87
C ASP A 14 10.27 -4.25 -9.73
N ALA A 15 10.42 -4.43 -11.03
CA ALA A 15 9.31 -4.31 -11.95
C ALA A 15 9.07 -5.63 -12.67
N GLY A 16 7.86 -5.82 -13.15
CA GLY A 16 7.49 -7.06 -13.79
C GLY A 16 5.99 -7.23 -13.88
N GLN A 17 5.47 -8.30 -13.31
CA GLN A 17 4.02 -8.52 -13.30
C GLN A 17 3.37 -7.66 -12.25
N LEU A 18 3.14 -6.41 -12.61
CA LEU A 18 2.58 -5.44 -11.68
C LEU A 18 1.09 -5.24 -11.92
N VAL A 19 0.33 -5.27 -10.85
CA VAL A 19 -1.09 -4.99 -10.91
C VAL A 19 -1.34 -3.60 -10.35
N SER A 20 -2.05 -2.79 -11.11
CA SER A 20 -2.21 -1.39 -10.77
C SER A 20 -3.58 -1.13 -10.14
N CYS A 21 -3.62 -0.09 -9.31
CA CYS A 21 -4.81 0.24 -8.54
C CYS A 21 -5.81 0.99 -9.43
N LYS A 22 -7.09 0.74 -9.22
CA LYS A 22 -8.15 1.41 -9.98
C LYS A 22 -8.92 2.36 -9.07
N LYS A 23 -8.24 2.90 -8.08
CA LYS A 23 -8.85 3.81 -7.13
C LYS A 23 -8.18 5.18 -7.24
N PRO A 24 -8.96 6.26 -7.34
CA PRO A 24 -8.43 7.62 -7.53
C PRO A 24 -7.54 8.06 -6.37
N GLY A 25 -6.39 8.63 -6.70
CA GLY A 25 -5.47 9.08 -5.68
C GLY A 25 -4.37 8.09 -5.42
N CYS A 26 -4.21 7.13 -6.32
CA CYS A 26 -3.23 6.08 -6.16
C CYS A 26 -2.38 5.92 -7.42
N PRO A 27 -1.13 6.40 -7.37
CA PRO A 27 -0.17 6.23 -8.45
C PRO A 27 0.81 5.09 -8.15
N LYS A 28 0.37 4.12 -7.36
CA LYS A 28 1.23 3.04 -6.90
C LYS A 28 0.89 1.74 -7.61
N VAL A 29 1.86 0.82 -7.67
CA VAL A 29 1.67 -0.47 -8.32
C VAL A 29 2.45 -1.54 -7.54
N TYR A 30 1.98 -2.78 -7.63
CA TYR A 30 2.57 -3.88 -6.85
C TYR A 30 2.50 -5.18 -7.65
N HIS A 31 3.22 -6.20 -7.17
CA HIS A 31 3.08 -7.54 -7.73
C HIS A 31 1.97 -8.26 -7.00
N ALA A 32 1.23 -9.08 -7.73
CA ALA A 32 0.19 -9.88 -7.12
C ALA A 32 0.78 -10.90 -6.16
N ASP A 33 1.99 -11.36 -6.48
CA ASP A 33 2.69 -12.35 -5.69
C ASP A 33 3.06 -11.82 -4.30
N CYS A 34 3.63 -10.61 -4.25
CA CYS A 34 4.12 -10.05 -2.99
C CYS A 34 2.97 -9.53 -2.13
N LEU A 35 1.81 -9.36 -2.76
CA LEU A 35 0.60 -8.99 -2.06
C LEU A 35 -0.15 -10.22 -1.57
N ASN A 36 0.36 -11.40 -1.95
CA ASN A 36 -0.22 -12.68 -1.58
C ASN A 36 -1.63 -12.84 -2.16
N LEU A 37 -1.84 -12.25 -3.34
CA LEU A 37 -3.13 -12.32 -4.00
C LEU A 37 -3.34 -13.70 -4.62
N THR A 38 -4.08 -14.54 -3.93
CA THR A 38 -4.39 -15.88 -4.40
C THR A 38 -5.27 -15.81 -5.65
N LYS A 39 -6.18 -14.84 -5.67
CA LYS A 39 -7.02 -14.59 -6.81
C LYS A 39 -6.56 -13.35 -7.55
N ARG A 40 -6.55 -13.41 -8.87
CA ARG A 40 -6.20 -12.27 -9.69
C ARG A 40 -7.36 -11.28 -9.72
N PRO A 41 -7.10 -10.01 -9.38
CA PRO A 41 -8.11 -8.97 -9.38
C PRO A 41 -8.47 -8.52 -10.79
N ALA A 42 -9.76 -8.35 -11.05
CA ALA A 42 -10.24 -7.95 -12.35
C ALA A 42 -11.15 -6.73 -12.24
N GLY A 43 -11.02 -5.80 -13.18
CA GLY A 43 -11.85 -4.62 -13.16
C GLY A 43 -11.32 -3.57 -12.22
N LYS A 44 -12.16 -3.10 -11.31
CA LYS A 44 -11.75 -2.12 -10.33
C LYS A 44 -11.13 -2.82 -9.12
N TRP A 45 -9.82 -2.67 -8.99
CA TRP A 45 -9.11 -3.23 -7.86
C TRP A 45 -8.63 -2.11 -6.94
N GLU A 46 -8.93 -2.26 -5.66
CA GLU A 46 -8.45 -1.32 -4.66
C GLU A 46 -7.31 -1.95 -3.87
N CYS A 47 -6.10 -1.40 -4.01
CA CYS A 47 -4.93 -1.99 -3.36
C CYS A 47 -5.10 -2.00 -1.84
N PRO A 48 -4.52 -3.02 -1.17
CA PRO A 48 -4.62 -3.17 0.29
C PRO A 48 -3.89 -2.06 1.04
N TRP A 49 -3.28 -1.16 0.28
CA TRP A 49 -2.61 0.00 0.85
C TRP A 49 -3.65 1.04 1.26
N HIS A 50 -4.91 0.74 0.96
CA HIS A 50 -6.03 1.55 1.42
C HIS A 50 -6.81 0.79 2.49
N GLN A 51 -6.31 -0.38 2.86
CA GLN A 51 -7.03 -1.24 3.79
C GLN A 51 -6.18 -1.50 5.03
N CYS A 52 -6.83 -1.45 6.18
CA CYS A 52 -6.17 -1.65 7.45
C CYS A 52 -5.66 -3.08 7.56
N ASP A 53 -4.37 -3.23 7.79
CA ASP A 53 -3.76 -4.55 7.88
C ASP A 53 -4.25 -5.31 9.11
N VAL A 54 -4.87 -4.58 10.04
CA VAL A 54 -5.36 -5.20 11.27
C VAL A 54 -6.81 -5.66 11.12
N CYS A 55 -7.72 -4.75 10.79
CA CYS A 55 -9.14 -5.09 10.79
C CYS A 55 -9.70 -5.25 9.37
N GLY A 56 -8.92 -4.88 8.36
CA GLY A 56 -9.35 -5.07 6.99
C GLY A 56 -10.27 -3.96 6.49
N LYS A 57 -10.61 -3.02 7.36
CA LYS A 57 -11.48 -1.92 6.95
C LYS A 57 -10.66 -0.84 6.25
N GLU A 58 -11.32 0.26 5.89
CA GLU A 58 -10.64 1.35 5.19
C GLU A 58 -9.56 1.97 6.07
N ALA A 59 -8.42 2.24 5.45
CA ALA A 59 -7.29 2.83 6.14
C ALA A 59 -7.30 4.34 6.02
N ALA A 60 -6.85 5.02 7.06
CA ALA A 60 -6.81 6.47 7.07
C ALA A 60 -5.39 6.96 6.87
N SER A 61 -4.43 6.20 7.39
CA SER A 61 -3.03 6.54 7.24
C SER A 61 -2.25 5.34 6.70
N PHE A 62 -1.37 5.60 5.75
CA PHE A 62 -0.69 4.54 5.03
C PHE A 62 0.82 4.58 5.33
N CYS A 63 1.41 3.42 5.60
CA CYS A 63 2.86 3.35 5.76
C CYS A 63 3.53 3.64 4.43
N GLU A 64 4.48 4.57 4.44
CA GLU A 64 5.14 4.99 3.23
C GLU A 64 6.44 4.20 3.04
N MET A 65 6.51 3.04 3.68
CA MET A 65 7.66 2.15 3.50
C MET A 65 7.22 0.72 3.16
N CYS A 66 5.90 0.49 3.15
CA CYS A 66 5.36 -0.83 2.85
C CYS A 66 3.85 -0.74 2.66
N PRO A 67 3.20 -1.77 2.07
CA PRO A 67 1.76 -1.75 1.77
C PRO A 67 0.89 -1.94 3.01
N SER A 68 1.47 -1.83 4.19
CA SER A 68 0.71 -1.98 5.43
C SER A 68 0.11 -0.65 5.86
N SER A 69 -1.19 -0.52 5.69
CA SER A 69 -1.90 0.67 6.09
C SER A 69 -2.83 0.39 7.26
N PHE A 70 -3.27 1.42 7.97
CA PHE A 70 -4.07 1.24 9.17
C PHE A 70 -5.24 2.22 9.22
N CYS A 71 -6.31 1.81 9.88
CA CYS A 71 -7.49 2.65 10.04
C CYS A 71 -7.26 3.67 11.15
N LYS A 72 -8.25 4.52 11.42
CA LYS A 72 -8.12 5.54 12.44
C LYS A 72 -7.77 4.92 13.80
N GLN A 73 -8.36 3.77 14.08
CA GLN A 73 -8.14 3.08 15.34
C GLN A 73 -6.77 2.45 15.41
N HIS A 74 -6.44 1.68 14.39
CA HIS A 74 -5.24 0.84 14.43
C HIS A 74 -4.01 1.55 13.89
N ARG A 75 -4.12 2.85 13.67
CA ARG A 75 -2.97 3.64 13.27
C ARG A 75 -2.22 4.16 14.49
N GLU A 76 -2.97 4.37 15.57
CA GLU A 76 -2.41 4.92 16.79
C GLU A 76 -1.46 3.93 17.43
N GLY A 77 -0.23 4.35 17.65
CA GLY A 77 0.76 3.47 18.23
C GLY A 77 1.39 2.54 17.21
N MET A 78 0.88 2.55 15.99
CA MET A 78 1.40 1.67 14.94
C MET A 78 2.14 2.44 13.85
N LEU A 79 1.69 3.65 13.54
CA LEU A 79 2.32 4.43 12.50
C LEU A 79 2.93 5.70 13.10
N PHE A 80 4.10 6.08 12.60
CA PHE A 80 4.80 7.26 13.11
C PHE A 80 5.61 7.92 11.98
N ILE A 81 6.05 9.15 12.20
CA ILE A 81 6.82 9.87 11.20
C ILE A 81 8.31 9.60 11.34
N SER A 82 8.94 9.26 10.21
CA SER A 82 10.37 9.08 10.16
C SER A 82 11.06 10.44 10.04
N LYS A 83 12.02 10.69 10.92
CA LYS A 83 12.74 11.96 10.90
C LYS A 83 13.71 12.00 9.73
N LEU A 84 13.83 10.89 9.02
CA LEU A 84 14.72 10.79 7.88
C LEU A 84 14.14 11.51 6.67
N ASP A 85 12.92 11.15 6.29
CA ASP A 85 12.29 11.72 5.09
C ASP A 85 10.93 12.33 5.40
N GLY A 86 10.54 12.29 6.67
CA GLY A 86 9.23 12.81 7.05
C GLY A 86 8.11 11.89 6.62
N ARG A 87 8.47 10.65 6.30
CA ARG A 87 7.51 9.68 5.82
C ARG A 87 6.97 8.83 6.96
N LEU A 88 5.74 8.37 6.81
CA LEU A 88 5.09 7.52 7.79
C LEU A 88 5.68 6.12 7.75
N SER A 89 6.12 5.64 8.90
CA SER A 89 6.69 4.30 9.00
C SER A 89 5.95 3.49 10.06
N CYS A 90 5.63 2.25 9.75
CA CYS A 90 4.89 1.38 10.66
C CYS A 90 5.84 0.69 11.65
N THR A 91 5.26 0.11 12.69
CA THR A 91 6.02 -0.55 13.74
C THR A 91 6.55 -1.91 13.32
N GLU A 92 6.45 -2.20 12.03
CA GLU A 92 7.00 -3.43 11.47
C GLU A 92 8.38 -3.19 10.88
N HIS A 93 8.92 -2.00 11.14
CA HIS A 93 10.21 -1.62 10.57
C HIS A 93 11.20 -1.24 11.68
N ASP A 94 11.44 -2.17 12.58
CA ASP A 94 12.39 -1.94 13.67
C ASP A 94 13.78 -2.42 13.27
N GLY A 1 -8.46 9.85 -12.79
CA GLY A 1 -8.24 8.38 -12.90
C GLY A 1 -6.90 7.96 -12.35
N ALA A 2 -6.20 7.10 -13.07
CA ALA A 2 -4.88 6.67 -12.67
C ALA A 2 -3.83 7.19 -13.66
N MET A 3 -3.55 8.48 -13.56
CA MET A 3 -2.55 9.11 -14.42
C MET A 3 -1.15 8.91 -13.86
N GLU A 4 -0.93 9.42 -12.67
CA GLU A 4 0.36 9.30 -12.01
C GLU A 4 0.51 7.92 -11.39
N ARG A 5 1.22 7.04 -12.07
CA ARG A 5 1.45 5.69 -11.57
C ARG A 5 2.94 5.41 -11.53
N GLU A 6 3.44 5.01 -10.36
CA GLU A 6 4.83 4.63 -10.21
C GLU A 6 5.03 3.22 -10.75
N ASP A 7 5.67 3.12 -11.91
CA ASP A 7 5.83 1.85 -12.60
C ASP A 7 6.93 1.01 -11.94
N GLU A 8 6.62 0.51 -10.77
CA GLU A 8 7.50 -0.33 -9.98
C GLU A 8 6.70 -0.91 -8.84
N CYS A 9 7.16 -2.01 -8.28
CA CYS A 9 6.47 -2.60 -7.15
C CYS A 9 6.95 -1.96 -5.87
N PHE A 10 6.04 -1.32 -5.17
CA PHE A 10 6.35 -0.67 -3.92
C PHE A 10 6.64 -1.69 -2.82
N SER A 11 6.14 -2.92 -2.99
CA SER A 11 6.35 -3.98 -2.02
C SER A 11 7.76 -4.56 -2.12
N CYS A 12 8.22 -4.82 -3.33
CA CYS A 12 9.49 -5.51 -3.54
C CYS A 12 10.60 -4.55 -3.93
N GLY A 13 10.24 -3.44 -4.57
CA GLY A 13 11.23 -2.51 -5.07
C GLY A 13 11.71 -2.88 -6.45
N ASP A 14 11.07 -3.91 -7.02
CA ASP A 14 11.43 -4.41 -8.34
C ASP A 14 10.30 -4.16 -9.33
N ALA A 15 10.61 -4.26 -10.60
CA ALA A 15 9.64 -4.08 -11.66
C ALA A 15 9.54 -5.36 -12.49
N GLY A 16 8.42 -5.53 -13.17
CA GLY A 16 8.18 -6.73 -13.94
C GLY A 16 6.71 -6.95 -14.19
N GLN A 17 6.19 -8.09 -13.75
CA GLN A 17 4.78 -8.40 -13.90
C GLN A 17 3.97 -7.65 -12.86
N LEU A 18 3.64 -6.40 -13.18
CA LEU A 18 2.98 -5.50 -12.25
C LEU A 18 1.49 -5.41 -12.52
N VAL A 19 0.76 -5.09 -11.47
CA VAL A 19 -0.65 -4.76 -11.56
C VAL A 19 -0.89 -3.42 -10.86
N SER A 20 -1.55 -2.51 -11.55
CA SER A 20 -1.75 -1.17 -11.04
C SER A 20 -3.11 -1.05 -10.35
N CYS A 21 -3.18 -0.19 -9.35
CA CYS A 21 -4.43 0.08 -8.66
C CYS A 21 -5.31 0.94 -9.55
N LYS A 22 -6.50 0.47 -9.86
CA LYS A 22 -7.40 1.18 -10.75
C LYS A 22 -8.26 2.16 -9.96
N LYS A 23 -7.71 2.63 -8.85
CA LYS A 23 -8.38 3.60 -8.00
C LYS A 23 -7.78 4.98 -8.23
N PRO A 24 -8.59 5.97 -8.66
CA PRO A 24 -8.10 7.32 -8.94
C PRO A 24 -7.37 7.94 -7.75
N GLY A 25 -6.18 8.45 -7.99
CA GLY A 25 -5.40 9.07 -6.94
C GLY A 25 -4.40 8.12 -6.29
N CYS A 26 -4.44 6.85 -6.67
CA CYS A 26 -3.51 5.86 -6.13
C CYS A 26 -2.36 5.64 -7.11
N PRO A 27 -1.16 6.17 -6.79
CA PRO A 27 0.00 6.08 -7.66
C PRO A 27 0.84 4.83 -7.41
N LYS A 28 0.28 3.87 -6.68
CA LYS A 28 1.05 2.71 -6.24
C LYS A 28 0.77 1.49 -7.10
N VAL A 29 1.84 0.78 -7.45
CA VAL A 29 1.77 -0.41 -8.30
C VAL A 29 2.50 -1.56 -7.61
N TYR A 30 2.05 -2.79 -7.86
CA TYR A 30 2.56 -3.96 -7.15
C TYR A 30 2.54 -5.18 -8.07
N HIS A 31 3.18 -6.25 -7.65
CA HIS A 31 3.09 -7.52 -8.37
C HIS A 31 1.89 -8.29 -7.87
N ALA A 32 1.24 -9.03 -8.76
CA ALA A 32 0.13 -9.88 -8.38
C ALA A 32 0.61 -10.99 -7.44
N ASP A 33 1.87 -11.38 -7.62
CA ASP A 33 2.47 -12.43 -6.80
C ASP A 33 2.59 -12.01 -5.34
N CYS A 34 3.20 -10.85 -5.10
CA CYS A 34 3.47 -10.39 -3.73
C CYS A 34 2.19 -9.91 -3.06
N LEU A 35 1.16 -9.67 -3.86
CA LEU A 35 -0.14 -9.29 -3.33
C LEU A 35 -1.00 -10.50 -3.03
N ASN A 36 -0.49 -11.68 -3.39
CA ASN A 36 -1.18 -12.95 -3.17
C ASN A 36 -2.52 -12.97 -3.91
N LEU A 37 -2.55 -12.33 -5.08
CA LEU A 37 -3.78 -12.23 -5.87
C LEU A 37 -4.13 -13.56 -6.55
N THR A 38 -4.66 -14.49 -5.78
CA THR A 38 -5.13 -15.74 -6.34
C THR A 38 -6.38 -15.51 -7.18
N LYS A 39 -7.18 -14.52 -6.79
CA LYS A 39 -8.38 -14.17 -7.53
C LYS A 39 -8.12 -12.93 -8.36
N ARG A 40 -8.20 -13.06 -9.68
CA ARG A 40 -8.01 -11.90 -10.55
C ARG A 40 -9.24 -11.00 -10.47
N PRO A 41 -9.07 -9.77 -9.94
CA PRO A 41 -10.19 -8.85 -9.70
C PRO A 41 -10.87 -8.42 -10.99
N ALA A 42 -12.17 -8.22 -10.92
CA ALA A 42 -12.96 -7.75 -12.04
C ALA A 42 -13.61 -6.42 -11.72
N GLY A 43 -13.54 -5.47 -12.64
CA GLY A 43 -14.11 -4.16 -12.40
C GLY A 43 -13.21 -3.29 -11.56
N LYS A 44 -13.61 -3.04 -10.32
CA LYS A 44 -12.84 -2.22 -9.42
C LYS A 44 -11.98 -3.08 -8.51
N TRP A 45 -10.68 -2.83 -8.52
CA TRP A 45 -9.79 -3.46 -7.58
C TRP A 45 -9.19 -2.41 -6.64
N GLU A 46 -9.50 -2.52 -5.36
CA GLU A 46 -8.92 -1.66 -4.35
C GLU A 46 -7.69 -2.33 -3.76
N CYS A 47 -6.51 -1.74 -3.97
CA CYS A 47 -5.28 -2.32 -3.43
C CYS A 47 -5.34 -2.41 -1.90
N PRO A 48 -4.68 -3.41 -1.31
CA PRO A 48 -4.66 -3.62 0.15
C PRO A 48 -3.98 -2.48 0.91
N TRP A 49 -3.47 -1.51 0.16
CA TRP A 49 -2.88 -0.31 0.75
C TRP A 49 -3.99 0.66 1.13
N HIS A 50 -5.23 0.26 0.85
CA HIS A 50 -6.40 1.00 1.30
C HIS A 50 -7.07 0.26 2.45
N GLN A 51 -6.41 -0.78 2.94
CA GLN A 51 -6.98 -1.65 3.96
C GLN A 51 -6.12 -1.67 5.21
N CYS A 52 -6.78 -1.53 6.35
CA CYS A 52 -6.09 -1.55 7.62
C CYS A 52 -5.55 -2.95 7.89
N ASP A 53 -4.23 -3.03 8.08
CA ASP A 53 -3.54 -4.29 8.33
C ASP A 53 -4.10 -5.01 9.56
N VAL A 54 -4.73 -4.26 10.45
CA VAL A 54 -5.24 -4.81 11.68
C VAL A 54 -6.67 -5.32 11.54
N CYS A 55 -7.60 -4.44 11.14
CA CYS A 55 -9.02 -4.81 11.14
C CYS A 55 -9.57 -5.05 9.73
N GLY A 56 -8.80 -4.69 8.71
CA GLY A 56 -9.24 -4.91 7.34
C GLY A 56 -10.22 -3.87 6.86
N LYS A 57 -10.55 -2.89 7.70
CA LYS A 57 -11.48 -1.85 7.33
C LYS A 57 -10.77 -0.72 6.59
N GLU A 58 -11.54 0.31 6.25
CA GLU A 58 -11.03 1.47 5.52
C GLU A 58 -9.82 2.07 6.21
N ALA A 59 -8.69 2.08 5.52
CA ALA A 59 -7.46 2.66 6.05
C ALA A 59 -7.47 4.17 5.89
N ALA A 60 -6.91 4.86 6.87
CA ALA A 60 -6.83 6.31 6.86
C ALA A 60 -5.41 6.76 6.65
N SER A 61 -4.48 6.07 7.29
CA SER A 61 -3.07 6.39 7.17
C SER A 61 -2.35 5.26 6.45
N PHE A 62 -1.28 5.58 5.75
CA PHE A 62 -0.60 4.62 4.93
C PHE A 62 0.90 4.61 5.23
N CYS A 63 1.46 3.44 5.51
CA CYS A 63 2.90 3.33 5.70
C CYS A 63 3.59 3.54 4.36
N GLU A 64 4.49 4.51 4.30
CA GLU A 64 5.14 4.87 3.06
C GLU A 64 6.39 4.04 2.82
N MET A 65 6.45 2.87 3.47
CA MET A 65 7.56 1.95 3.28
C MET A 65 7.10 0.53 2.99
N CYS A 66 5.81 0.26 3.19
CA CYS A 66 5.28 -1.08 3.00
C CYS A 66 3.78 -1.03 2.77
N PRO A 67 3.16 -2.12 2.26
CA PRO A 67 1.72 -2.18 1.99
C PRO A 67 0.88 -2.36 3.26
N SER A 68 1.40 -1.92 4.40
CA SER A 68 0.65 -1.97 5.65
C SER A 68 0.05 -0.60 5.98
N SER A 69 -1.23 -0.46 5.70
CA SER A 69 -1.94 0.78 6.00
C SER A 69 -2.84 0.56 7.22
N PHE A 70 -3.23 1.64 7.89
CA PHE A 70 -3.99 1.51 9.12
C PHE A 70 -5.18 2.47 9.14
N CYS A 71 -6.23 2.08 9.86
CA CYS A 71 -7.41 2.92 10.00
C CYS A 71 -7.17 3.98 11.06
N LYS A 72 -8.13 4.88 11.27
CA LYS A 72 -7.98 5.95 12.25
C LYS A 72 -7.70 5.39 13.65
N GLN A 73 -8.27 4.22 13.93
CA GLN A 73 -8.10 3.58 15.22
C GLN A 73 -6.72 2.94 15.36
N HIS A 74 -6.35 2.14 14.37
CA HIS A 74 -5.17 1.29 14.49
C HIS A 74 -3.92 1.97 13.94
N ARG A 75 -4.00 3.27 13.70
CA ARG A 75 -2.82 4.03 13.29
C ARG A 75 -2.07 4.55 14.51
N GLU A 76 -2.76 4.64 15.63
CA GLU A 76 -2.16 5.13 16.86
C GLU A 76 -1.12 4.14 17.35
N GLY A 77 0.11 4.61 17.53
CA GLY A 77 1.17 3.76 18.05
C GLY A 77 1.76 2.83 17.00
N MET A 78 0.97 2.47 16.01
CA MET A 78 1.42 1.53 14.98
C MET A 78 2.12 2.25 13.83
N LEU A 79 1.73 3.49 13.59
CA LEU A 79 2.34 4.28 12.53
C LEU A 79 2.90 5.57 13.12
N PHE A 80 4.05 6.00 12.64
CA PHE A 80 4.69 7.21 13.12
C PHE A 80 5.44 7.90 12.00
N ILE A 81 5.83 9.15 12.22
CA ILE A 81 6.60 9.89 11.23
C ILE A 81 8.08 9.64 11.40
N SER A 82 8.74 9.32 10.29
CA SER A 82 10.18 9.15 10.28
C SER A 82 10.85 10.51 10.34
N LYS A 83 11.74 10.69 11.30
CA LYS A 83 12.44 11.96 11.45
C LYS A 83 13.47 12.16 10.35
N LEU A 84 13.78 11.08 9.65
CA LEU A 84 14.74 11.13 8.55
C LEU A 84 14.07 11.56 7.25
N ASP A 85 13.03 10.85 6.84
CA ASP A 85 12.39 11.11 5.55
C ASP A 85 11.11 11.91 5.67
N GLY A 86 10.58 12.00 6.89
CA GLY A 86 9.31 12.68 7.10
C GLY A 86 8.14 11.85 6.63
N ARG A 87 8.42 10.59 6.33
CA ARG A 87 7.41 9.67 5.83
C ARG A 87 6.82 8.87 6.97
N LEU A 88 5.58 8.43 6.80
CA LEU A 88 4.93 7.58 7.79
C LEU A 88 5.49 6.17 7.73
N SER A 89 6.02 5.71 8.85
CA SER A 89 6.64 4.39 8.93
C SER A 89 6.01 3.59 10.07
N CYS A 90 5.72 2.33 9.80
CA CYS A 90 5.10 1.46 10.80
C CYS A 90 6.16 0.87 11.73
N THR A 91 5.70 0.29 12.83
CA THR A 91 6.59 -0.29 13.83
C THR A 91 7.29 -1.56 13.33
N GLU A 92 6.89 -2.01 12.15
CA GLU A 92 7.39 -3.27 11.61
C GLU A 92 8.66 -3.05 10.82
N HIS A 93 9.26 -1.88 11.00
CA HIS A 93 10.51 -1.54 10.30
C HIS A 93 11.60 -1.22 11.32
N ASP A 94 11.78 -2.11 12.28
CA ASP A 94 12.80 -1.92 13.30
C ASP A 94 14.07 -2.63 12.90
N GLY A 1 -3.04 9.21 -19.84
CA GLY A 1 -2.35 9.27 -18.53
C GLY A 1 -3.19 9.97 -17.48
N ALA A 2 -2.91 11.27 -17.28
CA ALA A 2 -3.59 12.09 -16.27
C ALA A 2 -3.26 11.64 -14.85
N MET A 3 -3.76 10.46 -14.47
CA MET A 3 -3.45 9.89 -13.18
C MET A 3 -2.15 9.12 -13.26
N GLU A 4 -1.09 9.70 -12.72
CA GLU A 4 0.24 9.12 -12.80
C GLU A 4 0.40 7.92 -11.87
N ARG A 5 1.19 6.96 -12.33
CA ARG A 5 1.49 5.76 -11.56
C ARG A 5 2.99 5.51 -11.57
N GLU A 6 3.49 4.87 -10.53
CA GLU A 6 4.89 4.48 -10.47
C GLU A 6 5.06 3.11 -11.10
N ASP A 7 6.05 2.96 -11.97
CA ASP A 7 6.25 1.70 -12.69
C ASP A 7 7.26 0.84 -11.97
N GLU A 8 6.92 0.47 -10.74
CA GLU A 8 7.76 -0.38 -9.92
C GLU A 8 6.93 -0.89 -8.74
N CYS A 9 7.29 -2.06 -8.23
CA CYS A 9 6.54 -2.63 -7.12
C CYS A 9 7.02 -2.03 -5.82
N PHE A 10 6.14 -1.29 -5.18
CA PHE A 10 6.47 -0.61 -3.94
C PHE A 10 6.76 -1.62 -2.81
N SER A 11 6.30 -2.85 -3.01
CA SER A 11 6.56 -3.91 -2.03
C SER A 11 7.99 -4.45 -2.16
N CYS A 12 8.45 -4.65 -3.39
CA CYS A 12 9.71 -5.36 -3.62
C CYS A 12 10.83 -4.44 -4.08
N GLY A 13 10.48 -3.34 -4.75
CA GLY A 13 11.48 -2.47 -5.31
C GLY A 13 11.87 -2.90 -6.72
N ASP A 14 11.13 -3.85 -7.26
CA ASP A 14 11.40 -4.38 -8.59
C ASP A 14 10.22 -4.10 -9.51
N ALA A 15 10.49 -4.03 -10.81
CA ALA A 15 9.47 -3.76 -11.81
C ALA A 15 9.32 -4.96 -12.74
N GLY A 16 8.16 -5.07 -13.36
CA GLY A 16 7.88 -6.21 -14.21
C GLY A 16 6.40 -6.51 -14.30
N GLN A 17 6.02 -7.74 -13.94
CA GLN A 17 4.62 -8.15 -13.98
C GLN A 17 3.86 -7.52 -12.83
N LEU A 18 3.40 -6.30 -13.05
CA LEU A 18 2.73 -5.53 -12.02
C LEU A 18 1.24 -5.43 -12.28
N VAL A 19 0.47 -5.51 -11.20
CA VAL A 19 -0.95 -5.27 -11.24
C VAL A 19 -1.24 -3.94 -10.56
N SER A 20 -1.97 -3.07 -11.24
CA SER A 20 -2.13 -1.71 -10.78
C SER A 20 -3.45 -1.53 -10.03
N CYS A 21 -3.44 -0.57 -9.13
CA CYS A 21 -4.64 -0.22 -8.39
C CYS A 21 -5.61 0.48 -9.33
N LYS A 22 -6.86 0.04 -9.35
CA LYS A 22 -7.84 0.56 -10.27
C LYS A 22 -8.49 1.82 -9.70
N LYS A 23 -7.80 2.46 -8.78
CA LYS A 23 -8.29 3.68 -8.15
C LYS A 23 -7.45 4.86 -8.60
N PRO A 24 -8.06 5.85 -9.27
CA PRO A 24 -7.36 7.05 -9.74
C PRO A 24 -6.79 7.86 -8.57
N GLY A 25 -5.54 8.29 -8.71
CA GLY A 25 -4.89 9.02 -7.64
C GLY A 25 -3.94 8.13 -6.87
N CYS A 26 -4.08 6.83 -7.05
CA CYS A 26 -3.18 5.86 -6.44
C CYS A 26 -2.07 5.52 -7.43
N PRO A 27 -0.85 6.01 -7.18
CA PRO A 27 0.27 5.78 -8.08
C PRO A 27 1.04 4.51 -7.74
N LYS A 28 0.40 3.61 -7.01
CA LYS A 28 1.09 2.42 -6.52
C LYS A 28 0.70 1.18 -7.33
N VAL A 29 1.71 0.36 -7.62
CA VAL A 29 1.53 -0.85 -8.37
C VAL A 29 2.34 -1.97 -7.71
N TYR A 30 1.89 -3.20 -7.83
CA TYR A 30 2.51 -4.31 -7.12
C TYR A 30 2.52 -5.57 -7.97
N HIS A 31 3.27 -6.58 -7.55
CA HIS A 31 3.23 -7.87 -8.21
C HIS A 31 2.08 -8.68 -7.62
N ALA A 32 1.41 -9.44 -8.45
CA ALA A 32 0.33 -10.29 -7.99
C ALA A 32 0.87 -11.39 -7.09
N ASP A 33 2.10 -11.82 -7.38
CA ASP A 33 2.76 -12.87 -6.61
C ASP A 33 3.06 -12.43 -5.18
N CYS A 34 3.61 -11.22 -5.02
CA CYS A 34 3.97 -10.74 -3.68
C CYS A 34 2.73 -10.33 -2.90
N LEU A 35 1.64 -10.07 -3.62
CA LEU A 35 0.36 -9.78 -3.00
C LEU A 35 -0.35 -11.06 -2.62
N ASN A 36 0.25 -12.19 -3.00
CA ASN A 36 -0.29 -13.52 -2.70
C ASN A 36 -1.63 -13.72 -3.42
N LEU A 37 -1.77 -13.09 -4.59
CA LEU A 37 -2.97 -13.22 -5.38
C LEU A 37 -2.96 -14.52 -6.17
N THR A 38 -3.52 -15.58 -5.57
CA THR A 38 -3.63 -16.84 -6.25
C THR A 38 -4.81 -16.84 -7.21
N LYS A 39 -5.63 -15.79 -7.13
CA LYS A 39 -6.73 -15.58 -8.06
C LYS A 39 -6.67 -14.17 -8.63
N ARG A 40 -7.03 -14.04 -9.90
CA ARG A 40 -6.99 -12.75 -10.57
C ARG A 40 -8.28 -11.98 -10.33
N PRO A 41 -8.18 -10.78 -9.72
CA PRO A 41 -9.34 -9.97 -9.36
C PRO A 41 -10.12 -9.45 -10.57
N ALA A 42 -11.43 -9.32 -10.40
CA ALA A 42 -12.29 -8.80 -11.45
C ALA A 42 -13.12 -7.63 -10.90
N GLY A 43 -13.41 -6.66 -11.75
CA GLY A 43 -14.16 -5.49 -11.31
C GLY A 43 -13.25 -4.43 -10.74
N LYS A 44 -13.69 -3.78 -9.67
CA LYS A 44 -12.89 -2.76 -9.02
C LYS A 44 -11.99 -3.40 -7.98
N TRP A 45 -10.69 -3.28 -8.16
CA TRP A 45 -9.75 -3.79 -7.20
C TRP A 45 -8.99 -2.64 -6.54
N GLU A 46 -9.18 -2.49 -5.24
CA GLU A 46 -8.44 -1.51 -4.47
C GLU A 46 -7.25 -2.18 -3.81
N CYS A 47 -6.08 -1.56 -3.92
CA CYS A 47 -4.87 -2.10 -3.31
C CYS A 47 -5.05 -2.17 -1.80
N PRO A 48 -4.45 -3.18 -1.14
CA PRO A 48 -4.54 -3.36 0.32
C PRO A 48 -3.93 -2.20 1.09
N TRP A 49 -3.32 -1.28 0.36
CA TRP A 49 -2.71 -0.09 0.94
C TRP A 49 -3.78 0.96 1.26
N HIS A 50 -5.04 0.62 0.96
CA HIS A 50 -6.16 1.46 1.35
C HIS A 50 -6.94 0.82 2.50
N GLN A 51 -6.49 -0.35 2.92
CA GLN A 51 -7.21 -1.10 3.95
C GLN A 51 -6.32 -1.33 5.16
N CYS A 52 -6.90 -1.19 6.33
CA CYS A 52 -6.18 -1.38 7.57
C CYS A 52 -5.79 -2.84 7.72
N ASP A 53 -4.49 -3.09 7.77
CA ASP A 53 -3.96 -4.45 7.86
C ASP A 53 -4.44 -5.14 9.13
N VAL A 54 -4.80 -4.35 10.13
CA VAL A 54 -5.20 -4.89 11.42
C VAL A 54 -6.64 -5.38 11.41
N CYS A 55 -7.57 -4.55 10.96
CA CYS A 55 -8.98 -4.89 11.07
C CYS A 55 -9.67 -5.09 9.72
N GLY A 56 -9.08 -4.58 8.65
CA GLY A 56 -9.69 -4.70 7.33
C GLY A 56 -10.62 -3.56 7.00
N LYS A 57 -10.71 -2.58 7.88
CA LYS A 57 -11.53 -1.40 7.64
C LYS A 57 -10.78 -0.38 6.78
N GLU A 58 -11.48 0.66 6.36
CA GLU A 58 -10.92 1.72 5.55
C GLU A 58 -9.72 2.35 6.25
N ALA A 59 -8.60 2.41 5.55
CA ALA A 59 -7.38 2.97 6.12
C ALA A 59 -7.35 4.48 5.95
N ALA A 60 -6.86 5.17 6.97
CA ALA A 60 -6.77 6.62 6.95
C ALA A 60 -5.34 7.06 6.76
N SER A 61 -4.41 6.38 7.42
CA SER A 61 -3.01 6.69 7.31
C SER A 61 -2.27 5.51 6.67
N PHE A 62 -1.33 5.82 5.80
CA PHE A 62 -0.67 4.80 5.00
C PHE A 62 0.83 4.80 5.24
N CYS A 63 1.41 3.63 5.51
CA CYS A 63 2.86 3.54 5.65
C CYS A 63 3.52 3.82 4.32
N GLU A 64 4.39 4.80 4.29
CA GLU A 64 5.04 5.23 3.05
C GLU A 64 6.29 4.40 2.78
N MET A 65 6.39 3.25 3.42
CA MET A 65 7.50 2.34 3.19
C MET A 65 7.04 0.93 2.85
N CYS A 66 5.74 0.66 2.97
CA CYS A 66 5.21 -0.67 2.69
C CYS A 66 3.69 -0.60 2.53
N PRO A 67 3.06 -1.66 1.98
CA PRO A 67 1.61 -1.68 1.73
C PRO A 67 0.78 -1.83 3.01
N SER A 68 1.42 -1.72 4.18
CA SER A 68 0.72 -1.82 5.45
C SER A 68 0.10 -0.48 5.83
N SER A 69 -1.19 -0.38 5.69
CA SER A 69 -1.92 0.83 6.05
C SER A 69 -2.82 0.56 7.25
N PHE A 70 -3.23 1.62 7.95
CA PHE A 70 -3.98 1.46 9.18
C PHE A 70 -5.16 2.42 9.22
N CYS A 71 -6.21 2.02 9.94
CA CYS A 71 -7.39 2.85 10.09
C CYS A 71 -7.16 3.90 11.18
N LYS A 72 -8.16 4.72 11.45
CA LYS A 72 -8.03 5.76 12.47
C LYS A 72 -7.81 5.14 13.84
N GLN A 73 -8.39 3.97 14.05
CA GLN A 73 -8.25 3.24 15.31
C GLN A 73 -6.84 2.69 15.47
N HIS A 74 -6.34 2.04 14.42
CA HIS A 74 -5.12 1.24 14.53
C HIS A 74 -3.89 1.95 13.97
N ARG A 75 -3.98 3.26 13.80
CA ARG A 75 -2.82 4.02 13.33
C ARG A 75 -1.91 4.38 14.50
N GLU A 76 -2.50 4.60 15.66
CA GLU A 76 -1.75 4.94 16.86
C GLU A 76 -0.92 3.76 17.33
N GLY A 77 0.36 4.01 17.57
CA GLY A 77 1.25 2.95 18.05
C GLY A 77 1.77 2.08 16.92
N MET A 78 1.05 2.04 15.81
CA MET A 78 1.44 1.20 14.68
C MET A 78 2.12 2.02 13.59
N LEU A 79 1.70 3.27 13.44
CA LEU A 79 2.28 4.14 12.44
C LEU A 79 2.77 5.44 13.09
N PHE A 80 3.91 5.93 12.66
CA PHE A 80 4.49 7.14 13.22
C PHE A 80 5.31 7.87 12.15
N ILE A 81 5.66 9.12 12.43
CA ILE A 81 6.46 9.91 11.50
C ILE A 81 7.94 9.67 11.75
N SER A 82 8.65 9.28 10.72
CA SER A 82 10.08 9.04 10.81
C SER A 82 10.83 10.33 10.54
N LYS A 83 11.80 10.64 11.39
CA LYS A 83 12.55 11.89 11.29
C LYS A 83 13.52 11.87 10.12
N LEU A 84 13.61 10.73 9.45
CA LEU A 84 14.50 10.57 8.32
C LEU A 84 13.99 11.33 7.11
N ASP A 85 12.76 11.07 6.71
CA ASP A 85 12.16 11.72 5.54
C ASP A 85 10.88 12.44 5.90
N GLY A 86 10.43 12.29 7.14
CA GLY A 86 9.14 12.83 7.54
C GLY A 86 8.00 11.98 7.04
N ARG A 87 8.29 10.72 6.74
CA ARG A 87 7.30 9.81 6.20
C ARG A 87 6.64 9.02 7.29
N LEU A 88 5.40 8.61 7.04
CA LEU A 88 4.70 7.71 7.94
C LEU A 88 5.27 6.30 7.81
N SER A 89 5.92 5.84 8.86
CA SER A 89 6.56 4.53 8.84
C SER A 89 5.99 3.66 9.94
N CYS A 90 5.69 2.41 9.61
CA CYS A 90 5.08 1.49 10.55
C CYS A 90 6.13 0.85 11.46
N THR A 91 5.66 0.23 12.53
CA THR A 91 6.54 -0.40 13.52
C THR A 91 7.05 -1.75 13.03
N GLU A 92 6.61 -2.17 11.86
CA GLU A 92 7.04 -3.45 11.29
C GLU A 92 8.37 -3.30 10.54
N HIS A 93 8.96 -2.11 10.63
CA HIS A 93 10.24 -1.87 9.99
C HIS A 93 11.34 -1.74 11.03
N ASP A 94 11.39 -2.72 11.93
CA ASP A 94 12.39 -2.75 12.97
C ASP A 94 13.65 -3.43 12.44
N GLY A 1 6.68 5.79 -15.61
CA GLY A 1 7.03 6.36 -14.30
C GLY A 1 5.81 6.58 -13.44
N ALA A 2 6.01 7.07 -12.23
CA ALA A 2 4.92 7.27 -11.29
C ALA A 2 4.18 8.58 -11.55
N MET A 3 3.62 8.71 -12.75
CA MET A 3 2.78 9.86 -13.08
C MET A 3 1.37 9.62 -12.55
N GLU A 4 0.74 8.59 -13.06
CA GLU A 4 -0.57 8.16 -12.57
C GLU A 4 -0.48 6.76 -12.00
N ARG A 5 0.24 5.90 -12.69
CA ARG A 5 0.45 4.53 -12.24
C ARG A 5 1.95 4.23 -12.23
N GLU A 6 2.41 3.70 -11.10
CA GLU A 6 3.83 3.48 -10.87
C GLU A 6 4.35 2.32 -11.73
N ASP A 7 5.65 2.31 -11.99
CA ASP A 7 6.27 1.27 -12.81
C ASP A 7 7.25 0.44 -12.01
N GLU A 8 7.03 0.38 -10.71
CA GLU A 8 7.88 -0.40 -9.82
C GLU A 8 7.06 -0.86 -8.64
N CYS A 9 7.35 -2.05 -8.13
CA CYS A 9 6.54 -2.61 -7.05
C CYS A 9 6.98 -2.03 -5.73
N PHE A 10 6.08 -1.31 -5.09
CA PHE A 10 6.38 -0.68 -3.82
C PHE A 10 6.62 -1.72 -2.72
N SER A 11 6.08 -2.92 -2.94
CA SER A 11 6.20 -4.01 -1.98
C SER A 11 7.58 -4.67 -2.05
N CYS A 12 8.16 -4.74 -3.25
CA CYS A 12 9.41 -5.47 -3.43
C CYS A 12 10.57 -4.54 -3.81
N GLY A 13 10.26 -3.44 -4.45
CA GLY A 13 11.28 -2.54 -4.95
C GLY A 13 11.72 -2.89 -6.35
N ASP A 14 11.11 -3.93 -6.90
CA ASP A 14 11.47 -4.42 -8.23
C ASP A 14 10.31 -4.23 -9.20
N ALA A 15 10.65 -4.12 -10.48
CA ALA A 15 9.65 -4.02 -11.54
C ALA A 15 9.63 -5.31 -12.35
N GLY A 16 8.52 -5.56 -13.03
CA GLY A 16 8.37 -6.79 -13.78
C GLY A 16 7.01 -7.41 -13.59
N GLN A 17 6.08 -7.08 -14.49
CA GLN A 17 4.70 -7.59 -14.44
C GLN A 17 3.98 -7.06 -13.20
N LEU A 18 3.45 -5.85 -13.34
CA LEU A 18 2.83 -5.16 -12.23
C LEU A 18 1.33 -4.98 -12.46
N VAL A 19 0.58 -5.06 -11.37
CA VAL A 19 -0.85 -4.80 -11.39
C VAL A 19 -1.12 -3.52 -10.61
N SER A 20 -1.85 -2.59 -11.21
CA SER A 20 -2.07 -1.29 -10.61
C SER A 20 -3.47 -1.17 -10.06
N CYS A 21 -3.65 -0.19 -9.20
CA CYS A 21 -4.92 0.09 -8.55
C CYS A 21 -5.89 0.69 -9.57
N LYS A 22 -7.15 0.29 -9.53
CA LYS A 22 -8.13 0.77 -10.50
C LYS A 22 -8.90 1.97 -9.98
N LYS A 23 -8.33 2.67 -9.02
CA LYS A 23 -8.93 3.90 -8.52
C LYS A 23 -8.01 5.09 -8.78
N PRO A 24 -8.45 6.04 -9.64
CA PRO A 24 -7.68 7.24 -9.95
C PRO A 24 -7.24 7.99 -8.69
N GLY A 25 -5.98 8.38 -8.66
CA GLY A 25 -5.42 9.03 -7.49
C GLY A 25 -4.38 8.17 -6.81
N CYS A 26 -4.46 6.87 -7.02
CA CYS A 26 -3.50 5.93 -6.44
C CYS A 26 -2.38 5.66 -7.44
N PRO A 27 -1.19 6.23 -7.20
CA PRO A 27 -0.04 6.11 -8.10
C PRO A 27 0.90 4.99 -7.71
N LYS A 28 0.36 3.97 -7.04
CA LYS A 28 1.17 2.85 -6.58
C LYS A 28 0.88 1.60 -7.41
N VAL A 29 1.86 0.71 -7.49
CA VAL A 29 1.70 -0.54 -8.25
C VAL A 29 2.43 -1.68 -7.54
N TYR A 30 2.01 -2.91 -7.79
CA TYR A 30 2.56 -4.08 -7.12
C TYR A 30 2.54 -5.29 -8.04
N HIS A 31 3.22 -6.35 -7.65
CA HIS A 31 3.12 -7.62 -8.37
C HIS A 31 1.91 -8.38 -7.84
N ALA A 32 1.26 -9.12 -8.71
CA ALA A 32 0.14 -9.95 -8.30
C ALA A 32 0.61 -11.07 -7.38
N ASP A 33 1.85 -11.49 -7.62
CA ASP A 33 2.44 -12.59 -6.86
C ASP A 33 2.65 -12.23 -5.39
N CYS A 34 3.20 -11.03 -5.14
CA CYS A 34 3.50 -10.60 -3.77
C CYS A 34 2.23 -10.17 -3.05
N LEU A 35 1.20 -9.83 -3.82
CA LEU A 35 -0.10 -9.49 -3.24
C LEU A 35 -0.92 -10.73 -2.95
N ASN A 36 -0.35 -11.89 -3.28
CA ASN A 36 -1.00 -13.18 -3.09
C ASN A 36 -2.26 -13.29 -3.96
N LEU A 37 -2.22 -12.65 -5.11
CA LEU A 37 -3.35 -12.65 -6.03
C LEU A 37 -3.29 -13.86 -6.96
N THR A 38 -3.55 -15.04 -6.41
CA THR A 38 -3.69 -16.23 -7.21
C THR A 38 -4.92 -16.12 -8.10
N LYS A 39 -5.93 -15.44 -7.57
CA LYS A 39 -7.14 -15.14 -8.30
C LYS A 39 -7.08 -13.70 -8.80
N ARG A 40 -7.24 -13.52 -10.11
CA ARG A 40 -7.25 -12.19 -10.69
C ARG A 40 -8.59 -11.51 -10.41
N PRO A 41 -8.56 -10.39 -9.66
CA PRO A 41 -9.78 -9.69 -9.24
C PRO A 41 -10.54 -9.06 -10.41
N ALA A 42 -11.85 -9.27 -10.42
CA ALA A 42 -12.69 -8.75 -11.50
C ALA A 42 -13.40 -7.48 -11.02
N GLY A 43 -13.58 -6.53 -11.94
CA GLY A 43 -14.24 -5.29 -11.58
C GLY A 43 -13.28 -4.26 -11.07
N LYS A 44 -13.68 -3.55 -10.02
CA LYS A 44 -12.83 -2.53 -9.42
C LYS A 44 -12.03 -3.13 -8.27
N TRP A 45 -10.73 -3.27 -8.49
CA TRP A 45 -9.85 -3.77 -7.45
C TRP A 45 -9.17 -2.62 -6.73
N GLU A 46 -9.28 -2.64 -5.41
CA GLU A 46 -8.65 -1.64 -4.57
C GLU A 46 -7.42 -2.26 -3.90
N CYS A 47 -6.27 -1.59 -3.99
CA CYS A 47 -5.05 -2.12 -3.41
C CYS A 47 -5.16 -2.20 -1.90
N PRO A 48 -4.49 -3.19 -1.27
CA PRO A 48 -4.53 -3.39 0.19
C PRO A 48 -3.87 -2.25 0.96
N TRP A 49 -3.31 -1.31 0.22
CA TRP A 49 -2.71 -0.11 0.79
C TRP A 49 -3.81 0.88 1.19
N HIS A 50 -5.06 0.49 0.92
CA HIS A 50 -6.21 1.27 1.36
C HIS A 50 -6.93 0.56 2.49
N GLN A 51 -6.40 -0.59 2.90
CA GLN A 51 -7.06 -1.42 3.89
C GLN A 51 -6.20 -1.56 5.13
N CYS A 52 -6.83 -1.47 6.29
CA CYS A 52 -6.14 -1.57 7.55
C CYS A 52 -5.56 -2.97 7.73
N ASP A 53 -4.26 -3.04 7.95
CA ASP A 53 -3.56 -4.31 8.09
C ASP A 53 -4.01 -5.05 9.34
N VAL A 54 -4.65 -4.34 10.26
CA VAL A 54 -5.11 -4.95 11.50
C VAL A 54 -6.53 -5.47 11.39
N CYS A 55 -7.49 -4.61 11.03
CA CYS A 55 -8.89 -5.03 11.04
C CYS A 55 -9.46 -5.22 9.63
N GLY A 56 -8.71 -4.82 8.61
CA GLY A 56 -9.17 -4.99 7.25
C GLY A 56 -10.21 -3.97 6.83
N LYS A 57 -10.46 -2.98 7.69
CA LYS A 57 -11.39 -1.92 7.35
C LYS A 57 -10.69 -0.80 6.58
N GLU A 58 -11.44 0.26 6.31
CA GLU A 58 -10.92 1.42 5.60
C GLU A 58 -9.71 2.01 6.32
N ALA A 59 -8.59 2.08 5.62
CA ALA A 59 -7.39 2.67 6.16
C ALA A 59 -7.42 4.20 6.00
N ALA A 60 -6.90 4.89 6.99
CA ALA A 60 -6.84 6.34 6.95
C ALA A 60 -5.41 6.80 6.73
N SER A 61 -4.48 6.11 7.37
CA SER A 61 -3.08 6.43 7.25
C SER A 61 -2.33 5.29 6.58
N PHE A 62 -1.31 5.62 5.80
CA PHE A 62 -0.63 4.64 4.99
C PHE A 62 0.87 4.63 5.30
N CYS A 63 1.44 3.46 5.55
CA CYS A 63 2.87 3.35 5.71
C CYS A 63 3.53 3.60 4.36
N GLU A 64 4.37 4.62 4.30
CA GLU A 64 5.01 5.01 3.06
C GLU A 64 6.27 4.19 2.82
N MET A 65 6.34 3.03 3.48
CA MET A 65 7.47 2.12 3.30
C MET A 65 7.02 0.68 3.06
N CYS A 66 5.71 0.41 3.15
CA CYS A 66 5.20 -0.93 2.94
C CYS A 66 3.67 -0.90 2.80
N PRO A 67 3.06 -1.98 2.29
CA PRO A 67 1.60 -2.04 2.07
C PRO A 67 0.78 -2.20 3.36
N SER A 68 1.37 -1.86 4.50
CA SER A 68 0.66 -1.93 5.77
C SER A 68 0.08 -0.57 6.12
N SER A 69 -1.17 -0.36 5.73
CA SER A 69 -1.89 0.85 6.09
C SER A 69 -2.81 0.59 7.28
N PHE A 70 -3.20 1.64 7.99
CA PHE A 70 -3.98 1.44 9.22
C PHE A 70 -5.20 2.36 9.23
N CYS A 71 -6.25 1.92 9.90
CA CYS A 71 -7.45 2.73 10.06
C CYS A 71 -7.22 3.79 11.13
N LYS A 72 -8.17 4.71 11.31
CA LYS A 72 -8.02 5.78 12.29
C LYS A 72 -7.75 5.24 13.68
N GLN A 73 -8.29 4.07 13.98
CA GLN A 73 -8.15 3.48 15.30
C GLN A 73 -6.80 2.77 15.45
N HIS A 74 -6.43 1.99 14.45
CA HIS A 74 -5.25 1.13 14.56
C HIS A 74 -3.99 1.81 14.06
N ARG A 75 -4.04 3.12 13.87
CA ARG A 75 -2.86 3.85 13.47
C ARG A 75 -2.12 4.40 14.70
N GLU A 76 -2.83 4.47 15.82
CA GLU A 76 -2.23 4.97 17.05
C GLU A 76 -1.11 4.08 17.51
N GLY A 77 0.08 4.66 17.68
CA GLY A 77 1.22 3.90 18.16
C GLY A 77 1.72 2.86 17.17
N MET A 78 1.07 2.76 16.01
CA MET A 78 1.46 1.79 15.01
C MET A 78 2.17 2.47 13.84
N LEU A 79 1.75 3.69 13.53
CA LEU A 79 2.35 4.45 12.46
C LEU A 79 2.94 5.75 13.02
N PHE A 80 4.10 6.15 12.51
CA PHE A 80 4.76 7.36 12.97
C PHE A 80 5.56 7.99 11.84
N ILE A 81 5.97 9.23 12.03
CA ILE A 81 6.75 9.94 11.02
C ILE A 81 8.22 9.57 11.12
N SER A 82 8.79 9.18 9.99
CA SER A 82 10.19 8.81 9.91
C SER A 82 11.09 10.02 10.17
N LYS A 83 12.13 9.81 10.95
CA LYS A 83 13.08 10.86 11.27
C LYS A 83 13.96 11.17 10.07
N LEU A 84 14.12 10.20 9.18
CA LEU A 84 14.98 10.33 8.03
C LEU A 84 14.26 10.99 6.86
N ASP A 85 13.14 10.39 6.45
CA ASP A 85 12.45 10.83 5.23
C ASP A 85 11.21 11.64 5.55
N GLY A 86 10.83 11.69 6.81
CA GLY A 86 9.62 12.41 7.19
C GLY A 86 8.36 11.70 6.74
N ARG A 87 8.53 10.51 6.17
CA ARG A 87 7.43 9.71 5.68
C ARG A 87 6.87 8.82 6.77
N LEU A 88 5.61 8.46 6.66
CA LEU A 88 4.96 7.60 7.63
C LEU A 88 5.55 6.20 7.58
N SER A 89 6.02 5.72 8.73
CA SER A 89 6.63 4.41 8.82
C SER A 89 5.99 3.63 9.97
N CYS A 90 5.68 2.36 9.71
CA CYS A 90 5.03 1.51 10.69
C CYS A 90 6.06 0.91 11.64
N THR A 91 5.57 0.39 12.77
CA THR A 91 6.42 -0.20 13.80
C THR A 91 6.97 -1.56 13.37
N GLU A 92 6.56 -2.01 12.20
CA GLU A 92 6.99 -3.32 11.70
C GLU A 92 8.28 -3.20 10.91
N HIS A 93 8.96 -2.07 11.08
CA HIS A 93 10.23 -1.84 10.41
C HIS A 93 11.33 -1.70 11.46
N ASP A 94 11.38 -2.66 12.35
CA ASP A 94 12.38 -2.66 13.42
C ASP A 94 13.18 -3.96 13.35
N GLY A 1 3.60 14.49 -14.61
CA GLY A 1 2.65 14.16 -15.70
C GLY A 1 1.23 13.96 -15.19
N ALA A 2 0.33 13.52 -16.07
CA ALA A 2 -1.05 13.29 -15.70
C ALA A 2 -1.21 11.94 -15.00
N MET A 3 -1.10 11.95 -13.68
CA MET A 3 -1.21 10.73 -12.87
C MET A 3 -0.14 9.73 -13.30
N GLU A 4 1.10 10.05 -12.97
CA GLU A 4 2.22 9.20 -13.33
C GLU A 4 2.14 7.87 -12.58
N ARG A 5 1.79 6.83 -13.31
CA ARG A 5 1.70 5.49 -12.75
C ARG A 5 3.08 4.97 -12.39
N GLU A 6 3.21 4.40 -11.21
CA GLU A 6 4.47 3.85 -10.74
C GLU A 6 4.81 2.61 -11.57
N ASP A 7 6.08 2.46 -11.93
CA ASP A 7 6.51 1.37 -12.81
C ASP A 7 7.34 0.35 -12.07
N GLU A 8 7.16 0.29 -10.77
CA GLU A 8 7.91 -0.63 -9.93
C GLU A 8 7.07 -1.03 -8.73
N CYS A 9 7.31 -2.21 -8.19
CA CYS A 9 6.52 -2.70 -7.08
C CYS A 9 7.06 -2.14 -5.79
N PHE A 10 6.28 -1.28 -5.16
CA PHE A 10 6.67 -0.66 -3.90
C PHE A 10 6.74 -1.72 -2.78
N SER A 11 6.13 -2.87 -3.03
CA SER A 11 6.14 -3.96 -2.07
C SER A 11 7.47 -4.70 -2.08
N CYS A 12 8.08 -4.85 -3.25
CA CYS A 12 9.28 -5.67 -3.38
C CYS A 12 10.52 -4.86 -3.78
N GLY A 13 10.30 -3.76 -4.49
CA GLY A 13 11.41 -2.97 -5.00
C GLY A 13 11.86 -3.46 -6.37
N ASP A 14 11.03 -4.30 -6.98
CA ASP A 14 11.32 -4.84 -8.30
C ASP A 14 10.17 -4.56 -9.26
N ALA A 15 10.46 -4.59 -10.54
CA ALA A 15 9.46 -4.38 -11.58
C ALA A 15 9.28 -5.64 -12.40
N GLY A 16 8.10 -5.79 -12.99
CA GLY A 16 7.77 -6.99 -13.72
C GLY A 16 6.28 -7.10 -13.97
N GLN A 17 5.66 -8.17 -13.49
CA GLN A 17 4.22 -8.34 -13.62
C GLN A 17 3.49 -7.49 -12.58
N LEU A 18 3.19 -6.26 -12.93
CA LEU A 18 2.57 -5.33 -12.01
C LEU A 18 1.07 -5.20 -12.27
N VAL A 19 0.34 -4.98 -11.20
CA VAL A 19 -1.08 -4.67 -11.26
C VAL A 19 -1.32 -3.34 -10.55
N SER A 20 -1.99 -2.41 -11.23
CA SER A 20 -2.12 -1.06 -10.74
C SER A 20 -3.46 -0.84 -10.06
N CYS A 21 -3.47 0.11 -9.13
CA CYS A 21 -4.68 0.46 -8.40
C CYS A 21 -5.64 1.20 -9.31
N LYS A 22 -6.93 0.90 -9.18
CA LYS A 22 -7.94 1.49 -10.04
C LYS A 22 -8.59 2.69 -9.38
N LYS A 23 -7.94 3.20 -8.33
CA LYS A 23 -8.43 4.37 -7.60
C LYS A 23 -7.66 5.61 -8.05
N PRO A 24 -8.34 6.53 -8.76
CA PRO A 24 -7.72 7.80 -9.18
C PRO A 24 -7.13 8.56 -8.01
N GLY A 25 -5.87 8.99 -8.17
CA GLY A 25 -5.16 9.62 -7.07
C GLY A 25 -4.09 8.69 -6.52
N CYS A 26 -4.31 7.40 -6.70
CA CYS A 26 -3.39 6.38 -6.27
C CYS A 26 -2.74 5.72 -7.48
N PRO A 27 -1.49 6.08 -7.78
CA PRO A 27 -0.75 5.53 -8.90
C PRO A 27 0.18 4.40 -8.49
N LYS A 28 -0.08 3.81 -7.33
CA LYS A 28 0.79 2.79 -6.76
C LYS A 28 0.55 1.45 -7.45
N VAL A 29 1.62 0.68 -7.63
CA VAL A 29 1.55 -0.57 -8.35
C VAL A 29 2.32 -1.66 -7.63
N TYR A 30 1.86 -2.90 -7.74
CA TYR A 30 2.47 -4.04 -7.07
C TYR A 30 2.35 -5.28 -7.94
N HIS A 31 3.05 -6.33 -7.59
CA HIS A 31 2.90 -7.61 -8.28
C HIS A 31 1.67 -8.32 -7.74
N ALA A 32 1.02 -9.08 -8.59
CA ALA A 32 -0.10 -9.89 -8.15
C ALA A 32 0.36 -10.97 -7.18
N ASP A 33 1.60 -11.43 -7.38
CA ASP A 33 2.19 -12.47 -6.54
C ASP A 33 2.32 -12.03 -5.08
N CYS A 34 2.93 -10.87 -4.86
CA CYS A 34 3.18 -10.39 -3.51
C CYS A 34 1.90 -9.96 -2.82
N LEU A 35 0.91 -9.58 -3.62
CA LEU A 35 -0.39 -9.19 -3.08
C LEU A 35 -1.27 -10.40 -2.80
N ASN A 36 -0.78 -11.58 -3.21
CA ASN A 36 -1.49 -12.85 -3.02
C ASN A 36 -2.80 -12.83 -3.81
N LEU A 37 -2.76 -12.18 -4.97
CA LEU A 37 -3.93 -12.10 -5.83
C LEU A 37 -4.03 -13.36 -6.68
N THR A 38 -4.49 -14.43 -6.06
CA THR A 38 -4.68 -15.69 -6.78
C THR A 38 -5.87 -15.57 -7.73
N LYS A 39 -6.88 -14.83 -7.31
CA LYS A 39 -8.04 -14.56 -8.14
C LYS A 39 -7.92 -13.16 -8.71
N ARG A 40 -7.87 -13.05 -10.04
CA ARG A 40 -7.70 -11.77 -10.70
C ARG A 40 -8.93 -10.88 -10.46
N PRO A 41 -8.73 -9.73 -9.80
CA PRO A 41 -9.83 -8.81 -9.48
C PRO A 41 -10.42 -8.15 -10.73
N ALA A 42 -11.70 -7.85 -10.67
CA ALA A 42 -12.41 -7.28 -11.81
C ALA A 42 -13.23 -6.06 -11.37
N GLY A 43 -13.38 -5.09 -12.26
CA GLY A 43 -14.18 -3.92 -11.96
C GLY A 43 -13.39 -2.87 -11.21
N LYS A 44 -13.86 -2.54 -10.01
CA LYS A 44 -13.18 -1.56 -9.17
C LYS A 44 -12.37 -2.28 -8.11
N TRP A 45 -11.05 -2.21 -8.23
CA TRP A 45 -10.17 -2.84 -7.26
C TRP A 45 -9.36 -1.80 -6.49
N GLU A 46 -9.46 -1.85 -5.17
CA GLU A 46 -8.68 -0.99 -4.31
C GLU A 46 -7.42 -1.72 -3.86
N CYS A 47 -6.26 -1.09 -3.95
CA CYS A 47 -5.02 -1.70 -3.49
C CYS A 47 -5.07 -1.86 -1.96
N PRO A 48 -4.46 -2.95 -1.43
CA PRO A 48 -4.46 -3.23 0.02
C PRO A 48 -3.69 -2.17 0.82
N TRP A 49 -3.13 -1.20 0.11
CA TRP A 49 -2.51 -0.04 0.73
C TRP A 49 -3.60 0.93 1.20
N HIS A 50 -4.85 0.56 0.90
CA HIS A 50 -6.01 1.28 1.40
C HIS A 50 -6.72 0.44 2.46
N GLN A 51 -6.08 -0.65 2.86
CA GLN A 51 -6.69 -1.59 3.80
C GLN A 51 -5.84 -1.73 5.04
N CYS A 52 -6.48 -1.57 6.18
CA CYS A 52 -5.82 -1.66 7.47
C CYS A 52 -5.27 -3.06 7.69
N ASP A 53 -3.97 -3.16 7.86
CA ASP A 53 -3.29 -4.45 8.03
C ASP A 53 -3.83 -5.19 9.24
N VAL A 54 -4.38 -4.45 10.20
CA VAL A 54 -4.87 -5.05 11.43
C VAL A 54 -6.26 -5.63 11.25
N CYS A 55 -7.22 -4.80 10.85
CA CYS A 55 -8.62 -5.25 10.81
C CYS A 55 -9.12 -5.54 9.39
N GLY A 56 -8.38 -5.09 8.39
CA GLY A 56 -8.76 -5.36 7.01
C GLY A 56 -9.77 -4.38 6.46
N LYS A 57 -10.11 -3.37 7.25
CA LYS A 57 -11.06 -2.35 6.81
C LYS A 57 -10.36 -1.17 6.17
N GLU A 58 -11.13 -0.13 5.89
CA GLU A 58 -10.60 1.09 5.28
C GLU A 58 -9.48 1.70 6.11
N ALA A 59 -8.41 2.11 5.43
CA ALA A 59 -7.27 2.71 6.08
C ALA A 59 -7.30 4.23 5.94
N ALA A 60 -6.84 4.92 6.97
CA ALA A 60 -6.81 6.37 6.96
C ALA A 60 -5.40 6.90 6.81
N SER A 61 -4.43 6.14 7.30
CA SER A 61 -3.04 6.52 7.19
C SER A 61 -2.24 5.37 6.56
N PHE A 62 -1.27 5.72 5.73
CA PHE A 62 -0.55 4.73 4.95
C PHE A 62 0.93 4.76 5.26
N CYS A 63 1.54 3.60 5.50
CA CYS A 63 2.98 3.53 5.68
C CYS A 63 3.66 3.79 4.35
N GLU A 64 4.52 4.79 4.31
CA GLU A 64 5.21 5.16 3.09
C GLU A 64 6.51 4.38 2.95
N MET A 65 6.61 3.28 3.70
CA MET A 65 7.79 2.42 3.63
C MET A 65 7.40 0.97 3.39
N CYS A 66 6.10 0.70 3.26
CA CYS A 66 5.61 -0.64 2.96
C CYS A 66 4.11 -0.59 2.68
N PRO A 67 3.53 -1.61 2.02
CA PRO A 67 2.11 -1.65 1.68
C PRO A 67 1.19 -1.86 2.88
N SER A 68 1.70 -1.63 4.08
CA SER A 68 0.90 -1.79 5.30
C SER A 68 0.28 -0.47 5.72
N SER A 69 -1.04 -0.38 5.61
CA SER A 69 -1.76 0.81 6.02
C SER A 69 -2.65 0.49 7.21
N PHE A 70 -3.15 1.52 7.91
CA PHE A 70 -3.93 1.31 9.11
C PHE A 70 -5.15 2.25 9.15
N CYS A 71 -6.20 1.79 9.81
CA CYS A 71 -7.40 2.60 9.97
C CYS A 71 -7.20 3.59 11.12
N LYS A 72 -8.16 4.48 11.33
CA LYS A 72 -8.04 5.47 12.39
C LYS A 72 -7.83 4.80 13.76
N GLN A 73 -8.50 3.69 13.97
CA GLN A 73 -8.39 2.95 15.23
C GLN A 73 -7.00 2.36 15.39
N HIS A 74 -6.49 1.76 14.33
CA HIS A 74 -5.25 0.98 14.43
C HIS A 74 -4.04 1.73 13.88
N ARG A 75 -4.15 3.04 13.72
CA ARG A 75 -3.01 3.82 13.25
C ARG A 75 -2.21 4.37 14.43
N GLU A 76 -2.90 4.66 15.51
CA GLU A 76 -2.25 5.21 16.70
C GLU A 76 -1.36 4.17 17.35
N GLY A 77 -0.09 4.51 17.54
CA GLY A 77 0.85 3.57 18.13
C GLY A 77 1.44 2.61 17.12
N MET A 78 0.83 2.55 15.93
CA MET A 78 1.29 1.65 14.89
C MET A 78 2.03 2.40 13.79
N LEU A 79 1.53 3.59 13.44
CA LEU A 79 2.17 4.40 12.43
C LEU A 79 2.65 5.71 13.05
N PHE A 80 3.84 6.15 12.65
CA PHE A 80 4.42 7.37 13.17
C PHE A 80 5.28 8.03 12.09
N ILE A 81 5.65 9.28 12.32
CA ILE A 81 6.48 9.99 11.36
C ILE A 81 7.95 9.71 11.62
N SER A 82 8.64 9.27 10.58
CA SER A 82 10.06 9.01 10.64
C SER A 82 10.82 10.32 10.82
N LYS A 83 11.65 10.40 11.84
CA LYS A 83 12.47 11.58 12.07
C LYS A 83 13.60 11.64 11.05
N LEU A 84 13.85 10.50 10.42
CA LEU A 84 14.90 10.40 9.42
C LEU A 84 14.39 10.79 8.03
N ASP A 85 13.32 10.14 7.58
CA ASP A 85 12.82 10.37 6.22
C ASP A 85 11.62 11.31 6.19
N GLY A 86 10.96 11.45 7.32
CA GLY A 86 9.74 12.25 7.36
C GLY A 86 8.53 11.48 6.88
N ARG A 87 8.76 10.24 6.48
CA ARG A 87 7.72 9.37 5.97
C ARG A 87 6.87 8.81 7.11
N LEU A 88 5.63 8.51 6.80
CA LEU A 88 4.79 7.74 7.72
C LEU A 88 5.31 6.32 7.77
N SER A 89 5.86 5.94 8.91
CA SER A 89 6.53 4.65 9.03
C SER A 89 5.86 3.81 10.11
N CYS A 90 5.63 2.53 9.80
CA CYS A 90 4.97 1.63 10.73
C CYS A 90 5.99 1.04 11.71
N THR A 91 5.49 0.56 12.84
CA THR A 91 6.32 0.02 13.91
C THR A 91 6.99 -1.30 13.52
N GLU A 92 6.71 -1.77 12.31
CA GLU A 92 7.31 -3.00 11.81
C GLU A 92 8.70 -2.72 11.27
N HIS A 93 9.04 -1.44 11.16
CA HIS A 93 10.35 -1.04 10.67
C HIS A 93 11.19 -0.52 11.82
N ASP A 94 12.19 -1.27 12.23
CA ASP A 94 13.08 -0.82 13.28
C ASP A 94 14.39 -0.32 12.68
N GLY A 1 0.92 5.27 -20.97
CA GLY A 1 0.53 6.05 -19.76
C GLY A 1 -0.89 5.74 -19.35
N ALA A 2 -1.12 5.67 -18.05
CA ALA A 2 -2.44 5.33 -17.53
C ALA A 2 -2.83 6.27 -16.39
N MET A 3 -2.93 7.56 -16.72
CA MET A 3 -3.26 8.60 -15.75
C MET A 3 -2.10 8.81 -14.77
N GLU A 4 -2.02 7.94 -13.77
CA GLU A 4 -0.95 7.98 -12.78
C GLU A 4 -0.61 6.56 -12.36
N ARG A 5 0.52 6.05 -12.86
CA ARG A 5 0.91 4.68 -12.61
C ARG A 5 2.44 4.59 -12.48
N GLU A 6 2.90 4.03 -11.37
CA GLU A 6 4.33 3.87 -11.13
C GLU A 6 4.85 2.64 -11.86
N ASP A 7 6.15 2.59 -12.12
CA ASP A 7 6.75 1.48 -12.85
C ASP A 7 7.58 0.58 -11.94
N GLU A 8 7.18 0.49 -10.68
CA GLU A 8 7.90 -0.32 -9.72
C GLU A 8 6.96 -0.76 -8.59
N CYS A 9 7.20 -1.93 -8.03
CA CYS A 9 6.35 -2.49 -6.99
C CYS A 9 6.71 -1.89 -5.65
N PHE A 10 5.76 -1.24 -5.00
CA PHE A 10 6.00 -0.63 -3.71
C PHE A 10 6.15 -1.68 -2.61
N SER A 11 5.68 -2.90 -2.91
CA SER A 11 5.79 -4.00 -1.96
C SER A 11 7.21 -4.56 -1.93
N CYS A 12 7.90 -4.55 -3.08
CA CYS A 12 9.19 -5.22 -3.20
C CYS A 12 10.33 -4.27 -3.55
N GLY A 13 10.01 -3.19 -4.25
CA GLY A 13 11.04 -2.31 -4.77
C GLY A 13 11.55 -2.79 -6.10
N ASP A 14 10.86 -3.77 -6.68
CA ASP A 14 11.25 -4.36 -7.95
C ASP A 14 10.17 -4.17 -9.00
N ALA A 15 10.54 -4.29 -10.26
CA ALA A 15 9.60 -4.15 -11.36
C ALA A 15 9.49 -5.45 -12.13
N GLY A 16 8.38 -5.64 -12.82
CA GLY A 16 8.15 -6.86 -13.56
C GLY A 16 6.67 -7.12 -13.77
N GLN A 17 6.16 -8.19 -13.15
CA GLN A 17 4.76 -8.56 -13.26
C GLN A 17 3.90 -7.68 -12.37
N LEU A 18 3.62 -6.46 -12.83
CA LEU A 18 2.91 -5.49 -12.01
C LEU A 18 1.43 -5.40 -12.39
N VAL A 19 0.62 -5.20 -11.36
CA VAL A 19 -0.80 -4.91 -11.52
C VAL A 19 -1.10 -3.59 -10.80
N SER A 20 -1.75 -2.67 -11.49
CA SER A 20 -1.95 -1.34 -10.93
C SER A 20 -3.32 -1.18 -10.32
N CYS A 21 -3.39 -0.31 -9.32
CA CYS A 21 -4.63 0.00 -8.64
C CYS A 21 -5.44 0.95 -9.51
N LYS A 22 -6.58 0.48 -10.01
CA LYS A 22 -7.39 1.26 -10.93
C LYS A 22 -8.28 2.25 -10.18
N LYS A 23 -7.74 2.81 -9.12
CA LYS A 23 -8.45 3.76 -8.28
C LYS A 23 -7.82 5.14 -8.42
N PRO A 24 -8.60 6.14 -8.86
CA PRO A 24 -8.11 7.52 -8.97
C PRO A 24 -7.53 8.01 -7.64
N GLY A 25 -6.33 8.56 -7.71
CA GLY A 25 -5.66 9.02 -6.50
C GLY A 25 -4.57 8.05 -6.05
N CYS A 26 -4.57 6.85 -6.61
CA CYS A 26 -3.60 5.84 -6.27
C CYS A 26 -2.68 5.57 -7.46
N PRO A 27 -1.44 6.08 -7.42
CA PRO A 27 -0.48 5.92 -8.50
C PRO A 27 0.43 4.72 -8.31
N LYS A 28 0.05 3.84 -7.39
CA LYS A 28 0.92 2.74 -6.99
C LYS A 28 0.63 1.48 -7.78
N VAL A 29 1.65 0.62 -7.85
CA VAL A 29 1.56 -0.63 -8.58
C VAL A 29 2.31 -1.72 -7.82
N TYR A 30 1.83 -2.96 -7.93
CA TYR A 30 2.41 -4.07 -7.16
C TYR A 30 2.43 -5.32 -8.01
N HIS A 31 3.14 -6.34 -7.57
CA HIS A 31 3.09 -7.63 -8.24
C HIS A 31 1.90 -8.39 -7.72
N ALA A 32 1.16 -9.02 -8.61
CA ALA A 32 0.03 -9.84 -8.22
C ALA A 32 0.50 -10.99 -7.34
N ASP A 33 1.72 -11.45 -7.61
CA ASP A 33 2.31 -12.56 -6.88
C ASP A 33 2.57 -12.20 -5.42
N CYS A 34 3.20 -11.05 -5.17
CA CYS A 34 3.56 -10.67 -3.81
C CYS A 34 2.33 -10.30 -2.99
N LEU A 35 1.27 -9.91 -3.69
CA LEU A 35 0.01 -9.61 -3.03
C LEU A 35 -0.80 -10.88 -2.78
N ASN A 36 -0.29 -11.98 -3.33
CA ASN A 36 -0.94 -13.29 -3.23
C ASN A 36 -2.32 -13.25 -3.87
N LEU A 37 -2.42 -12.57 -5.01
CA LEU A 37 -3.67 -12.48 -5.73
C LEU A 37 -3.95 -13.79 -6.47
N THR A 38 -4.77 -14.64 -5.87
CA THR A 38 -5.16 -15.88 -6.49
C THR A 38 -6.10 -15.61 -7.67
N LYS A 39 -7.06 -14.71 -7.45
CA LYS A 39 -8.03 -14.35 -8.47
C LYS A 39 -7.78 -12.93 -8.93
N ARG A 40 -7.53 -12.75 -10.23
CA ARG A 40 -7.30 -11.43 -10.79
C ARG A 40 -8.56 -10.57 -10.68
N PRO A 41 -8.50 -9.46 -9.94
CA PRO A 41 -9.65 -8.58 -9.73
C PRO A 41 -10.11 -7.89 -11.01
N ALA A 42 -11.42 -7.77 -11.17
CA ALA A 42 -11.99 -7.13 -12.33
C ALA A 42 -12.84 -5.93 -11.92
N GLY A 43 -12.61 -4.79 -12.56
CA GLY A 43 -13.36 -3.60 -12.24
C GLY A 43 -12.66 -2.73 -11.23
N LYS A 44 -13.41 -2.24 -10.26
CA LYS A 44 -12.86 -1.39 -9.21
C LYS A 44 -12.15 -2.24 -8.17
N TRP A 45 -10.84 -2.14 -8.12
CA TRP A 45 -10.04 -2.90 -7.18
C TRP A 45 -9.40 -1.98 -6.15
N GLU A 46 -9.63 -2.29 -4.88
CA GLU A 46 -9.01 -1.55 -3.79
C GLU A 46 -7.74 -2.26 -3.33
N CYS A 47 -6.57 -1.71 -3.68
CA CYS A 47 -5.30 -2.28 -3.23
C CYS A 47 -5.26 -2.30 -1.69
N PRO A 48 -4.55 -3.29 -1.10
CA PRO A 48 -4.46 -3.44 0.36
C PRO A 48 -3.78 -2.26 1.04
N TRP A 49 -3.30 -1.32 0.24
CA TRP A 49 -2.68 -0.09 0.76
C TRP A 49 -3.77 0.91 1.14
N HIS A 50 -5.02 0.57 0.85
CA HIS A 50 -6.16 1.34 1.33
C HIS A 50 -6.82 0.61 2.48
N GLN A 51 -6.27 -0.54 2.83
CA GLN A 51 -6.89 -1.40 3.82
C GLN A 51 -6.02 -1.53 5.06
N CYS A 52 -6.66 -1.44 6.20
CA CYS A 52 -5.96 -1.59 7.46
C CYS A 52 -5.43 -3.00 7.58
N ASP A 53 -4.11 -3.11 7.70
CA ASP A 53 -3.44 -4.41 7.79
C ASP A 53 -3.96 -5.20 9.00
N VAL A 54 -4.54 -4.50 9.96
CA VAL A 54 -5.02 -5.13 11.18
C VAL A 54 -6.48 -5.60 11.04
N CYS A 55 -7.38 -4.72 10.60
CA CYS A 55 -8.81 -5.05 10.64
C CYS A 55 -9.48 -4.97 9.27
N GLY A 56 -8.73 -4.66 8.22
CA GLY A 56 -9.31 -4.63 6.87
C GLY A 56 -10.12 -3.38 6.57
N LYS A 57 -10.44 -2.58 7.59
CA LYS A 57 -11.18 -1.33 7.39
C LYS A 57 -10.41 -0.37 6.51
N GLU A 58 -11.09 0.63 5.97
CA GLU A 58 -10.45 1.66 5.17
C GLU A 58 -9.37 2.35 5.98
N ALA A 59 -8.16 2.32 5.46
CA ALA A 59 -7.03 2.93 6.12
C ALA A 59 -7.06 4.45 5.97
N ALA A 60 -6.75 5.13 7.06
CA ALA A 60 -6.73 6.58 7.06
C ALA A 60 -5.30 7.09 6.94
N SER A 61 -4.37 6.33 7.51
CA SER A 61 -2.96 6.66 7.41
C SER A 61 -2.22 5.49 6.78
N PHE A 62 -1.37 5.79 5.81
CA PHE A 62 -0.70 4.76 5.03
C PHE A 62 0.79 4.75 5.33
N CYS A 63 1.38 3.57 5.50
CA CYS A 63 2.82 3.48 5.65
C CYS A 63 3.47 3.77 4.32
N GLU A 64 4.34 4.76 4.29
CA GLU A 64 4.99 5.20 3.07
C GLU A 64 6.26 4.40 2.81
N MET A 65 6.36 3.23 3.44
CA MET A 65 7.50 2.36 3.25
C MET A 65 7.06 0.92 2.95
N CYS A 66 5.77 0.64 3.04
CA CYS A 66 5.26 -0.70 2.78
C CYS A 66 3.74 -0.67 2.62
N PRO A 67 3.14 -1.72 2.02
CA PRO A 67 1.69 -1.79 1.76
C PRO A 67 0.85 -1.94 3.04
N SER A 68 1.48 -1.85 4.20
CA SER A 68 0.76 -1.97 5.46
C SER A 68 0.19 -0.62 5.90
N SER A 69 -1.05 -0.39 5.56
CA SER A 69 -1.74 0.83 5.97
C SER A 69 -2.64 0.53 7.17
N PHE A 70 -3.03 1.56 7.93
CA PHE A 70 -3.79 1.35 9.15
C PHE A 70 -4.98 2.29 9.22
N CYS A 71 -6.05 1.83 9.87
CA CYS A 71 -7.24 2.63 10.07
C CYS A 71 -7.04 3.63 11.19
N LYS A 72 -8.00 4.50 11.43
CA LYS A 72 -7.91 5.48 12.51
C LYS A 72 -7.75 4.79 13.87
N GLN A 73 -8.33 3.61 13.99
CA GLN A 73 -8.25 2.83 15.22
C GLN A 73 -6.86 2.26 15.42
N HIS A 74 -6.29 1.69 14.36
CA HIS A 74 -5.06 0.92 14.48
C HIS A 74 -3.85 1.68 13.95
N ARG A 75 -4.01 2.98 13.73
CA ARG A 75 -2.87 3.81 13.34
C ARG A 75 -2.10 4.25 14.57
N GLU A 76 -2.80 4.35 15.69
CA GLU A 76 -2.22 4.87 16.91
C GLU A 76 -1.15 3.93 17.45
N GLY A 77 0.05 4.45 17.63
CA GLY A 77 1.14 3.66 18.15
C GLY A 77 1.70 2.66 17.15
N MET A 78 1.03 2.49 16.02
CA MET A 78 1.45 1.53 15.02
C MET A 78 2.13 2.23 13.85
N LEU A 79 1.66 3.42 13.53
CA LEU A 79 2.26 4.21 12.46
C LEU A 79 2.75 5.54 13.05
N PHE A 80 3.90 6.00 12.59
CA PHE A 80 4.50 7.22 13.08
C PHE A 80 5.29 7.92 11.99
N ILE A 81 5.61 9.18 12.18
CA ILE A 81 6.39 9.93 11.22
C ILE A 81 7.88 9.66 11.41
N SER A 82 8.54 9.29 10.33
CA SER A 82 9.97 9.05 10.34
C SER A 82 10.71 10.35 10.60
N LYS A 83 11.57 10.34 11.61
CA LYS A 83 12.39 11.51 11.91
C LYS A 83 13.49 11.63 10.86
N LEU A 84 13.77 10.53 10.19
CA LEU A 84 14.81 10.50 9.18
C LEU A 84 14.27 10.96 7.81
N ASP A 85 13.21 10.31 7.36
CA ASP A 85 12.69 10.54 6.01
C ASP A 85 11.44 11.41 6.01
N GLY A 86 10.77 11.47 7.15
CA GLY A 86 9.51 12.19 7.23
C GLY A 86 8.33 11.33 6.82
N ARG A 87 8.63 10.21 6.17
CA ARG A 87 7.61 9.29 5.71
C ARG A 87 6.93 8.62 6.88
N LEU A 88 5.64 8.34 6.73
CA LEU A 88 4.92 7.53 7.70
C LEU A 88 5.50 6.12 7.71
N SER A 89 6.02 5.73 8.85
CA SER A 89 6.68 4.44 8.98
C SER A 89 6.00 3.61 10.06
N CYS A 90 5.77 2.34 9.76
CA CYS A 90 5.10 1.45 10.69
C CYS A 90 6.12 0.81 11.65
N THR A 91 5.62 0.23 12.73
CA THR A 91 6.46 -0.41 13.74
C THR A 91 7.23 -1.61 13.19
N GLU A 92 6.88 -2.01 11.98
CA GLU A 92 7.51 -3.18 11.36
C GLU A 92 8.86 -2.80 10.77
N HIS A 93 9.18 -1.51 10.80
CA HIS A 93 10.44 -1.02 10.25
C HIS A 93 11.32 -0.49 11.38
N ASP A 94 11.60 -1.35 12.34
CA ASP A 94 12.40 -0.97 13.49
C ASP A 94 13.82 -1.50 13.34
N GLY A 1 3.93 12.92 -15.60
CA GLY A 1 3.10 11.97 -14.82
C GLY A 1 3.88 10.73 -14.43
N ALA A 2 4.89 10.90 -13.59
CA ALA A 2 5.74 9.80 -13.18
C ALA A 2 5.36 9.28 -11.80
N MET A 3 4.40 9.93 -11.17
CA MET A 3 3.95 9.52 -9.84
C MET A 3 2.82 8.51 -9.93
N GLU A 4 1.80 8.84 -10.71
CA GLU A 4 0.64 7.98 -10.87
C GLU A 4 0.99 6.74 -11.66
N ARG A 5 0.51 5.59 -11.18
CA ARG A 5 0.79 4.30 -11.82
C ARG A 5 2.29 4.11 -12.01
N GLU A 6 2.97 3.97 -10.88
CA GLU A 6 4.40 3.74 -10.84
C GLU A 6 4.76 2.50 -11.66
N ASP A 7 5.98 2.45 -12.17
CA ASP A 7 6.42 1.32 -12.98
C ASP A 7 7.35 0.42 -12.18
N GLU A 8 7.16 0.43 -10.87
CA GLU A 8 7.96 -0.36 -9.95
C GLU A 8 7.10 -0.73 -8.75
N CYS A 9 7.38 -1.87 -8.14
CA CYS A 9 6.54 -2.37 -7.06
C CYS A 9 6.93 -1.71 -5.75
N PHE A 10 6.01 -0.94 -5.20
CA PHE A 10 6.24 -0.24 -3.94
C PHE A 10 6.38 -1.23 -2.78
N SER A 11 5.86 -2.44 -2.98
CA SER A 11 5.90 -3.47 -1.95
C SER A 11 7.28 -4.12 -1.88
N CYS A 12 7.98 -4.20 -3.00
CA CYS A 12 9.26 -4.91 -3.05
C CYS A 12 10.41 -3.96 -3.36
N GLY A 13 10.13 -2.87 -4.07
CA GLY A 13 11.18 -1.98 -4.52
C GLY A 13 11.80 -2.49 -5.80
N ASP A 14 11.11 -3.42 -6.44
CA ASP A 14 11.58 -4.06 -7.66
C ASP A 14 10.49 -4.01 -8.72
N ALA A 15 10.88 -4.08 -9.98
CA ALA A 15 9.92 -4.04 -11.07
C ALA A 15 9.74 -5.42 -11.70
N GLY A 16 8.61 -5.61 -12.35
CA GLY A 16 8.30 -6.89 -12.96
C GLY A 16 6.85 -6.95 -13.40
N GLN A 17 6.20 -8.08 -13.17
CA GLN A 17 4.77 -8.22 -13.46
C GLN A 17 3.97 -7.39 -12.47
N LEU A 18 3.63 -6.17 -12.88
CA LEU A 18 2.95 -5.25 -12.00
C LEU A 18 1.47 -5.13 -12.34
N VAL A 19 0.65 -5.17 -11.31
CA VAL A 19 -0.78 -4.93 -11.44
C VAL A 19 -1.11 -3.61 -10.76
N SER A 20 -1.81 -2.74 -11.46
CA SER A 20 -2.06 -1.40 -10.95
C SER A 20 -3.42 -1.34 -10.27
N CYS A 21 -3.51 -0.44 -9.29
CA CYS A 21 -4.74 -0.24 -8.56
C CYS A 21 -5.76 0.44 -9.46
N LYS A 22 -6.93 -0.14 -9.58
CA LYS A 22 -7.94 0.35 -10.50
C LYS A 22 -8.84 1.35 -9.79
N LYS A 23 -8.30 1.99 -8.77
CA LYS A 23 -8.99 3.00 -8.01
C LYS A 23 -8.35 4.36 -8.30
N PRO A 24 -9.12 5.29 -8.90
CA PRO A 24 -8.62 6.62 -9.26
C PRO A 24 -7.94 7.34 -8.08
N GLY A 25 -6.77 7.91 -8.34
CA GLY A 25 -6.06 8.63 -7.30
C GLY A 25 -4.88 7.84 -6.75
N CYS A 26 -4.90 6.52 -6.94
CA CYS A 26 -3.85 5.67 -6.43
C CYS A 26 -2.67 5.60 -7.41
N PRO A 27 -1.52 6.14 -7.02
CA PRO A 27 -0.35 6.22 -7.89
C PRO A 27 0.61 5.03 -7.77
N LYS A 28 0.20 4.00 -7.04
CA LYS A 28 1.11 2.90 -6.76
C LYS A 28 0.75 1.62 -7.54
N VAL A 29 1.76 0.78 -7.76
CA VAL A 29 1.61 -0.47 -8.45
C VAL A 29 2.34 -1.58 -7.67
N TYR A 30 1.96 -2.83 -7.87
CA TYR A 30 2.54 -3.95 -7.13
C TYR A 30 2.59 -5.19 -7.98
N HIS A 31 3.32 -6.20 -7.53
CA HIS A 31 3.29 -7.51 -8.18
C HIS A 31 2.09 -8.28 -7.68
N ALA A 32 1.53 -9.13 -8.53
CA ALA A 32 0.44 -9.98 -8.14
C ALA A 32 0.92 -11.03 -7.15
N ASP A 33 2.18 -11.42 -7.29
CA ASP A 33 2.80 -12.43 -6.44
C ASP A 33 2.89 -11.96 -4.98
N CYS A 34 3.36 -10.74 -4.76
CA CYS A 34 3.59 -10.24 -3.41
C CYS A 34 2.27 -9.85 -2.74
N LEU A 35 1.25 -9.60 -3.54
CA LEU A 35 -0.06 -9.26 -3.02
C LEU A 35 -0.90 -10.50 -2.71
N ASN A 36 -0.34 -11.67 -3.01
CA ASN A 36 -1.03 -12.94 -2.81
C ASN A 36 -2.27 -13.02 -3.69
N LEU A 37 -2.16 -12.48 -4.91
CA LEU A 37 -3.28 -12.50 -5.84
C LEU A 37 -3.35 -13.83 -6.58
N THR A 38 -3.75 -14.87 -5.86
CA THR A 38 -3.98 -16.17 -6.45
C THR A 38 -5.23 -16.13 -7.32
N LYS A 39 -6.15 -15.26 -6.94
CA LYS A 39 -7.34 -15.00 -7.74
C LYS A 39 -7.11 -13.76 -8.58
N ARG A 40 -7.41 -13.85 -9.87
CA ARG A 40 -7.20 -12.74 -10.78
C ARG A 40 -8.32 -11.70 -10.63
N PRO A 41 -7.97 -10.48 -10.18
CA PRO A 41 -8.96 -9.42 -9.99
C PRO A 41 -9.40 -8.79 -11.30
N ALA A 42 -10.70 -8.53 -11.42
CA ALA A 42 -11.26 -7.94 -12.62
C ALA A 42 -12.26 -6.84 -12.27
N GLY A 43 -12.45 -5.90 -13.18
CA GLY A 43 -13.36 -4.80 -12.93
C GLY A 43 -12.66 -3.65 -12.23
N LYS A 44 -13.09 -3.35 -11.02
CA LYS A 44 -12.46 -2.32 -10.22
C LYS A 44 -11.80 -2.96 -9.00
N TRP A 45 -10.48 -3.01 -9.02
CA TRP A 45 -9.73 -3.60 -7.93
C TRP A 45 -9.04 -2.53 -7.09
N GLU A 46 -9.21 -2.63 -5.78
CA GLU A 46 -8.63 -1.67 -4.86
C GLU A 46 -7.52 -2.33 -4.04
N CYS A 47 -6.33 -1.74 -4.09
CA CYS A 47 -5.16 -2.31 -3.40
C CYS A 47 -5.37 -2.33 -1.88
N PRO A 48 -4.76 -3.30 -1.20
CA PRO A 48 -4.86 -3.44 0.26
C PRO A 48 -4.15 -2.30 1.01
N TRP A 49 -3.54 -1.39 0.26
CA TRP A 49 -2.89 -0.21 0.83
C TRP A 49 -3.95 0.82 1.23
N HIS A 50 -5.21 0.50 0.92
CA HIS A 50 -6.33 1.32 1.35
C HIS A 50 -7.03 0.68 2.55
N GLN A 51 -6.54 -0.48 2.96
CA GLN A 51 -7.21 -1.26 3.99
C GLN A 51 -6.30 -1.48 5.18
N CYS A 52 -6.86 -1.33 6.36
CA CYS A 52 -6.14 -1.49 7.61
C CYS A 52 -5.63 -2.92 7.74
N ASP A 53 -4.32 -3.04 7.92
CA ASP A 53 -3.68 -4.35 8.06
C ASP A 53 -4.21 -5.12 9.26
N VAL A 54 -4.78 -4.40 10.22
CA VAL A 54 -5.27 -5.02 11.44
C VAL A 54 -6.70 -5.52 11.30
N CYS A 55 -7.61 -4.67 10.83
CA CYS A 55 -9.03 -5.03 10.83
C CYS A 55 -9.62 -5.16 9.41
N GLY A 56 -8.81 -4.89 8.39
CA GLY A 56 -9.26 -5.08 7.02
C GLY A 56 -10.32 -4.08 6.59
N LYS A 57 -10.44 -2.99 7.33
CA LYS A 57 -11.41 -1.95 7.00
C LYS A 57 -10.73 -0.71 6.42
N GLU A 58 -11.52 0.33 6.21
CA GLU A 58 -11.02 1.58 5.61
C GLU A 58 -9.84 2.13 6.39
N ALA A 59 -8.74 2.39 5.69
CA ALA A 59 -7.54 2.92 6.31
C ALA A 59 -7.49 4.44 6.20
N ALA A 60 -6.99 5.09 7.23
CA ALA A 60 -6.85 6.53 7.24
C ALA A 60 -5.38 6.93 7.14
N SER A 61 -4.52 6.11 7.72
CA SER A 61 -3.09 6.35 7.68
C SER A 61 -2.41 5.27 6.84
N PHE A 62 -1.46 5.67 6.03
CA PHE A 62 -0.82 4.75 5.10
C PHE A 62 0.69 4.75 5.32
N CYS A 63 1.26 3.56 5.51
CA CYS A 63 2.71 3.46 5.60
C CYS A 63 3.34 3.76 4.25
N GLU A 64 4.25 4.71 4.24
CA GLU A 64 4.87 5.16 3.01
C GLU A 64 6.10 4.32 2.68
N MET A 65 6.18 3.13 3.28
CA MET A 65 7.29 2.21 3.00
C MET A 65 6.79 0.82 2.64
N CYS A 66 5.50 0.56 2.81
CA CYS A 66 4.95 -0.77 2.53
C CYS A 66 3.43 -0.69 2.42
N PRO A 67 2.77 -1.75 1.88
CA PRO A 67 1.31 -1.76 1.67
C PRO A 67 0.51 -1.89 2.96
N SER A 68 1.18 -1.77 4.11
CA SER A 68 0.50 -1.87 5.40
C SER A 68 -0.06 -0.52 5.83
N SER A 69 -1.36 -0.36 5.68
CA SER A 69 -2.04 0.85 6.11
C SER A 69 -2.90 0.56 7.33
N PHE A 70 -3.29 1.60 8.06
CA PHE A 70 -4.03 1.41 9.30
C PHE A 70 -5.23 2.36 9.38
N CYS A 71 -6.28 1.92 10.05
CA CYS A 71 -7.47 2.74 10.23
C CYS A 71 -7.25 3.73 11.38
N LYS A 72 -8.21 4.61 11.59
CA LYS A 72 -8.11 5.60 12.66
C LYS A 72 -7.90 4.92 14.02
N GLN A 73 -8.55 3.79 14.20
CA GLN A 73 -8.49 3.04 15.44
C GLN A 73 -7.13 2.37 15.62
N HIS A 74 -6.59 1.81 14.55
CA HIS A 74 -5.38 0.99 14.65
C HIS A 74 -4.15 1.71 14.10
N ARG A 75 -4.18 3.04 14.06
CA ARG A 75 -3.01 3.80 13.62
C ARG A 75 -2.19 4.27 14.82
N GLU A 76 -2.82 4.33 15.99
CA GLU A 76 -2.15 4.78 17.18
C GLU A 76 -1.06 3.79 17.60
N GLY A 77 0.15 4.29 17.73
CA GLY A 77 1.28 3.45 18.11
C GLY A 77 1.69 2.49 17.00
N MET A 78 1.21 2.72 15.79
CA MET A 78 1.53 1.84 14.67
C MET A 78 2.29 2.57 13.56
N LEU A 79 2.03 3.86 13.39
CA LEU A 79 2.66 4.61 12.33
C LEU A 79 3.38 5.84 12.91
N PHE A 80 4.56 6.15 12.38
CA PHE A 80 5.35 7.28 12.85
C PHE A 80 6.16 7.85 11.69
N ILE A 81 6.71 9.05 11.88
CA ILE A 81 7.50 9.70 10.84
C ILE A 81 8.96 9.26 10.91
N SER A 82 9.51 8.89 9.77
CA SER A 82 10.92 8.55 9.67
C SER A 82 11.76 9.81 9.76
N LYS A 83 12.76 9.79 10.62
CA LYS A 83 13.65 10.93 10.78
C LYS A 83 14.59 11.05 9.58
N LEU A 84 14.85 9.93 8.93
CA LEU A 84 15.71 9.92 7.75
C LEU A 84 14.89 10.19 6.48
N ASP A 85 13.84 9.40 6.28
CA ASP A 85 13.07 9.47 5.04
C ASP A 85 11.99 10.54 5.10
N GLY A 86 11.55 10.87 6.30
CA GLY A 86 10.48 11.84 6.47
C GLY A 86 9.13 11.26 6.14
N ARG A 87 9.14 10.02 5.68
CA ARG A 87 7.94 9.31 5.29
C ARG A 87 7.37 8.54 6.47
N LEU A 88 6.06 8.31 6.45
CA LEU A 88 5.40 7.52 7.49
C LEU A 88 5.89 6.07 7.46
N SER A 89 6.38 5.60 8.58
CA SER A 89 6.90 4.25 8.70
C SER A 89 6.13 3.49 9.76
N CYS A 90 5.74 2.26 9.44
CA CYS A 90 4.99 1.44 10.38
C CYS A 90 5.92 0.70 11.34
N THR A 91 5.37 0.17 12.42
CA THR A 91 6.13 -0.52 13.45
C THR A 91 6.64 -1.89 13.00
N GLU A 92 6.39 -2.23 11.74
CA GLU A 92 6.92 -3.45 11.17
C GLU A 92 8.30 -3.19 10.55
N HIS A 93 8.76 -1.96 10.67
CA HIS A 93 10.06 -1.57 10.13
C HIS A 93 10.98 -1.14 11.26
N ASP A 94 11.83 -2.05 11.71
CA ASP A 94 12.83 -1.71 12.71
C ASP A 94 14.19 -1.68 12.06
N GLY A 1 6.56 8.59 -8.48
CA GLY A 1 5.61 9.53 -9.12
C GLY A 1 4.27 9.56 -8.40
N ALA A 2 3.68 10.75 -8.29
CA ALA A 2 2.39 10.90 -7.61
C ALA A 2 1.24 10.82 -8.58
N MET A 3 1.56 10.58 -9.84
CA MET A 3 0.57 10.47 -10.90
C MET A 3 0.89 9.28 -11.79
N GLU A 4 -0.04 8.90 -12.68
CA GLU A 4 0.16 7.79 -13.60
C GLU A 4 0.24 6.47 -12.84
N ARG A 5 0.71 5.45 -13.52
CA ARG A 5 1.01 4.18 -12.89
C ARG A 5 2.51 4.06 -12.69
N GLU A 6 2.93 3.90 -11.45
CA GLU A 6 4.33 3.77 -11.14
C GLU A 6 4.84 2.43 -11.70
N ASP A 7 6.10 2.39 -12.08
CA ASP A 7 6.64 1.19 -12.72
C ASP A 7 7.60 0.45 -11.79
N GLU A 8 7.14 0.19 -10.58
CA GLU A 8 7.89 -0.62 -9.63
C GLU A 8 6.96 -1.12 -8.54
N CYS A 9 7.21 -2.32 -8.03
CA CYS A 9 6.40 -2.88 -6.97
C CYS A 9 6.88 -2.37 -5.64
N PHE A 10 6.05 -1.61 -4.96
CA PHE A 10 6.42 -1.02 -3.69
C PHE A 10 6.55 -2.10 -2.61
N SER A 11 5.99 -3.28 -2.88
CA SER A 11 6.07 -4.39 -1.96
C SER A 11 7.44 -5.07 -2.02
N CYS A 12 8.01 -5.17 -3.22
CA CYS A 12 9.23 -5.95 -3.41
C CYS A 12 10.43 -5.08 -3.79
N GLY A 13 10.17 -3.96 -4.44
CA GLY A 13 11.25 -3.11 -4.93
C GLY A 13 11.67 -3.46 -6.33
N ASP A 14 10.97 -4.42 -6.92
CA ASP A 14 11.27 -4.87 -8.28
C ASP A 14 10.19 -4.43 -9.25
N ALA A 15 10.55 -4.34 -10.52
CA ALA A 15 9.61 -3.96 -11.56
C ALA A 15 9.39 -5.10 -12.54
N GLY A 16 8.25 -5.08 -13.23
CA GLY A 16 7.92 -6.15 -14.15
C GLY A 16 6.43 -6.30 -14.33
N GLN A 17 5.91 -7.50 -14.05
CA GLN A 17 4.48 -7.76 -14.19
C GLN A 17 3.73 -7.16 -13.01
N LEU A 18 3.25 -5.93 -13.19
CA LEU A 18 2.63 -5.19 -12.12
C LEU A 18 1.15 -4.95 -12.38
N VAL A 19 0.36 -5.06 -11.32
CA VAL A 19 -1.06 -4.76 -11.38
C VAL A 19 -1.34 -3.50 -10.58
N SER A 20 -2.05 -2.55 -11.18
CA SER A 20 -2.23 -1.25 -10.58
C SER A 20 -3.63 -1.10 -9.99
N CYS A 21 -3.76 -0.10 -9.13
CA CYS A 21 -5.01 0.19 -8.44
C CYS A 21 -6.02 0.80 -9.43
N LYS A 22 -7.28 0.43 -9.30
CA LYS A 22 -8.30 0.88 -10.23
C LYS A 22 -8.94 2.18 -9.75
N LYS A 23 -8.27 2.85 -8.82
CA LYS A 23 -8.75 4.12 -8.30
C LYS A 23 -7.81 5.25 -8.71
N PRO A 24 -8.34 6.24 -9.45
CA PRO A 24 -7.59 7.46 -9.78
C PRO A 24 -7.08 8.16 -8.53
N GLY A 25 -5.83 8.59 -8.56
CA GLY A 25 -5.22 9.19 -7.39
C GLY A 25 -4.23 8.26 -6.73
N CYS A 26 -4.36 6.96 -7.02
CA CYS A 26 -3.43 5.96 -6.50
C CYS A 26 -2.46 5.57 -7.61
N PRO A 27 -1.20 6.04 -7.52
CA PRO A 27 -0.18 5.77 -8.53
C PRO A 27 0.61 4.50 -8.24
N LYS A 28 0.22 3.79 -7.18
CA LYS A 28 1.02 2.67 -6.70
C LYS A 28 0.69 1.39 -7.46
N VAL A 29 1.66 0.50 -7.54
CA VAL A 29 1.53 -0.74 -8.30
C VAL A 29 2.29 -1.87 -7.62
N TYR A 30 1.83 -3.11 -7.82
CA TYR A 30 2.39 -4.27 -7.13
C TYR A 30 2.32 -5.49 -8.05
N HIS A 31 3.01 -6.55 -7.68
CA HIS A 31 2.90 -7.81 -8.42
C HIS A 31 1.66 -8.56 -7.96
N ALA A 32 0.98 -9.19 -8.90
CA ALA A 32 -0.20 -9.97 -8.57
C ALA A 32 0.18 -11.16 -7.70
N ASP A 33 1.38 -11.67 -7.92
CA ASP A 33 1.87 -12.82 -7.16
C ASP A 33 2.12 -12.47 -5.69
N CYS A 34 2.78 -11.34 -5.42
CA CYS A 34 3.10 -10.96 -4.06
C CYS A 34 1.85 -10.49 -3.32
N LEU A 35 0.82 -10.16 -4.08
CA LEU A 35 -0.48 -9.82 -3.52
C LEU A 35 -1.33 -11.07 -3.31
N ASN A 36 -0.82 -12.20 -3.77
CA ASN A 36 -1.49 -13.49 -3.70
C ASN A 36 -2.82 -13.44 -4.43
N LEU A 37 -2.81 -12.78 -5.59
CA LEU A 37 -4.00 -12.68 -6.41
C LEU A 37 -4.16 -13.94 -7.27
N THR A 38 -4.66 -15.00 -6.65
CA THR A 38 -4.94 -16.23 -7.36
C THR A 38 -6.12 -16.03 -8.32
N LYS A 39 -7.03 -15.15 -7.93
CA LYS A 39 -8.15 -14.76 -8.76
C LYS A 39 -7.87 -13.39 -9.37
N ARG A 40 -8.42 -13.14 -10.55
CA ARG A 40 -8.27 -11.85 -11.19
C ARG A 40 -9.42 -10.93 -10.79
N PRO A 41 -9.12 -9.82 -10.10
CA PRO A 41 -10.14 -8.89 -9.62
C PRO A 41 -10.81 -8.11 -10.74
N ALA A 42 -12.13 -8.06 -10.72
CA ALA A 42 -12.90 -7.34 -11.72
C ALA A 42 -14.01 -6.54 -11.04
N GLY A 43 -14.07 -5.24 -11.34
CA GLY A 43 -15.04 -4.39 -10.70
C GLY A 43 -14.38 -3.29 -9.91
N LYS A 44 -14.37 -3.43 -8.59
CA LYS A 44 -13.68 -2.48 -7.73
C LYS A 44 -12.68 -3.21 -6.85
N TRP A 45 -11.41 -3.03 -7.14
CA TRP A 45 -10.36 -3.64 -6.35
C TRP A 45 -9.56 -2.58 -5.61
N GLU A 46 -9.70 -2.58 -4.30
CA GLU A 46 -8.93 -1.67 -3.46
C GLU A 46 -7.57 -2.29 -3.15
N CYS A 47 -6.49 -1.61 -3.53
CA CYS A 47 -5.16 -2.09 -3.19
C CYS A 47 -5.03 -2.14 -1.67
N PRO A 48 -4.28 -3.13 -1.15
CA PRO A 48 -4.15 -3.34 0.31
C PRO A 48 -3.53 -2.16 1.04
N TRP A 49 -3.09 -1.16 0.27
CA TRP A 49 -2.54 0.07 0.82
C TRP A 49 -3.68 1.00 1.23
N HIS A 50 -4.91 0.61 0.91
CA HIS A 50 -6.10 1.30 1.41
C HIS A 50 -6.78 0.46 2.46
N GLN A 51 -6.13 -0.62 2.87
CA GLN A 51 -6.73 -1.55 3.82
C GLN A 51 -5.89 -1.65 5.08
N CYS A 52 -6.56 -1.46 6.21
CA CYS A 52 -5.91 -1.52 7.49
C CYS A 52 -5.43 -2.93 7.76
N ASP A 53 -4.15 -3.07 8.08
CA ASP A 53 -3.55 -4.39 8.30
C ASP A 53 -4.15 -5.06 9.52
N VAL A 54 -4.76 -4.28 10.41
CA VAL A 54 -5.31 -4.81 11.64
C VAL A 54 -6.74 -5.31 11.44
N CYS A 55 -7.63 -4.46 10.94
CA CYS A 55 -9.04 -4.83 10.84
C CYS A 55 -9.45 -5.20 9.41
N GLY A 56 -8.59 -4.89 8.44
CA GLY A 56 -8.89 -5.23 7.06
C GLY A 56 -9.90 -4.28 6.43
N LYS A 57 -10.23 -3.21 7.14
CA LYS A 57 -11.19 -2.24 6.65
C LYS A 57 -10.47 -1.05 6.02
N GLU A 58 -11.23 -0.01 5.72
CA GLU A 58 -10.70 1.18 5.08
C GLU A 58 -9.59 1.81 5.92
N ALA A 59 -8.43 1.98 5.30
CA ALA A 59 -7.30 2.61 5.97
C ALA A 59 -7.34 4.11 5.79
N ALA A 60 -6.73 4.82 6.73
CA ALA A 60 -6.66 6.27 6.66
C ALA A 60 -5.23 6.73 6.53
N SER A 61 -4.31 6.04 7.18
CA SER A 61 -2.92 6.38 7.14
C SER A 61 -2.13 5.28 6.44
N PHE A 62 -1.10 5.67 5.69
CA PHE A 62 -0.36 4.74 4.87
C PHE A 62 1.12 4.80 5.21
N CYS A 63 1.74 3.65 5.48
CA CYS A 63 3.19 3.62 5.67
C CYS A 63 3.87 3.93 4.34
N GLU A 64 4.69 4.96 4.34
CA GLU A 64 5.35 5.39 3.11
C GLU A 64 6.67 4.66 2.94
N MET A 65 6.82 3.55 3.65
CA MET A 65 8.01 2.73 3.55
C MET A 65 7.66 1.27 3.27
N CYS A 66 6.37 0.96 3.22
CA CYS A 66 5.91 -0.39 2.89
C CYS A 66 4.40 -0.37 2.65
N PRO A 67 3.86 -1.37 1.94
CA PRO A 67 2.42 -1.45 1.62
C PRO A 67 1.52 -1.76 2.83
N SER A 68 1.96 -1.37 4.02
CA SER A 68 1.16 -1.56 5.22
C SER A 68 0.44 -0.27 5.60
N SER A 69 -0.87 -0.34 5.72
CA SER A 69 -1.68 0.82 6.04
C SER A 69 -2.59 0.53 7.24
N PHE A 70 -3.07 1.58 7.90
CA PHE A 70 -3.89 1.42 9.09
C PHE A 70 -5.06 2.41 9.07
N CYS A 71 -6.16 2.03 9.72
CA CYS A 71 -7.31 2.92 9.82
C CYS A 71 -7.08 3.95 10.92
N LYS A 72 -7.97 4.92 11.05
CA LYS A 72 -7.81 5.95 12.07
C LYS A 72 -7.75 5.33 13.47
N GLN A 73 -8.42 4.21 13.63
CA GLN A 73 -8.45 3.50 14.91
C GLN A 73 -7.12 2.80 15.19
N HIS A 74 -6.59 2.12 14.20
CA HIS A 74 -5.45 1.24 14.40
C HIS A 74 -4.13 1.86 13.94
N ARG A 75 -4.14 3.15 13.68
CA ARG A 75 -2.90 3.85 13.34
C ARG A 75 -2.17 4.29 14.60
N GLU A 76 -2.89 4.32 15.71
CA GLU A 76 -2.32 4.74 16.98
C GLU A 76 -1.28 3.74 17.44
N GLY A 77 -0.05 4.22 17.66
CA GLY A 77 1.02 3.37 18.14
C GLY A 77 1.53 2.40 17.07
N MET A 78 0.85 2.34 15.94
CA MET A 78 1.25 1.43 14.87
C MET A 78 1.96 2.17 13.75
N LEU A 79 1.50 3.39 13.47
CA LEU A 79 2.14 4.23 12.48
C LEU A 79 2.58 5.54 13.14
N PHE A 80 3.75 6.02 12.77
CA PHE A 80 4.27 7.25 13.33
C PHE A 80 5.15 7.96 12.30
N ILE A 81 5.42 9.23 12.52
CA ILE A 81 6.27 9.99 11.61
C ILE A 81 7.73 9.66 11.86
N SER A 82 8.41 9.24 10.81
CA SER A 82 9.82 8.89 10.88
C SER A 82 10.68 10.15 10.81
N LYS A 83 11.64 10.23 11.71
CA LYS A 83 12.54 11.38 11.79
C LYS A 83 13.55 11.37 10.64
N LEU A 84 13.51 10.33 9.83
CA LEU A 84 14.45 10.19 8.72
C LEU A 84 14.05 11.08 7.54
N ASP A 85 12.83 10.90 7.05
CA ASP A 85 12.35 11.70 5.92
C ASP A 85 10.97 12.30 6.20
N GLY A 86 10.51 12.19 7.44
CA GLY A 86 9.21 12.73 7.81
C GLY A 86 8.07 11.91 7.25
N ARG A 87 8.37 10.66 6.93
CA ARG A 87 7.38 9.77 6.35
C ARG A 87 6.62 9.03 7.42
N LEU A 88 5.40 8.63 7.10
CA LEU A 88 4.62 7.78 7.97
C LEU A 88 5.20 6.38 7.96
N SER A 89 5.83 5.99 9.05
CA SER A 89 6.51 4.72 9.15
C SER A 89 5.86 3.81 10.19
N CYS A 90 5.66 2.55 9.82
CA CYS A 90 5.05 1.57 10.72
C CYS A 90 6.08 1.05 11.72
N THR A 91 5.60 0.39 12.77
CA THR A 91 6.47 -0.11 13.84
C THR A 91 7.19 -1.40 13.46
N GLU A 92 7.32 -1.66 12.16
CA GLU A 92 8.02 -2.84 11.69
C GLU A 92 9.28 -2.45 10.91
N HIS A 93 9.78 -1.25 11.17
CA HIS A 93 10.95 -0.77 10.44
C HIS A 93 12.08 -0.37 11.38
N ASP A 94 12.40 -1.26 12.30
CA ASP A 94 13.55 -1.07 13.19
C ASP A 94 14.52 -2.20 13.00
N GLY A 1 5.40 13.75 -7.35
CA GLY A 1 4.17 13.34 -6.62
C GLY A 1 2.91 13.83 -7.29
N ALA A 2 2.79 13.57 -8.59
CA ALA A 2 1.62 14.02 -9.34
C ALA A 2 0.93 12.84 -10.01
N MET A 3 0.44 11.91 -9.19
CA MET A 3 -0.23 10.70 -9.70
C MET A 3 0.71 9.91 -10.60
N GLU A 4 2.00 9.97 -10.28
CA GLU A 4 3.03 9.37 -11.10
C GLU A 4 3.32 7.94 -10.67
N ARG A 5 2.64 6.99 -11.31
CA ARG A 5 2.84 5.59 -11.04
C ARG A 5 4.22 5.16 -11.53
N GLU A 6 5.03 4.62 -10.64
CA GLU A 6 6.36 4.15 -11.03
C GLU A 6 6.29 2.73 -11.57
N ASP A 7 7.12 2.43 -12.56
CA ASP A 7 7.20 1.08 -13.09
C ASP A 7 8.12 0.26 -12.20
N GLU A 8 7.64 0.03 -10.99
CA GLU A 8 8.39 -0.69 -9.98
C GLU A 8 7.44 -1.06 -8.84
N CYS A 9 7.63 -2.22 -8.26
CA CYS A 9 6.76 -2.68 -7.20
C CYS A 9 7.19 -2.09 -5.88
N PHE A 10 6.29 -1.37 -5.24
CA PHE A 10 6.58 -0.71 -3.98
C PHE A 10 6.82 -1.74 -2.87
N SER A 11 6.28 -2.94 -3.07
CA SER A 11 6.42 -4.02 -2.09
C SER A 11 7.79 -4.68 -2.16
N CYS A 12 8.34 -4.80 -3.37
CA CYS A 12 9.57 -5.58 -3.57
C CYS A 12 10.76 -4.72 -4.01
N GLY A 13 10.46 -3.59 -4.63
CA GLY A 13 11.52 -2.74 -5.14
C GLY A 13 12.00 -3.16 -6.51
N ASP A 14 11.23 -4.03 -7.16
CA ASP A 14 11.59 -4.54 -8.47
C ASP A 14 10.42 -4.42 -9.44
N ALA A 15 10.73 -4.42 -10.72
CA ALA A 15 9.72 -4.30 -11.77
C ALA A 15 9.61 -5.60 -12.54
N GLY A 16 8.47 -5.80 -13.17
CA GLY A 16 8.24 -7.03 -13.91
C GLY A 16 6.85 -7.56 -13.70
N GLN A 17 5.94 -7.21 -14.61
CA GLN A 17 4.53 -7.59 -14.51
C GLN A 17 3.89 -6.95 -13.27
N LEU A 18 3.45 -5.72 -13.42
CA LEU A 18 2.87 -4.98 -12.32
C LEU A 18 1.38 -4.73 -12.57
N VAL A 19 0.59 -4.86 -11.51
CA VAL A 19 -0.83 -4.59 -11.57
C VAL A 19 -1.14 -3.29 -10.84
N SER A 20 -1.86 -2.41 -11.51
CA SER A 20 -2.17 -1.10 -10.97
C SER A 20 -3.53 -1.08 -10.28
N CYS A 21 -3.67 -0.15 -9.35
CA CYS A 21 -4.90 0.01 -8.59
C CYS A 21 -5.93 0.76 -9.43
N LYS A 22 -7.18 0.31 -9.40
CA LYS A 22 -8.23 0.92 -10.19
C LYS A 22 -8.99 1.98 -9.39
N LYS A 23 -8.42 2.38 -8.26
CA LYS A 23 -9.04 3.38 -7.41
C LYS A 23 -8.28 4.70 -7.53
N PRO A 24 -9.00 5.80 -7.83
CA PRO A 24 -8.39 7.14 -7.96
C PRO A 24 -7.62 7.56 -6.72
N GLY A 25 -6.56 8.32 -6.93
CA GLY A 25 -5.74 8.77 -5.83
C GLY A 25 -4.70 7.75 -5.42
N CYS A 26 -4.51 6.73 -6.25
CA CYS A 26 -3.54 5.70 -5.97
C CYS A 26 -2.58 5.57 -7.15
N PRO A 27 -1.36 6.11 -7.01
CA PRO A 27 -0.34 6.06 -8.04
C PRO A 27 0.66 4.93 -7.82
N LYS A 28 0.24 3.90 -7.09
CA LYS A 28 1.14 2.81 -6.74
C LYS A 28 0.82 1.56 -7.52
N VAL A 29 1.84 0.73 -7.73
CA VAL A 29 1.70 -0.49 -8.51
C VAL A 29 2.44 -1.63 -7.80
N TYR A 30 1.97 -2.86 -7.97
CA TYR A 30 2.53 -4.01 -7.25
C TYR A 30 2.52 -5.24 -8.15
N HIS A 31 3.20 -6.30 -7.72
CA HIS A 31 3.10 -7.59 -8.39
C HIS A 31 1.89 -8.32 -7.84
N ALA A 32 1.20 -9.03 -8.70
CA ALA A 32 0.08 -9.86 -8.28
C ALA A 32 0.57 -10.98 -7.37
N ASP A 33 1.79 -11.43 -7.63
CA ASP A 33 2.38 -12.54 -6.88
C ASP A 33 2.63 -12.16 -5.41
N CYS A 34 3.25 -11.00 -5.17
CA CYS A 34 3.58 -10.59 -3.80
C CYS A 34 2.32 -10.21 -3.03
N LEU A 35 1.25 -9.95 -3.77
CA LEU A 35 -0.05 -9.68 -3.17
C LEU A 35 -0.81 -10.99 -2.95
N ASN A 36 -0.22 -12.09 -3.42
CA ASN A 36 -0.79 -13.42 -3.29
C ASN A 36 -2.11 -13.54 -4.03
N LEU A 37 -2.20 -12.85 -5.16
CA LEU A 37 -3.40 -12.86 -5.97
C LEU A 37 -3.44 -14.08 -6.87
N THR A 38 -3.69 -15.26 -6.29
CA THR A 38 -3.87 -16.47 -7.06
C THR A 38 -5.14 -16.36 -7.90
N LYS A 39 -6.13 -15.66 -7.35
CA LYS A 39 -7.34 -15.35 -8.07
C LYS A 39 -7.21 -13.98 -8.72
N ARG A 40 -7.08 -13.97 -10.04
CA ARG A 40 -6.92 -12.72 -10.79
C ARG A 40 -8.16 -11.85 -10.62
N PRO A 41 -7.99 -10.61 -10.11
CA PRO A 41 -9.10 -9.69 -9.92
C PRO A 41 -9.76 -9.27 -11.23
N ALA A 42 -11.08 -9.23 -11.24
CA ALA A 42 -11.83 -8.89 -12.43
C ALA A 42 -12.90 -7.84 -12.13
N GLY A 43 -12.72 -6.64 -12.67
CA GLY A 43 -13.69 -5.59 -12.44
C GLY A 43 -13.07 -4.40 -11.75
N LYS A 44 -13.45 -4.18 -10.50
CA LYS A 44 -12.89 -3.09 -9.72
C LYS A 44 -12.03 -3.66 -8.60
N TRP A 45 -10.72 -3.50 -8.73
CA TRP A 45 -9.80 -4.01 -7.74
C TRP A 45 -9.24 -2.88 -6.88
N GLU A 46 -9.17 -3.12 -5.58
CA GLU A 46 -8.62 -2.17 -4.64
C GLU A 46 -7.39 -2.77 -3.96
N CYS A 47 -6.28 -2.04 -3.97
CA CYS A 47 -5.06 -2.51 -3.33
C CYS A 47 -5.27 -2.56 -1.82
N PRO A 48 -4.61 -3.51 -1.13
CA PRO A 48 -4.71 -3.67 0.33
C PRO A 48 -4.15 -2.48 1.09
N TRP A 49 -3.57 -1.54 0.36
CA TRP A 49 -3.00 -0.33 0.94
C TRP A 49 -4.12 0.67 1.29
N HIS A 50 -5.36 0.26 1.03
CA HIS A 50 -6.52 1.08 1.40
C HIS A 50 -7.26 0.43 2.56
N GLN A 51 -6.75 -0.69 3.04
CA GLN A 51 -7.39 -1.42 4.11
C GLN A 51 -6.48 -1.50 5.32
N CYS A 52 -7.07 -1.40 6.49
CA CYS A 52 -6.34 -1.51 7.74
C CYS A 52 -5.90 -2.94 7.95
N ASP A 53 -4.59 -3.16 8.06
CA ASP A 53 -4.05 -4.51 8.20
C ASP A 53 -4.50 -5.15 9.51
N VAL A 54 -5.01 -4.35 10.43
CA VAL A 54 -5.44 -4.87 11.73
C VAL A 54 -6.90 -5.33 11.69
N CYS A 55 -7.81 -4.48 11.23
CA CYS A 55 -9.23 -4.81 11.27
C CYS A 55 -9.81 -5.09 9.88
N GLY A 56 -9.04 -4.80 8.83
CA GLY A 56 -9.48 -5.08 7.48
C GLY A 56 -10.46 -4.04 6.95
N LYS A 57 -10.70 -2.99 7.71
CA LYS A 57 -11.64 -1.96 7.29
C LYS A 57 -10.89 -0.74 6.74
N GLU A 58 -11.65 0.30 6.39
CA GLU A 58 -11.12 1.51 5.77
C GLU A 58 -9.85 2.01 6.47
N ALA A 59 -8.78 2.18 5.70
CA ALA A 59 -7.55 2.73 6.24
C ALA A 59 -7.54 4.25 6.11
N ALA A 60 -6.94 4.91 7.09
CA ALA A 60 -6.88 6.36 7.11
C ALA A 60 -5.47 6.85 6.84
N SER A 61 -4.48 6.16 7.39
CA SER A 61 -3.10 6.52 7.19
C SER A 61 -2.35 5.37 6.51
N PHE A 62 -1.34 5.71 5.73
CA PHE A 62 -0.66 4.73 4.90
C PHE A 62 0.85 4.79 5.16
N CYS A 63 1.47 3.64 5.44
CA CYS A 63 2.91 3.59 5.61
C CYS A 63 3.59 3.84 4.27
N GLU A 64 4.47 4.85 4.25
CA GLU A 64 5.13 5.25 3.01
C GLU A 64 6.38 4.41 2.77
N MET A 65 6.50 3.30 3.49
CA MET A 65 7.65 2.42 3.33
C MET A 65 7.22 1.00 2.98
N CYS A 66 5.94 0.71 3.09
CA CYS A 66 5.44 -0.64 2.83
C CYS A 66 3.93 -0.62 2.64
N PRO A 67 3.34 -1.68 2.06
CA PRO A 67 1.90 -1.76 1.81
C PRO A 67 1.07 -2.01 3.09
N SER A 68 1.57 -1.53 4.22
CA SER A 68 0.83 -1.62 5.47
C SER A 68 0.10 -0.32 5.76
N SER A 69 -1.21 -0.39 5.90
CA SER A 69 -2.03 0.77 6.17
C SER A 69 -2.94 0.50 7.37
N PHE A 70 -3.34 1.55 8.07
CA PHE A 70 -4.12 1.39 9.28
C PHE A 70 -5.28 2.38 9.34
N CYS A 71 -6.32 2.02 10.06
CA CYS A 71 -7.47 2.90 10.24
C CYS A 71 -7.15 3.92 11.34
N LYS A 72 -8.08 4.85 11.59
CA LYS A 72 -7.86 5.88 12.60
C LYS A 72 -7.55 5.27 13.97
N GLN A 73 -8.23 4.16 14.28
CA GLN A 73 -8.08 3.53 15.59
C GLN A 73 -6.76 2.78 15.69
N HIS A 74 -6.37 2.11 14.62
CA HIS A 74 -5.21 1.21 14.68
C HIS A 74 -3.96 1.85 14.10
N ARG A 75 -4.01 3.15 13.82
CA ARG A 75 -2.83 3.85 13.35
C ARG A 75 -2.02 4.38 14.52
N GLU A 76 -2.71 4.65 15.63
CA GLU A 76 -2.07 5.17 16.82
C GLU A 76 -1.13 4.12 17.41
N GLY A 77 0.12 4.50 17.59
CA GLY A 77 1.10 3.58 18.14
C GLY A 77 1.70 2.65 17.10
N MET A 78 1.03 2.52 15.96
CA MET A 78 1.48 1.60 14.92
C MET A 78 2.17 2.35 13.79
N LEU A 79 1.66 3.54 13.45
CA LEU A 79 2.28 4.36 12.43
C LEU A 79 2.76 5.66 13.05
N PHE A 80 3.92 6.13 12.62
CA PHE A 80 4.50 7.36 13.14
C PHE A 80 5.34 8.03 12.07
N ILE A 81 5.70 9.28 12.29
CA ILE A 81 6.52 10.01 11.33
C ILE A 81 7.99 9.71 11.54
N SER A 82 8.65 9.31 10.46
CA SER A 82 10.07 9.03 10.47
C SER A 82 10.86 10.29 10.79
N LYS A 83 11.74 10.18 11.77
CA LYS A 83 12.62 11.28 12.12
C LYS A 83 13.71 11.43 11.07
N LEU A 84 13.94 10.37 10.31
CA LEU A 84 14.97 10.36 9.30
C LEU A 84 14.46 10.92 7.96
N ASP A 85 13.39 10.31 7.43
CA ASP A 85 12.90 10.69 6.11
C ASP A 85 11.63 11.52 6.18
N GLY A 86 11.00 11.53 7.35
CA GLY A 86 9.73 12.22 7.49
C GLY A 86 8.56 11.39 6.99
N ARG A 87 8.87 10.22 6.47
CA ARG A 87 7.86 9.31 5.95
C ARG A 87 7.00 8.74 7.07
N LEU A 88 5.75 8.46 6.76
CA LEU A 88 4.90 7.70 7.66
C LEU A 88 5.43 6.27 7.74
N SER A 89 6.03 5.94 8.86
CA SER A 89 6.70 4.67 9.01
C SER A 89 6.03 3.83 10.09
N CYS A 90 5.83 2.55 9.79
CA CYS A 90 5.15 1.65 10.70
C CYS A 90 6.15 0.98 11.64
N THR A 91 5.64 0.32 12.67
CA THR A 91 6.46 -0.35 13.66
C THR A 91 7.02 -1.69 13.14
N GLU A 92 6.82 -1.95 11.87
CA GLU A 92 7.33 -3.17 11.24
C GLU A 92 8.69 -2.92 10.60
N HIS A 93 9.25 -1.75 10.85
CA HIS A 93 10.53 -1.38 10.25
C HIS A 93 11.55 -1.06 11.33
N ASP A 94 11.68 -1.95 12.30
CA ASP A 94 12.62 -1.76 13.40
C ASP A 94 13.72 -2.80 13.35
N GLY A 1 -1.72 12.32 -16.40
CA GLY A 1 -1.60 12.43 -14.92
C GLY A 1 -2.85 12.00 -14.21
N ALA A 2 -3.90 11.68 -14.96
CA ALA A 2 -5.16 11.25 -14.38
C ALA A 2 -5.14 9.76 -14.10
N MET A 3 -4.43 9.02 -14.93
CA MET A 3 -4.30 7.59 -14.77
C MET A 3 -2.89 7.24 -14.33
N GLU A 4 -2.52 7.70 -13.14
CA GLU A 4 -1.19 7.49 -12.62
C GLU A 4 -0.92 6.02 -12.32
N ARG A 5 0.14 5.50 -12.91
CA ARG A 5 0.55 4.13 -12.68
C ARG A 5 2.06 4.07 -12.52
N GLU A 6 2.49 3.73 -11.32
CA GLU A 6 3.90 3.60 -11.01
C GLU A 6 4.50 2.43 -11.80
N ASP A 7 5.78 2.49 -12.12
CA ASP A 7 6.41 1.46 -12.94
C ASP A 7 7.40 0.64 -12.13
N GLU A 8 7.11 0.49 -10.85
CA GLU A 8 7.94 -0.30 -9.96
C GLU A 8 7.10 -0.74 -8.77
N CYS A 9 7.41 -1.89 -8.20
CA CYS A 9 6.64 -2.38 -7.08
C CYS A 9 7.14 -1.75 -5.80
N PHE A 10 6.26 -1.00 -5.16
CA PHE A 10 6.59 -0.32 -3.92
C PHE A 10 6.86 -1.33 -2.80
N SER A 11 6.33 -2.53 -2.98
CA SER A 11 6.47 -3.59 -1.98
C SER A 11 7.85 -4.24 -2.07
N CYS A 12 8.41 -4.34 -3.28
CA CYS A 12 9.65 -5.09 -3.46
C CYS A 12 10.81 -4.21 -3.94
N GLY A 13 10.48 -3.14 -4.65
CA GLY A 13 11.51 -2.29 -5.24
C GLY A 13 11.88 -2.78 -6.63
N ASP A 14 11.15 -3.77 -7.11
CA ASP A 14 11.43 -4.36 -8.42
C ASP A 14 10.27 -4.12 -9.37
N ALA A 15 10.56 -4.12 -10.66
CA ALA A 15 9.55 -3.93 -11.69
C ALA A 15 9.37 -5.20 -12.49
N GLY A 16 8.22 -5.34 -13.12
CA GLY A 16 7.90 -6.55 -13.85
C GLY A 16 6.41 -6.72 -14.03
N GLN A 17 5.88 -7.86 -13.61
CA GLN A 17 4.44 -8.10 -13.69
C GLN A 17 3.72 -7.35 -12.58
N LEU A 18 3.38 -6.11 -12.87
CA LEU A 18 2.75 -5.25 -11.90
C LEU A 18 1.25 -5.11 -12.17
N VAL A 19 0.47 -5.04 -11.10
CA VAL A 19 -0.95 -4.81 -11.17
C VAL A 19 -1.29 -3.46 -10.54
N SER A 20 -2.03 -2.64 -11.26
CA SER A 20 -2.28 -1.26 -10.85
C SER A 20 -3.65 -1.11 -10.20
N CYS A 21 -3.73 -0.16 -9.28
CA CYS A 21 -4.96 0.12 -8.57
C CYS A 21 -5.95 0.82 -9.50
N LYS A 22 -7.23 0.47 -9.39
CA LYS A 22 -8.23 1.03 -10.30
C LYS A 22 -8.88 2.28 -9.69
N LYS A 23 -8.29 2.80 -8.62
CA LYS A 23 -8.83 3.99 -7.98
C LYS A 23 -8.01 5.22 -8.36
N PRO A 24 -8.65 6.20 -9.02
CA PRO A 24 -8.03 7.48 -9.36
C PRO A 24 -7.42 8.17 -8.14
N GLY A 25 -6.21 8.68 -8.30
CA GLY A 25 -5.53 9.31 -7.19
C GLY A 25 -4.53 8.37 -6.55
N CYS A 26 -4.68 7.08 -6.79
CA CYS A 26 -3.76 6.09 -6.28
C CYS A 26 -2.75 5.75 -7.37
N PRO A 27 -1.51 6.26 -7.25
CA PRO A 27 -0.46 6.07 -8.23
C PRO A 27 0.49 4.93 -7.87
N LYS A 28 -0.03 3.94 -7.13
CA LYS A 28 0.81 2.86 -6.66
C LYS A 28 0.54 1.56 -7.41
N VAL A 29 1.60 0.76 -7.58
CA VAL A 29 1.50 -0.49 -8.31
C VAL A 29 2.28 -1.57 -7.55
N TYR A 30 1.88 -2.82 -7.71
CA TYR A 30 2.48 -3.93 -6.97
C TYR A 30 2.46 -5.20 -7.79
N HIS A 31 3.18 -6.23 -7.34
CA HIS A 31 3.09 -7.55 -7.95
C HIS A 31 1.95 -8.30 -7.32
N ALA A 32 1.30 -9.14 -8.09
CA ALA A 32 0.24 -9.98 -7.59
C ALA A 32 0.78 -10.96 -6.55
N ASP A 33 2.03 -11.37 -6.75
CA ASP A 33 2.68 -12.34 -5.89
C ASP A 33 2.89 -11.81 -4.46
N CYS A 34 3.43 -10.60 -4.35
CA CYS A 34 3.75 -10.03 -3.04
C CYS A 34 2.48 -9.62 -2.31
N LEU A 35 1.40 -9.48 -3.06
CA LEU A 35 0.09 -9.20 -2.47
C LEU A 35 -0.62 -10.50 -2.12
N ASN A 36 0.01 -11.62 -2.48
CA ASN A 36 -0.53 -12.95 -2.25
C ASN A 36 -1.85 -13.15 -2.97
N LEU A 37 -1.96 -12.58 -4.16
CA LEU A 37 -3.16 -12.71 -4.96
C LEU A 37 -3.18 -14.04 -5.70
N THR A 38 -3.61 -15.08 -5.01
CA THR A 38 -3.79 -16.39 -5.63
C THR A 38 -5.02 -16.37 -6.54
N LYS A 39 -5.99 -15.53 -6.20
CA LYS A 39 -7.18 -15.37 -7.01
C LYS A 39 -7.15 -14.01 -7.71
N ARG A 40 -7.42 -14.01 -9.00
CA ARG A 40 -7.38 -12.81 -9.82
C ARG A 40 -8.67 -11.99 -9.65
N PRO A 41 -8.55 -10.69 -9.31
CA PRO A 41 -9.70 -9.79 -9.22
C PRO A 41 -10.32 -9.51 -10.58
N ALA A 42 -11.55 -9.02 -10.59
CA ALA A 42 -12.26 -8.76 -11.83
C ALA A 42 -12.82 -7.33 -11.83
N GLY A 43 -12.55 -6.59 -12.90
CA GLY A 43 -13.08 -5.25 -13.03
C GLY A 43 -12.24 -4.23 -12.30
N LYS A 44 -12.78 -3.69 -11.22
CA LYS A 44 -12.06 -2.70 -10.43
C LYS A 44 -11.39 -3.36 -9.24
N TRP A 45 -10.07 -3.33 -9.23
CA TRP A 45 -9.31 -3.85 -8.11
C TRP A 45 -8.84 -2.71 -7.22
N GLU A 46 -9.12 -2.85 -5.92
CA GLU A 46 -8.70 -1.86 -4.94
C GLU A 46 -7.50 -2.39 -4.17
N CYS A 47 -6.40 -1.64 -4.17
CA CYS A 47 -5.16 -2.11 -3.55
C CYS A 47 -5.31 -2.20 -2.03
N PRO A 48 -4.62 -3.17 -1.40
CA PRO A 48 -4.68 -3.39 0.06
C PRO A 48 -4.01 -2.25 0.84
N TRP A 49 -3.49 -1.28 0.11
CA TRP A 49 -2.89 -0.10 0.70
C TRP A 49 -3.99 0.87 1.15
N HIS A 50 -5.24 0.51 0.84
CA HIS A 50 -6.38 1.25 1.34
C HIS A 50 -7.05 0.46 2.47
N GLN A 51 -6.41 -0.61 2.90
CA GLN A 51 -6.99 -1.50 3.89
C GLN A 51 -6.14 -1.59 5.13
N CYS A 52 -6.79 -1.51 6.28
CA CYS A 52 -6.11 -1.65 7.55
C CYS A 52 -5.61 -3.07 7.70
N ASP A 53 -4.30 -3.22 7.81
CA ASP A 53 -3.68 -4.55 7.88
C ASP A 53 -4.09 -5.27 9.18
N VAL A 54 -4.74 -4.53 10.08
CA VAL A 54 -5.18 -5.11 11.33
C VAL A 54 -6.61 -5.63 11.24
N CYS A 55 -7.56 -4.76 10.88
CA CYS A 55 -8.97 -5.14 10.94
C CYS A 55 -9.62 -5.29 9.56
N GLY A 56 -8.93 -4.86 8.51
CA GLY A 56 -9.46 -5.00 7.16
C GLY A 56 -10.41 -3.88 6.79
N LYS A 57 -10.60 -2.91 7.69
CA LYS A 57 -11.41 -1.74 7.38
C LYS A 57 -10.62 -0.77 6.52
N GLU A 58 -11.31 0.24 6.00
CA GLU A 58 -10.67 1.24 5.15
C GLU A 58 -9.59 1.99 5.94
N ALA A 59 -8.40 2.03 5.38
CA ALA A 59 -7.27 2.68 6.03
C ALA A 59 -7.32 4.19 5.87
N ALA A 60 -6.87 4.89 6.91
CA ALA A 60 -6.80 6.34 6.88
C ALA A 60 -5.35 6.79 6.80
N SER A 61 -4.46 5.98 7.33
CA SER A 61 -3.04 6.27 7.29
C SER A 61 -2.31 5.20 6.49
N PHE A 62 -1.24 5.59 5.82
CA PHE A 62 -0.54 4.67 4.92
C PHE A 62 0.95 4.66 5.24
N CYS A 63 1.51 3.47 5.47
CA CYS A 63 2.95 3.34 5.65
C CYS A 63 3.64 3.60 4.33
N GLU A 64 4.53 4.58 4.31
CA GLU A 64 5.23 4.95 3.09
C GLU A 64 6.48 4.09 2.90
N MET A 65 6.48 2.93 3.53
CA MET A 65 7.59 1.99 3.37
C MET A 65 7.09 0.58 3.07
N CYS A 66 5.78 0.34 3.16
CA CYS A 66 5.23 -0.98 2.92
C CYS A 66 3.71 -0.92 2.78
N PRO A 67 3.08 -1.99 2.25
CA PRO A 67 1.62 -2.03 2.06
C PRO A 67 0.84 -2.26 3.37
N SER A 68 1.43 -1.87 4.50
CA SER A 68 0.73 -1.94 5.77
C SER A 68 0.10 -0.60 6.11
N SER A 69 -1.16 -0.46 5.73
CA SER A 69 -1.92 0.73 6.04
C SER A 69 -2.84 0.47 7.23
N PHE A 70 -3.26 1.53 7.92
CA PHE A 70 -4.04 1.35 9.15
C PHE A 70 -5.25 2.27 9.16
N CYS A 71 -6.30 1.83 9.85
CA CYS A 71 -7.52 2.62 9.97
C CYS A 71 -7.32 3.72 11.02
N LYS A 72 -8.31 4.59 11.19
CA LYS A 72 -8.22 5.66 12.17
C LYS A 72 -7.91 5.13 13.57
N GLN A 73 -8.48 3.97 13.88
CA GLN A 73 -8.32 3.37 15.20
C GLN A 73 -6.95 2.72 15.36
N HIS A 74 -6.54 1.96 14.36
CA HIS A 74 -5.32 1.13 14.49
C HIS A 74 -4.09 1.84 13.96
N ARG A 75 -4.14 3.15 13.82
CA ARG A 75 -2.98 3.90 13.38
C ARG A 75 -2.22 4.49 14.56
N GLU A 76 -2.91 4.65 15.68
CA GLU A 76 -2.28 5.22 16.87
C GLU A 76 -1.20 4.27 17.40
N GLY A 77 0.02 4.76 17.52
CA GLY A 77 1.11 3.96 18.04
C GLY A 77 1.64 2.94 17.04
N MET A 78 0.96 2.79 15.91
CA MET A 78 1.36 1.82 14.90
C MET A 78 2.11 2.49 13.75
N LEU A 79 1.80 3.76 13.51
CA LEU A 79 2.46 4.50 12.45
C LEU A 79 3.07 5.78 13.01
N PHE A 80 4.25 6.14 12.51
CA PHE A 80 4.94 7.32 12.97
C PHE A 80 5.77 7.92 11.82
N ILE A 81 6.18 9.17 11.97
CA ILE A 81 7.00 9.83 10.97
C ILE A 81 8.48 9.53 11.19
N SER A 82 9.13 9.02 10.16
CA SER A 82 10.55 8.75 10.19
C SER A 82 11.33 10.05 10.24
N LYS A 83 12.25 10.15 11.19
CA LYS A 83 13.07 11.33 11.33
C LYS A 83 14.13 11.39 10.22
N LEU A 84 14.31 10.27 9.55
CA LEU A 84 15.29 10.17 8.49
C LEU A 84 14.72 10.64 7.15
N ASP A 85 13.61 10.03 6.75
CA ASP A 85 13.02 10.31 5.44
C ASP A 85 11.77 11.16 5.52
N GLY A 86 11.24 11.34 6.73
CA GLY A 86 9.99 12.08 6.89
C GLY A 86 8.80 11.28 6.44
N ARG A 87 9.04 10.02 6.11
CA ARG A 87 8.01 9.12 5.63
C ARG A 87 7.29 8.46 6.80
N LEU A 88 6.02 8.15 6.61
CA LEU A 88 5.26 7.40 7.59
C LEU A 88 5.75 5.97 7.65
N SER A 89 6.23 5.56 8.81
CA SER A 89 6.78 4.23 8.98
C SER A 89 6.03 3.47 10.07
N CYS A 90 5.71 2.22 9.79
CA CYS A 90 4.98 1.38 10.74
C CYS A 90 5.96 0.72 11.72
N THR A 91 5.42 0.17 12.80
CA THR A 91 6.23 -0.45 13.85
C THR A 91 6.82 -1.80 13.42
N GLU A 92 6.60 -2.16 12.16
CA GLU A 92 7.12 -3.41 11.62
C GLU A 92 8.47 -3.20 10.94
N HIS A 93 9.08 -2.04 11.16
CA HIS A 93 10.31 -1.69 10.48
C HIS A 93 11.44 -1.38 11.45
N ASP A 94 11.66 -2.29 12.38
CA ASP A 94 12.76 -2.15 13.34
C ASP A 94 14.00 -2.84 12.81
N GLY A 1 -4.96 4.16 -10.37
CA GLY A 1 -5.72 4.48 -11.60
C GLY A 1 -4.95 4.09 -12.85
N ALA A 2 -5.33 4.66 -13.98
CA ALA A 2 -4.65 4.38 -15.24
C ALA A 2 -3.73 5.53 -15.63
N MET A 3 -4.13 6.74 -15.28
CA MET A 3 -3.35 7.92 -15.62
C MET A 3 -2.00 7.92 -14.88
N GLU A 4 -2.07 8.03 -13.57
CA GLU A 4 -0.86 8.04 -12.75
C GLU A 4 -0.55 6.63 -12.26
N ARG A 5 0.56 6.09 -12.75
CA ARG A 5 0.98 4.75 -12.37
C ARG A 5 2.48 4.73 -12.10
N GLU A 6 2.88 4.01 -11.06
CA GLU A 6 4.28 3.75 -10.81
C GLU A 6 4.75 2.62 -11.73
N ASP A 7 6.05 2.58 -12.00
CA ASP A 7 6.61 1.55 -12.87
C ASP A 7 7.48 0.59 -12.07
N GLU A 8 7.26 0.56 -10.77
CA GLU A 8 8.00 -0.31 -9.87
C GLU A 8 7.08 -0.78 -8.75
N CYS A 9 7.35 -1.96 -8.23
CA CYS A 9 6.52 -2.53 -7.17
C CYS A 9 6.96 -1.98 -5.83
N PHE A 10 6.05 -1.28 -5.17
CA PHE A 10 6.36 -0.68 -3.88
C PHE A 10 6.60 -1.75 -2.82
N SER A 11 6.03 -2.93 -3.05
CA SER A 11 6.16 -4.03 -2.11
C SER A 11 7.51 -4.71 -2.20
N CYS A 12 8.14 -4.68 -3.37
CA CYS A 12 9.37 -5.43 -3.58
C CYS A 12 10.56 -4.52 -3.92
N GLY A 13 10.27 -3.37 -4.53
CA GLY A 13 11.33 -2.48 -4.96
C GLY A 13 11.86 -2.85 -6.33
N ASP A 14 11.16 -3.78 -6.98
CA ASP A 14 11.56 -4.25 -8.30
C ASP A 14 10.38 -4.14 -9.25
N ALA A 15 10.70 -4.05 -10.54
CA ALA A 15 9.68 -3.94 -11.57
C ALA A 15 9.49 -5.27 -12.28
N GLY A 16 8.33 -5.45 -12.89
CA GLY A 16 8.00 -6.71 -13.52
C GLY A 16 6.53 -6.74 -13.92
N GLN A 17 5.88 -7.88 -13.69
CA GLN A 17 4.44 -7.99 -13.94
C GLN A 17 3.68 -7.19 -12.90
N LEU A 18 3.43 -5.93 -13.20
CA LEU A 18 2.78 -5.05 -12.26
C LEU A 18 1.30 -4.87 -12.58
N VAL A 19 0.49 -4.90 -11.55
CA VAL A 19 -0.93 -4.62 -11.67
C VAL A 19 -1.24 -3.33 -10.91
N SER A 20 -1.91 -2.41 -11.58
CA SER A 20 -2.16 -1.10 -11.01
C SER A 20 -3.52 -1.04 -10.35
N CYS A 21 -3.60 -0.26 -9.29
CA CYS A 21 -4.83 -0.07 -8.53
C CYS A 21 -5.89 0.56 -9.43
N LYS A 22 -7.08 -0.01 -9.46
CA LYS A 22 -8.13 0.44 -10.37
C LYS A 22 -8.91 1.60 -9.74
N LYS A 23 -8.26 2.29 -8.81
CA LYS A 23 -8.87 3.43 -8.15
C LYS A 23 -8.08 4.70 -8.47
N PRO A 24 -8.78 5.78 -8.84
CA PRO A 24 -8.14 7.05 -9.20
C PRO A 24 -7.45 7.70 -8.01
N GLY A 25 -6.38 8.44 -8.28
CA GLY A 25 -5.64 9.10 -7.21
C GLY A 25 -4.54 8.20 -6.66
N CYS A 26 -4.71 6.90 -6.81
CA CYS A 26 -3.76 5.92 -6.32
C CYS A 26 -2.81 5.51 -7.45
N PRO A 27 -1.56 6.00 -7.42
CA PRO A 27 -0.58 5.74 -8.47
C PRO A 27 0.26 4.50 -8.21
N LYS A 28 0.01 3.82 -7.10
CA LYS A 28 0.88 2.72 -6.68
C LYS A 28 0.57 1.43 -7.43
N VAL A 29 1.63 0.66 -7.69
CA VAL A 29 1.53 -0.54 -8.48
C VAL A 29 2.31 -1.67 -7.81
N TYR A 30 1.89 -2.91 -8.03
CA TYR A 30 2.47 -4.06 -7.33
C TYR A 30 2.48 -5.27 -8.26
N HIS A 31 3.20 -6.31 -7.89
CA HIS A 31 3.13 -7.57 -8.61
C HIS A 31 1.93 -8.35 -8.10
N ALA A 32 1.31 -9.10 -8.98
CA ALA A 32 0.18 -9.93 -8.58
C ALA A 32 0.65 -11.03 -7.63
N ASP A 33 1.88 -11.50 -7.81
CA ASP A 33 2.42 -12.58 -7.00
C ASP A 33 2.61 -12.18 -5.54
N CYS A 34 3.23 -11.02 -5.30
CA CYS A 34 3.55 -10.60 -3.94
C CYS A 34 2.28 -10.22 -3.18
N LEU A 35 1.21 -9.98 -3.92
CA LEU A 35 -0.09 -9.68 -3.33
C LEU A 35 -0.90 -10.96 -3.11
N ASN A 36 -0.29 -12.09 -3.46
CA ASN A 36 -0.93 -13.40 -3.35
C ASN A 36 -2.15 -13.48 -4.26
N LEU A 37 -2.10 -12.77 -5.37
CA LEU A 37 -3.17 -12.77 -6.34
C LEU A 37 -2.99 -13.92 -7.33
N THR A 38 -3.20 -15.13 -6.84
CA THR A 38 -3.24 -16.30 -7.70
C THR A 38 -4.50 -16.24 -8.58
N LYS A 39 -5.51 -15.55 -8.06
CA LYS A 39 -6.73 -15.30 -8.78
C LYS A 39 -6.65 -13.94 -9.45
N ARG A 40 -7.34 -13.77 -10.56
CA ARG A 40 -7.31 -12.51 -11.28
C ARG A 40 -8.53 -11.66 -10.94
N PRO A 41 -8.32 -10.51 -10.28
CA PRO A 41 -9.41 -9.59 -9.95
C PRO A 41 -9.94 -8.90 -11.20
N ALA A 42 -11.25 -8.81 -11.31
CA ALA A 42 -11.87 -8.21 -12.47
C ALA A 42 -12.61 -6.93 -12.11
N GLY A 43 -12.53 -5.92 -12.97
CA GLY A 43 -13.25 -4.69 -12.74
C GLY A 43 -12.48 -3.76 -11.83
N LYS A 44 -13.14 -3.30 -10.78
CA LYS A 44 -12.53 -2.37 -9.86
C LYS A 44 -11.80 -3.11 -8.75
N TRP A 45 -10.49 -3.06 -8.80
CA TRP A 45 -9.66 -3.67 -7.77
C TRP A 45 -8.97 -2.58 -6.95
N GLU A 46 -9.17 -2.62 -5.65
CA GLU A 46 -8.53 -1.67 -4.75
C GLU A 46 -7.37 -2.34 -4.03
N CYS A 47 -6.21 -1.68 -4.04
CA CYS A 47 -5.01 -2.21 -3.41
C CYS A 47 -5.19 -2.32 -1.91
N PRO A 48 -4.54 -3.31 -1.26
CA PRO A 48 -4.62 -3.52 0.19
C PRO A 48 -3.98 -2.39 0.98
N TRP A 49 -3.37 -1.45 0.26
CA TRP A 49 -2.76 -0.27 0.86
C TRP A 49 -3.85 0.72 1.30
N HIS A 50 -5.09 0.43 0.93
CA HIS A 50 -6.23 1.21 1.39
C HIS A 50 -6.90 0.53 2.57
N GLN A 51 -6.37 -0.62 2.97
CA GLN A 51 -7.02 -1.41 4.02
C GLN A 51 -6.11 -1.56 5.22
N CYS A 52 -6.70 -1.40 6.39
CA CYS A 52 -5.99 -1.52 7.65
C CYS A 52 -5.53 -2.94 7.85
N ASP A 53 -4.22 -3.13 7.95
CA ASP A 53 -3.64 -4.46 8.09
C ASP A 53 -4.12 -5.15 9.37
N VAL A 54 -4.63 -4.36 10.31
CA VAL A 54 -5.09 -4.90 11.57
C VAL A 54 -6.53 -5.42 11.46
N CYS A 55 -7.46 -4.55 11.06
CA CYS A 55 -8.87 -4.91 11.11
C CYS A 55 -9.47 -5.15 9.71
N GLY A 56 -8.73 -4.80 8.67
CA GLY A 56 -9.21 -5.02 7.31
C GLY A 56 -10.19 -3.95 6.87
N LYS A 57 -10.37 -2.92 7.67
CA LYS A 57 -11.28 -1.84 7.33
C LYS A 57 -10.55 -0.72 6.59
N GLU A 58 -11.27 0.36 6.32
CA GLU A 58 -10.72 1.49 5.57
C GLU A 58 -9.53 2.09 6.30
N ALA A 59 -8.40 2.21 5.60
CA ALA A 59 -7.20 2.78 6.18
C ALA A 59 -7.21 4.30 6.04
N ALA A 60 -6.66 4.96 7.05
CA ALA A 60 -6.62 6.42 7.06
C ALA A 60 -5.21 6.91 6.82
N SER A 61 -4.24 6.18 7.33
CA SER A 61 -2.85 6.52 7.16
C SER A 61 -2.08 5.34 6.59
N PHE A 62 -1.18 5.62 5.66
CA PHE A 62 -0.51 4.57 4.91
C PHE A 62 0.98 4.54 5.21
N CYS A 63 1.53 3.37 5.51
CA CYS A 63 2.98 3.25 5.72
C CYS A 63 3.70 3.47 4.39
N GLU A 64 4.62 4.43 4.39
CA GLU A 64 5.35 4.78 3.18
C GLU A 64 6.58 3.90 3.02
N MET A 65 6.60 2.77 3.70
CA MET A 65 7.67 1.80 3.54
C MET A 65 7.14 0.42 3.15
N CYS A 66 5.86 0.17 3.39
CA CYS A 66 5.30 -1.15 3.14
C CYS A 66 3.78 -1.05 2.99
N PRO A 67 3.13 -2.08 2.41
CA PRO A 67 1.67 -2.09 2.20
C PRO A 67 0.87 -2.29 3.49
N SER A 68 1.51 -2.08 4.64
CA SER A 68 0.81 -2.17 5.91
C SER A 68 0.20 -0.82 6.27
N SER A 69 -1.05 -0.62 5.86
CA SER A 69 -1.78 0.59 6.17
C SER A 69 -2.65 0.38 7.40
N PHE A 70 -3.09 1.47 8.04
CA PHE A 70 -3.86 1.37 9.27
C PHE A 70 -5.04 2.34 9.25
N CYS A 71 -6.11 1.97 9.95
CA CYS A 71 -7.30 2.81 10.04
C CYS A 71 -7.09 3.91 11.07
N LYS A 72 -8.06 4.80 11.20
CA LYS A 72 -7.99 5.89 12.18
C LYS A 72 -7.68 5.37 13.59
N GLN A 73 -8.19 4.19 13.89
CA GLN A 73 -8.04 3.61 15.21
C GLN A 73 -6.68 2.95 15.38
N HIS A 74 -6.31 2.10 14.42
CA HIS A 74 -5.12 1.26 14.56
C HIS A 74 -3.87 1.95 14.01
N ARG A 75 -3.97 3.23 13.74
CA ARG A 75 -2.80 3.98 13.27
C ARG A 75 -2.04 4.57 14.45
N GLU A 76 -2.74 4.75 15.56
CA GLU A 76 -2.11 5.31 16.75
C GLU A 76 -1.08 4.36 17.32
N GLY A 77 0.14 4.83 17.45
CA GLY A 77 1.20 4.01 17.99
C GLY A 77 1.79 3.05 16.98
N MET A 78 0.99 2.63 16.01
CA MET A 78 1.42 1.66 15.00
C MET A 78 2.12 2.34 13.83
N LEU A 79 1.68 3.56 13.52
CA LEU A 79 2.28 4.34 12.46
C LEU A 79 2.74 5.68 13.00
N PHE A 80 3.88 6.15 12.54
CA PHE A 80 4.43 7.42 13.00
C PHE A 80 5.22 8.09 11.88
N ILE A 81 5.52 9.37 12.08
CA ILE A 81 6.28 10.13 11.11
C ILE A 81 7.78 9.98 11.38
N SER A 82 8.52 9.66 10.33
CA SER A 82 9.96 9.53 10.40
C SER A 82 10.59 10.87 10.77
N LYS A 83 11.49 10.83 11.74
CA LYS A 83 12.23 12.02 12.14
C LYS A 83 13.26 12.36 11.08
N LEU A 84 13.66 11.35 10.31
CA LEU A 84 14.67 11.51 9.29
C LEU A 84 14.08 12.00 7.97
N ASP A 85 13.10 11.26 7.45
CA ASP A 85 12.55 11.57 6.13
C ASP A 85 11.23 12.31 6.21
N GLY A 86 10.54 12.14 7.32
CA GLY A 86 9.19 12.69 7.45
C GLY A 86 8.14 11.75 6.88
N ARG A 87 8.57 10.59 6.43
CA ARG A 87 7.68 9.60 5.85
C ARG A 87 7.02 8.77 6.93
N LEU A 88 5.79 8.33 6.67
CA LEU A 88 5.08 7.48 7.61
C LEU A 88 5.71 6.09 7.65
N SER A 89 6.13 5.68 8.83
CA SER A 89 6.75 4.38 9.00
C SER A 89 6.04 3.61 10.12
N CYS A 90 5.76 2.34 9.88
CA CYS A 90 5.04 1.51 10.84
C CYS A 90 6.03 0.88 11.83
N THR A 91 5.52 0.44 12.98
CA THR A 91 6.33 -0.17 14.02
C THR A 91 6.76 -1.59 13.63
N GLU A 92 6.34 -2.03 12.45
CA GLU A 92 6.62 -3.38 12.01
C GLU A 92 7.96 -3.44 11.28
N HIS A 93 8.70 -2.35 11.34
CA HIS A 93 10.01 -2.28 10.71
C HIS A 93 11.09 -2.19 11.78
N ASP A 94 12.08 -3.05 11.68
CA ASP A 94 13.20 -3.05 12.61
C ASP A 94 14.41 -2.37 11.98
N GLY A 1 3.68 15.35 -15.27
CA GLY A 1 3.10 14.28 -16.12
C GLY A 1 1.86 13.67 -15.49
N ALA A 2 1.31 12.66 -16.14
CA ALA A 2 0.12 12.00 -15.64
C ALA A 2 0.42 10.53 -15.35
N MET A 3 1.34 10.30 -14.43
CA MET A 3 1.74 8.95 -14.07
C MET A 3 0.84 8.40 -12.98
N GLU A 4 -0.25 7.77 -13.37
CA GLU A 4 -1.18 7.18 -12.42
C GLU A 4 -0.82 5.72 -12.20
N ARG A 5 0.02 5.19 -13.07
CA ARG A 5 0.48 3.81 -12.94
C ARG A 5 2.01 3.77 -12.99
N GLU A 6 2.62 3.57 -11.83
CA GLU A 6 4.07 3.45 -11.74
C GLU A 6 4.54 2.14 -12.37
N ASP A 7 5.81 2.08 -12.74
CA ASP A 7 6.34 0.89 -13.39
C ASP A 7 7.41 0.25 -12.51
N GLU A 8 7.07 0.05 -11.25
CA GLU A 8 7.95 -0.60 -10.29
C GLU A 8 7.15 -1.00 -9.06
N CYS A 9 7.49 -2.14 -8.48
CA CYS A 9 6.77 -2.61 -7.31
C CYS A 9 7.34 -1.96 -6.07
N PHE A 10 6.50 -1.23 -5.37
CA PHE A 10 6.92 -0.52 -4.17
C PHE A 10 7.31 -1.49 -3.06
N SER A 11 6.78 -2.71 -3.13
CA SER A 11 7.09 -3.73 -2.13
C SER A 11 8.47 -4.35 -2.35
N CYS A 12 8.78 -4.66 -3.62
CA CYS A 12 9.97 -5.45 -3.91
C CYS A 12 11.10 -4.61 -4.52
N GLY A 13 10.74 -3.53 -5.21
CA GLY A 13 11.75 -2.72 -5.87
C GLY A 13 11.97 -3.16 -7.31
N ASP A 14 11.41 -4.30 -7.67
CA ASP A 14 11.55 -4.85 -9.02
C ASP A 14 10.34 -4.48 -9.87
N ALA A 15 10.52 -4.54 -11.19
CA ALA A 15 9.45 -4.27 -12.12
C ALA A 15 9.22 -5.48 -13.01
N GLY A 16 8.01 -5.60 -13.54
CA GLY A 16 7.65 -6.75 -14.34
C GLY A 16 6.15 -6.94 -14.40
N GLN A 17 5.66 -8.01 -13.79
CA GLN A 17 4.23 -8.27 -13.76
C GLN A 17 3.57 -7.48 -12.63
N LEU A 18 3.20 -6.26 -12.93
CA LEU A 18 2.61 -5.38 -11.95
C LEU A 18 1.10 -5.27 -12.16
N VAL A 19 0.36 -5.22 -11.07
CA VAL A 19 -1.07 -4.99 -11.10
C VAL A 19 -1.36 -3.64 -10.46
N SER A 20 -2.13 -2.81 -11.15
CA SER A 20 -2.31 -1.44 -10.74
C SER A 20 -3.66 -1.26 -10.04
N CYS A 21 -3.68 -0.29 -9.13
CA CYS A 21 -4.86 0.03 -8.36
C CYS A 21 -5.89 0.72 -9.24
N LYS A 22 -7.16 0.32 -9.13
CA LYS A 22 -8.22 0.90 -9.96
C LYS A 22 -8.81 2.12 -9.27
N LYS A 23 -7.99 2.84 -8.54
CA LYS A 23 -8.41 4.05 -7.84
C LYS A 23 -7.66 5.26 -8.37
N PRO A 24 -8.38 6.24 -8.94
CA PRO A 24 -7.78 7.51 -9.35
C PRO A 24 -7.11 8.20 -8.18
N GLY A 25 -5.90 8.71 -8.39
CA GLY A 25 -5.16 9.33 -7.31
C GLY A 25 -4.20 8.37 -6.64
N CYS A 26 -4.29 7.10 -6.98
CA CYS A 26 -3.40 6.09 -6.44
C CYS A 26 -2.49 5.56 -7.54
N PRO A 27 -1.22 6.01 -7.57
CA PRO A 27 -0.26 5.60 -8.58
C PRO A 27 0.57 4.40 -8.16
N LYS A 28 0.18 3.78 -7.06
CA LYS A 28 0.96 2.68 -6.50
C LYS A 28 0.64 1.37 -7.23
N VAL A 29 1.69 0.61 -7.51
CA VAL A 29 1.57 -0.63 -8.27
C VAL A 29 2.42 -1.72 -7.61
N TYR A 30 1.96 -2.96 -7.69
CA TYR A 30 2.64 -4.07 -7.03
C TYR A 30 2.56 -5.31 -7.90
N HIS A 31 3.33 -6.33 -7.56
CA HIS A 31 3.22 -7.62 -8.25
C HIS A 31 2.03 -8.38 -7.68
N ALA A 32 1.38 -9.14 -8.53
CA ALA A 32 0.28 -9.96 -8.09
C ALA A 32 0.77 -11.06 -7.16
N ASP A 33 2.01 -11.51 -7.40
CA ASP A 33 2.60 -12.57 -6.59
C ASP A 33 2.84 -12.12 -5.15
N CYS A 34 3.44 -10.93 -4.97
CA CYS A 34 3.77 -10.44 -3.63
C CYS A 34 2.51 -9.96 -2.91
N LEU A 35 1.42 -9.83 -3.65
CA LEU A 35 0.13 -9.50 -3.07
C LEU A 35 -0.69 -10.76 -2.78
N ASN A 36 -0.14 -11.90 -3.17
CA ASN A 36 -0.79 -13.20 -3.01
C ASN A 36 -2.09 -13.24 -3.80
N LEU A 37 -2.08 -12.59 -4.95
CA LEU A 37 -3.24 -12.56 -5.82
C LEU A 37 -3.25 -13.76 -6.75
N THR A 38 -3.56 -14.92 -6.19
CA THR A 38 -3.72 -16.13 -6.99
C THR A 38 -4.95 -15.99 -7.89
N LYS A 39 -5.93 -15.23 -7.40
CA LYS A 39 -7.12 -14.93 -8.17
C LYS A 39 -6.91 -13.62 -8.92
N ARG A 40 -7.46 -13.54 -10.13
CA ARG A 40 -7.34 -12.36 -10.94
C ARG A 40 -8.52 -11.42 -10.68
N PRO A 41 -8.27 -10.25 -10.09
CA PRO A 41 -9.33 -9.30 -9.76
C PRO A 41 -10.00 -8.73 -11.01
N ALA A 42 -11.32 -8.67 -10.99
CA ALA A 42 -12.08 -8.17 -12.13
C ALA A 42 -12.76 -6.84 -11.78
N GLY A 43 -12.55 -5.83 -12.61
CA GLY A 43 -13.20 -4.55 -12.39
C GLY A 43 -12.41 -3.67 -11.45
N LYS A 44 -13.09 -3.14 -10.44
CA LYS A 44 -12.46 -2.25 -9.48
C LYS A 44 -11.70 -3.03 -8.42
N TRP A 45 -10.39 -2.98 -8.50
CA TRP A 45 -9.54 -3.54 -7.48
C TRP A 45 -8.81 -2.43 -6.74
N GLU A 46 -8.96 -2.38 -5.43
CA GLU A 46 -8.27 -1.40 -4.62
C GLU A 46 -7.09 -2.06 -3.92
N CYS A 47 -5.95 -1.39 -3.96
CA CYS A 47 -4.75 -1.91 -3.32
C CYS A 47 -4.96 -2.00 -1.82
N PRO A 48 -4.36 -3.01 -1.16
CA PRO A 48 -4.46 -3.21 0.30
C PRO A 48 -3.88 -2.03 1.08
N TRP A 49 -3.28 -1.10 0.35
CA TRP A 49 -2.73 0.12 0.93
C TRP A 49 -3.86 1.09 1.30
N HIS A 50 -5.09 0.68 0.99
CA HIS A 50 -6.27 1.43 1.42
C HIS A 50 -7.01 0.67 2.50
N GLN A 51 -6.45 -0.45 2.93
CA GLN A 51 -7.11 -1.30 3.91
C GLN A 51 -6.24 -1.46 5.14
N CYS A 52 -6.86 -1.39 6.29
CA CYS A 52 -6.16 -1.53 7.55
C CYS A 52 -5.68 -2.95 7.73
N ASP A 53 -4.37 -3.12 7.83
CA ASP A 53 -3.76 -4.44 7.93
C ASP A 53 -4.27 -5.20 9.16
N VAL A 54 -4.78 -4.46 10.14
CA VAL A 54 -5.26 -5.07 11.38
C VAL A 54 -6.71 -5.54 11.25
N CYS A 55 -7.62 -4.65 10.90
CA CYS A 55 -9.04 -4.99 10.90
C CYS A 55 -9.61 -5.21 9.51
N GLY A 56 -8.82 -4.92 8.47
CA GLY A 56 -9.26 -5.16 7.11
C GLY A 56 -10.23 -4.13 6.60
N LYS A 57 -10.52 -3.12 7.42
CA LYS A 57 -11.45 -2.07 7.04
C LYS A 57 -10.71 -0.91 6.39
N GLU A 58 -11.43 0.19 6.17
CA GLU A 58 -10.87 1.38 5.56
C GLU A 58 -9.65 1.89 6.33
N ALA A 59 -8.58 2.14 5.62
CA ALA A 59 -7.39 2.73 6.20
C ALA A 59 -7.42 4.25 6.09
N ALA A 60 -6.90 4.92 7.09
CA ALA A 60 -6.89 6.37 7.11
C ALA A 60 -5.47 6.92 6.93
N SER A 61 -4.51 6.17 7.46
CA SER A 61 -3.12 6.57 7.34
C SER A 61 -2.31 5.46 6.67
N PHE A 62 -1.37 5.85 5.82
CA PHE A 62 -0.65 4.90 5.00
C PHE A 62 0.84 4.92 5.33
N CYS A 63 1.43 3.74 5.53
CA CYS A 63 2.87 3.66 5.74
C CYS A 63 3.58 3.92 4.41
N GLU A 64 4.50 4.87 4.42
CA GLU A 64 5.20 5.26 3.19
C GLU A 64 6.42 4.39 2.96
N MET A 65 6.56 3.32 3.74
CA MET A 65 7.69 2.41 3.60
C MET A 65 7.23 1.01 3.19
N CYS A 66 5.93 0.75 3.26
CA CYS A 66 5.42 -0.58 2.96
C CYS A 66 3.92 -0.52 2.70
N PRO A 67 3.33 -1.59 2.11
CA PRO A 67 1.90 -1.63 1.77
C PRO A 67 0.99 -1.75 3.00
N SER A 68 1.55 -1.63 4.19
CA SER A 68 0.77 -1.75 5.42
C SER A 68 0.13 -0.41 5.80
N SER A 69 -1.18 -0.35 5.72
CA SER A 69 -1.91 0.84 6.10
C SER A 69 -2.83 0.53 7.28
N PHE A 70 -3.27 1.55 8.00
CA PHE A 70 -4.06 1.35 9.21
C PHE A 70 -5.21 2.33 9.29
N CYS A 71 -6.27 1.93 9.98
CA CYS A 71 -7.43 2.78 10.19
C CYS A 71 -7.14 3.80 11.29
N LYS A 72 -8.06 4.71 11.55
CA LYS A 72 -7.86 5.74 12.56
C LYS A 72 -7.62 5.11 13.94
N GLN A 73 -8.23 3.97 14.19
CA GLN A 73 -8.06 3.26 15.44
C GLN A 73 -6.70 2.58 15.53
N HIS A 74 -6.36 1.82 14.51
CA HIS A 74 -5.17 0.98 14.55
C HIS A 74 -3.94 1.68 14.00
N ARG A 75 -4.03 2.99 13.81
CA ARG A 75 -2.88 3.78 13.38
C ARG A 75 -2.13 4.33 14.57
N GLU A 76 -2.84 4.58 15.66
CA GLU A 76 -2.25 5.21 16.83
C GLU A 76 -1.24 4.26 17.46
N GLY A 77 0.00 4.72 17.61
CA GLY A 77 1.04 3.90 18.19
C GLY A 77 1.61 2.89 17.21
N MET A 78 0.91 2.66 16.11
CA MET A 78 1.35 1.70 15.11
C MET A 78 2.05 2.41 13.95
N LEU A 79 1.54 3.57 13.56
CA LEU A 79 2.18 4.37 12.54
C LEU A 79 2.66 5.68 13.14
N PHE A 80 3.84 6.12 12.73
CA PHE A 80 4.43 7.33 13.26
C PHE A 80 5.30 7.99 12.19
N ILE A 81 5.67 9.24 12.42
CA ILE A 81 6.54 9.95 11.48
C ILE A 81 7.99 9.59 11.72
N SER A 82 8.65 9.14 10.67
CA SER A 82 10.06 8.79 10.73
C SER A 82 10.90 10.06 10.70
N LYS A 83 11.79 10.20 11.67
CA LYS A 83 12.64 11.38 11.76
C LYS A 83 13.70 11.38 10.67
N LEU A 84 13.75 10.30 9.90
CA LEU A 84 14.73 10.18 8.84
C LEU A 84 14.26 10.90 7.58
N ASP A 85 13.06 10.56 7.11
CA ASP A 85 12.55 11.11 5.86
C ASP A 85 11.28 11.92 6.07
N GLY A 86 10.80 11.95 7.30
CA GLY A 86 9.54 12.61 7.58
C GLY A 86 8.36 11.81 7.04
N ARG A 87 8.62 10.55 6.73
CA ARG A 87 7.63 9.67 6.17
C ARG A 87 6.93 8.88 7.26
N LEU A 88 5.69 8.51 7.01
CA LEU A 88 4.95 7.67 7.94
C LEU A 88 5.52 6.26 7.92
N SER A 89 6.01 5.83 9.07
CA SER A 89 6.63 4.53 9.20
C SER A 89 5.91 3.71 10.26
N CYS A 90 5.64 2.45 9.96
CA CYS A 90 4.93 1.57 10.88
C CYS A 90 5.90 0.89 11.83
N THR A 91 5.38 0.39 12.95
CA THR A 91 6.18 -0.28 13.97
C THR A 91 6.64 -1.67 13.51
N GLU A 92 6.25 -2.05 12.30
CA GLU A 92 6.64 -3.33 11.74
C GLU A 92 8.00 -3.23 11.07
N HIS A 93 8.59 -2.04 11.10
CA HIS A 93 9.92 -1.82 10.55
C HIS A 93 10.93 -1.75 11.69
N ASP A 94 10.93 -2.80 12.49
CA ASP A 94 11.83 -2.89 13.64
C ASP A 94 13.14 -3.55 13.22
N GLY A 1 7.31 6.77 -13.95
CA GLY A 1 6.92 7.71 -12.88
C GLY A 1 5.65 7.28 -12.19
N ALA A 2 5.28 7.99 -11.13
CA ALA A 2 4.08 7.65 -10.38
C ALA A 2 3.01 8.74 -10.52
N MET A 3 2.46 8.85 -11.72
CA MET A 3 1.37 9.79 -11.97
C MET A 3 0.03 9.09 -11.73
N GLU A 4 -0.27 8.12 -12.57
CA GLU A 4 -1.45 7.29 -12.37
C GLU A 4 -1.05 5.93 -11.83
N ARG A 5 0.01 5.38 -12.41
CA ARG A 5 0.52 4.08 -12.03
C ARG A 5 2.03 4.14 -11.92
N GLU A 6 2.57 3.68 -10.80
CA GLU A 6 4.01 3.67 -10.59
C GLU A 6 4.65 2.60 -11.48
N ASP A 7 5.92 2.78 -11.81
CA ASP A 7 6.62 1.87 -12.72
C ASP A 7 7.48 0.89 -11.96
N GLU A 8 7.15 0.66 -10.71
CA GLU A 8 7.93 -0.20 -9.85
C GLU A 8 7.05 -0.75 -8.74
N CYS A 9 7.38 -1.93 -8.24
CA CYS A 9 6.60 -2.53 -7.16
C CYS A 9 7.06 -1.95 -5.85
N PHE A 10 6.14 -1.31 -5.15
CA PHE A 10 6.47 -0.63 -3.91
C PHE A 10 6.88 -1.64 -2.84
N SER A 11 6.41 -2.88 -2.96
CA SER A 11 6.74 -3.93 -2.01
C SER A 11 8.14 -4.48 -2.24
N CYS A 12 8.51 -4.69 -3.50
CA CYS A 12 9.75 -5.39 -3.82
C CYS A 12 10.88 -4.43 -4.21
N GLY A 13 10.51 -3.29 -4.76
CA GLY A 13 11.51 -2.37 -5.27
C GLY A 13 11.94 -2.75 -6.67
N ASP A 14 11.24 -3.72 -7.25
CA ASP A 14 11.56 -4.20 -8.59
C ASP A 14 10.36 -4.06 -9.50
N ALA A 15 10.63 -4.00 -10.79
CA ALA A 15 9.59 -3.90 -11.80
C ALA A 15 9.39 -5.23 -12.49
N GLY A 16 8.21 -5.41 -13.07
CA GLY A 16 7.87 -6.66 -13.70
C GLY A 16 6.42 -6.67 -14.14
N GLN A 17 5.70 -7.76 -13.88
CA GLN A 17 4.29 -7.79 -14.16
C GLN A 17 3.52 -7.11 -13.04
N LEU A 18 3.35 -5.80 -13.18
CA LEU A 18 2.75 -5.01 -12.13
C LEU A 18 1.24 -4.85 -12.34
N VAL A 19 0.49 -5.13 -11.29
CA VAL A 19 -0.95 -4.95 -11.31
C VAL A 19 -1.28 -3.67 -10.57
N SER A 20 -2.06 -2.82 -11.21
CA SER A 20 -2.27 -1.47 -10.70
C SER A 20 -3.62 -1.33 -10.03
N CYS A 21 -3.66 -0.40 -9.09
CA CYS A 21 -4.88 -0.08 -8.38
C CYS A 21 -5.82 0.67 -9.33
N LYS A 22 -7.07 0.23 -9.40
CA LYS A 22 -8.02 0.86 -10.31
C LYS A 22 -8.79 1.97 -9.58
N LYS A 23 -8.07 2.67 -8.73
CA LYS A 23 -8.62 3.79 -8.00
C LYS A 23 -7.89 5.07 -8.39
N PRO A 24 -8.55 5.97 -9.14
CA PRO A 24 -7.96 7.25 -9.54
C PRO A 24 -7.42 8.03 -8.35
N GLY A 25 -6.18 8.48 -8.44
CA GLY A 25 -5.55 9.17 -7.32
C GLY A 25 -4.55 8.29 -6.62
N CYS A 26 -4.66 6.98 -6.83
CA CYS A 26 -3.73 6.03 -6.27
C CYS A 26 -2.69 5.64 -7.32
N PRO A 27 -1.47 6.17 -7.21
CA PRO A 27 -0.41 5.94 -8.18
C PRO A 27 0.51 4.78 -7.79
N LYS A 28 -0.02 3.82 -7.05
CA LYS A 28 0.79 2.72 -6.55
C LYS A 28 0.51 1.43 -7.30
N VAL A 29 1.55 0.62 -7.48
CA VAL A 29 1.45 -0.61 -8.24
C VAL A 29 2.26 -1.72 -7.55
N TYR A 30 1.88 -2.97 -7.79
CA TYR A 30 2.49 -4.10 -7.11
C TYR A 30 2.50 -5.31 -8.02
N HIS A 31 3.23 -6.35 -7.65
CA HIS A 31 3.13 -7.63 -8.33
C HIS A 31 2.02 -8.44 -7.68
N ALA A 32 1.30 -9.21 -8.47
CA ALA A 32 0.24 -10.03 -7.95
C ALA A 32 0.80 -11.16 -7.08
N ASP A 33 1.99 -11.63 -7.43
CA ASP A 33 2.63 -12.72 -6.71
C ASP A 33 3.03 -12.31 -5.28
N CYS A 34 3.60 -11.11 -5.11
CA CYS A 34 4.01 -10.65 -3.79
C CYS A 34 2.80 -10.27 -2.95
N LEU A 35 1.68 -10.05 -3.63
CA LEU A 35 0.41 -9.82 -2.95
C LEU A 35 -0.29 -11.14 -2.66
N ASN A 36 0.34 -12.24 -3.11
CA ASN A 36 -0.18 -13.59 -2.92
C ASN A 36 -1.52 -13.77 -3.62
N LEU A 37 -1.70 -13.06 -4.72
CA LEU A 37 -2.92 -13.15 -5.50
C LEU A 37 -2.82 -14.29 -6.50
N THR A 38 -3.16 -15.49 -6.05
CA THR A 38 -3.18 -16.66 -6.93
C THR A 38 -4.28 -16.48 -7.98
N LYS A 39 -5.41 -15.93 -7.54
CA LYS A 39 -6.50 -15.60 -8.43
C LYS A 39 -6.40 -14.13 -8.83
N ARG A 40 -6.14 -13.88 -10.10
CA ARG A 40 -6.03 -12.52 -10.60
C ARG A 40 -7.38 -11.81 -10.52
N PRO A 41 -7.46 -10.72 -9.74
CA PRO A 41 -8.70 -9.97 -9.57
C PRO A 41 -9.15 -9.30 -10.86
N ALA A 42 -10.43 -9.44 -11.17
CA ALA A 42 -10.98 -8.85 -12.38
C ALA A 42 -11.90 -7.69 -12.01
N GLY A 43 -11.86 -6.62 -12.79
CA GLY A 43 -12.73 -5.49 -12.56
C GLY A 43 -12.05 -4.43 -11.73
N LYS A 44 -12.76 -3.87 -10.77
CA LYS A 44 -12.20 -2.85 -9.91
C LYS A 44 -11.41 -3.49 -8.78
N TRP A 45 -10.11 -3.41 -8.84
CA TRP A 45 -9.27 -3.91 -7.79
C TRP A 45 -8.73 -2.77 -6.95
N GLU A 46 -8.92 -2.87 -5.65
CA GLU A 46 -8.44 -1.86 -4.72
C GLU A 46 -7.22 -2.41 -3.99
N CYS A 47 -6.11 -1.67 -4.03
CA CYS A 47 -4.89 -2.12 -3.39
C CYS A 47 -5.11 -2.21 -1.88
N PRO A 48 -4.48 -3.23 -1.22
CA PRO A 48 -4.61 -3.42 0.23
C PRO A 48 -3.99 -2.29 1.02
N TRP A 49 -3.43 -1.32 0.30
CA TRP A 49 -2.85 -0.12 0.89
C TRP A 49 -3.97 0.83 1.30
N HIS A 50 -5.21 0.46 0.97
CA HIS A 50 -6.38 1.21 1.42
C HIS A 50 -7.06 0.46 2.55
N GLN A 51 -6.49 -0.67 2.94
CA GLN A 51 -7.11 -1.51 3.94
C GLN A 51 -6.24 -1.63 5.17
N CYS A 52 -6.83 -1.44 6.32
CA CYS A 52 -6.12 -1.52 7.59
C CYS A 52 -5.63 -2.95 7.81
N ASP A 53 -4.33 -3.11 7.99
CA ASP A 53 -3.72 -4.44 8.15
C ASP A 53 -4.24 -5.12 9.42
N VAL A 54 -4.83 -4.33 10.32
CA VAL A 54 -5.34 -4.87 11.57
C VAL A 54 -6.79 -5.35 11.43
N CYS A 55 -7.68 -4.47 10.99
CA CYS A 55 -9.10 -4.81 10.96
C CYS A 55 -9.63 -5.01 9.54
N GLY A 56 -8.81 -4.71 8.54
CA GLY A 56 -9.21 -4.92 7.15
C GLY A 56 -10.12 -3.83 6.61
N LYS A 57 -10.47 -2.87 7.45
CA LYS A 57 -11.40 -1.82 7.06
C LYS A 57 -10.66 -0.61 6.47
N GLU A 58 -11.41 0.44 6.18
CA GLU A 58 -10.87 1.64 5.54
C GLU A 58 -9.65 2.18 6.28
N ALA A 59 -8.54 2.29 5.58
CA ALA A 59 -7.33 2.85 6.15
C ALA A 59 -7.32 4.37 6.02
N ALA A 60 -6.85 5.03 7.07
CA ALA A 60 -6.78 6.48 7.08
C ALA A 60 -5.36 6.97 6.86
N SER A 61 -4.40 6.19 7.32
CA SER A 61 -3.01 6.51 7.15
C SER A 61 -2.27 5.34 6.53
N PHE A 62 -1.24 5.64 5.74
CA PHE A 62 -0.58 4.63 4.93
C PHE A 62 0.92 4.61 5.24
N CYS A 63 1.49 3.42 5.46
CA CYS A 63 2.93 3.32 5.63
C CYS A 63 3.62 3.53 4.30
N GLU A 64 4.56 4.46 4.26
CA GLU A 64 5.24 4.80 3.02
C GLU A 64 6.50 3.97 2.84
N MET A 65 6.57 2.85 3.54
CA MET A 65 7.70 1.93 3.38
C MET A 65 7.23 0.50 3.10
N CYS A 66 5.93 0.26 3.23
CA CYS A 66 5.37 -1.07 3.02
C CYS A 66 3.86 -0.97 2.85
N PRO A 67 3.21 -2.05 2.37
CA PRO A 67 1.76 -2.05 2.11
C PRO A 67 0.91 -2.05 3.38
N SER A 68 1.53 -1.93 4.55
CA SER A 68 0.80 -1.92 5.81
C SER A 68 0.13 -0.56 6.06
N SER A 69 -1.16 -0.50 5.80
CA SER A 69 -1.93 0.70 6.06
C SER A 69 -2.83 0.46 7.28
N PHE A 70 -3.23 1.53 7.95
CA PHE A 70 -4.01 1.40 9.17
C PHE A 70 -5.16 2.41 9.22
N CYS A 71 -6.24 2.03 9.89
CA CYS A 71 -7.40 2.89 10.05
C CYS A 71 -7.13 3.93 11.13
N LYS A 72 -8.09 4.83 11.37
CA LYS A 72 -7.95 5.86 12.39
C LYS A 72 -7.59 5.26 13.75
N GLN A 73 -8.27 4.17 14.09
CA GLN A 73 -8.10 3.55 15.39
C GLN A 73 -6.76 2.83 15.49
N HIS A 74 -6.41 2.07 14.46
CA HIS A 74 -5.25 1.20 14.53
C HIS A 74 -3.99 1.86 13.95
N ARG A 75 -4.04 3.16 13.73
CA ARG A 75 -2.86 3.87 13.27
C ARG A 75 -2.10 4.45 14.45
N GLU A 76 -2.82 4.76 15.53
CA GLU A 76 -2.20 5.32 16.71
C GLU A 76 -1.31 4.28 17.38
N GLY A 77 -0.05 4.62 17.59
CA GLY A 77 0.89 3.70 18.19
C GLY A 77 1.41 2.67 17.21
N MET A 78 0.89 2.69 15.99
CA MET A 78 1.31 1.75 14.95
C MET A 78 2.05 2.45 13.82
N LEU A 79 1.61 3.64 13.45
CA LEU A 79 2.25 4.39 12.39
C LEU A 79 2.75 5.72 12.96
N PHE A 80 3.94 6.14 12.52
CA PHE A 80 4.55 7.38 12.98
C PHE A 80 5.42 7.98 11.88
N ILE A 81 5.80 9.24 12.05
CA ILE A 81 6.64 9.90 11.07
C ILE A 81 8.11 9.57 11.31
N SER A 82 8.79 9.14 10.27
CA SER A 82 10.21 8.87 10.32
C SER A 82 10.98 10.18 10.41
N LYS A 83 11.82 10.29 11.43
CA LYS A 83 12.63 11.48 11.61
C LYS A 83 13.76 11.50 10.59
N LEU A 84 13.92 10.39 9.88
CA LEU A 84 14.97 10.25 8.90
C LEU A 84 14.53 10.82 7.55
N ASP A 85 13.41 10.33 7.03
CA ASP A 85 12.98 10.71 5.68
C ASP A 85 11.62 11.40 5.67
N GLY A 86 10.99 11.51 6.83
CA GLY A 86 9.70 12.17 6.93
C GLY A 86 8.55 11.30 6.46
N ARG A 87 8.86 10.04 6.18
CA ARG A 87 7.86 9.08 5.73
C ARG A 87 7.08 8.53 6.89
N LEU A 88 5.81 8.22 6.64
CA LEU A 88 5.01 7.48 7.59
C LEU A 88 5.51 6.05 7.67
N SER A 89 6.09 5.69 8.80
CA SER A 89 6.69 4.38 8.97
C SER A 89 5.97 3.62 10.07
N CYS A 90 5.66 2.35 9.80
CA CYS A 90 4.95 1.52 10.76
C CYS A 90 5.91 0.91 11.77
N THR A 91 5.36 0.30 12.81
CA THR A 91 6.15 -0.31 13.86
C THR A 91 6.61 -1.71 13.48
N GLU A 92 6.58 -2.01 12.18
CA GLU A 92 7.06 -3.29 11.69
C GLU A 92 8.42 -3.13 11.02
N HIS A 93 9.02 -1.97 11.21
CA HIS A 93 10.28 -1.65 10.55
C HIS A 93 11.37 -1.37 11.58
N ASP A 94 11.78 -2.39 12.30
CA ASP A 94 12.87 -2.26 13.25
C ASP A 94 14.19 -2.59 12.57
#